data_1K9C
#
_entry.id   1K9C
#
_entity_poly.entity_id   1
_entity_poly.type   'polypeptide(L)'
_entity_poly.pdbx_seq_one_letter_code
;SKKIKDPDAAKPEDWDERAKIDDPTDSKPEDWDKPEHIPDPDAKKPEDWDEEMDGEWEPPVIQNPEYKGEWKPR
;
_entity_poly.pdbx_strand_id   A
#
# COMPACT_ATOMS: atom_id res chain seq x y z
N SER A 1 -5.07 -19.91 -40.85
CA SER A 1 -4.81 -18.56 -40.31
C SER A 1 -4.46 -18.67 -38.83
N LYS A 2 -3.85 -17.63 -38.25
CA LYS A 2 -3.61 -17.49 -36.80
C LYS A 2 -3.84 -16.01 -36.47
N LYS A 3 -3.64 -15.60 -35.22
CA LYS A 3 -3.29 -14.23 -34.89
C LYS A 3 -2.14 -14.28 -33.91
N ILE A 4 -1.42 -13.17 -33.81
CA ILE A 4 -0.30 -12.91 -32.94
C ILE A 4 -0.71 -11.64 -32.24
N LYS A 5 -1.57 -11.79 -31.24
CA LYS A 5 -2.06 -10.70 -30.42
C LYS A 5 -2.18 -11.25 -29.02
N ASP A 6 -1.14 -11.05 -28.23
CA ASP A 6 -0.96 -11.66 -26.92
C ASP A 6 0.04 -10.81 -26.14
N PRO A 7 -0.09 -10.74 -24.81
CA PRO A 7 0.68 -9.78 -24.01
C PRO A 7 2.02 -10.34 -23.49
N ASP A 8 2.29 -11.62 -23.75
CA ASP A 8 3.25 -12.48 -23.06
C ASP A 8 2.97 -12.53 -21.56
N ALA A 9 3.28 -11.47 -20.81
CA ALA A 9 3.47 -11.47 -19.37
C ALA A 9 2.42 -10.62 -18.64
N ALA A 10 1.17 -10.63 -19.15
CA ALA A 10 0.12 -9.65 -18.86
C ALA A 10 0.48 -8.27 -19.43
N LYS A 11 -0.43 -7.30 -19.29
CA LYS A 11 -0.34 -6.02 -19.99
C LYS A 11 -0.44 -4.87 -18.99
N PRO A 12 0.67 -4.44 -18.37
CA PRO A 12 0.70 -3.27 -17.50
C PRO A 12 0.49 -1.97 -18.32
N GLU A 13 -0.70 -1.83 -18.90
CA GLU A 13 -1.20 -0.66 -19.60
C GLU A 13 -2.73 -0.67 -19.56
N ASP A 14 -3.34 -1.81 -19.82
CA ASP A 14 -4.77 -1.89 -20.10
C ASP A 14 -5.26 -3.27 -19.71
N TRP A 15 -5.10 -3.58 -18.44
CA TRP A 15 -5.77 -4.72 -17.84
C TRP A 15 -6.58 -4.23 -16.66
N ASP A 16 -5.92 -3.49 -15.77
CA ASP A 16 -6.37 -3.08 -14.45
C ASP A 16 -7.04 -4.25 -13.77
N GLU A 17 -6.18 -5.18 -13.34
CA GLU A 17 -6.54 -6.47 -12.74
C GLU A 17 -7.35 -7.35 -13.72
N ARG A 18 -7.26 -7.03 -15.01
CA ARG A 18 -8.05 -7.57 -16.11
C ARG A 18 -9.55 -7.42 -15.84
N ALA A 19 -9.91 -6.33 -15.14
CA ALA A 19 -11.22 -6.01 -14.60
C ALA A 19 -11.64 -7.01 -13.52
N LYS A 20 -11.70 -6.54 -12.27
CA LYS A 20 -12.24 -7.29 -11.13
C LYS A 20 -13.43 -6.54 -10.55
N ILE A 21 -14.48 -7.26 -10.18
CA ILE A 21 -15.65 -6.75 -9.48
C ILE A 21 -15.88 -7.72 -8.33
N ASP A 22 -17.07 -8.31 -8.20
CA ASP A 22 -17.46 -9.00 -6.97
C ASP A 22 -17.27 -8.01 -5.81
N ASP A 23 -16.83 -8.49 -4.67
CA ASP A 23 -16.67 -7.79 -3.41
C ASP A 23 -15.90 -6.47 -3.58
N PRO A 24 -16.46 -5.33 -3.15
CA PRO A 24 -15.84 -4.01 -3.35
C PRO A 24 -14.62 -3.83 -2.45
N THR A 25 -14.85 -3.81 -1.14
CA THR A 25 -13.87 -3.73 -0.07
C THR A 25 -13.79 -5.05 0.69
N ASP A 26 -14.72 -5.97 0.42
CA ASP A 26 -15.03 -7.13 1.25
C ASP A 26 -14.01 -8.26 1.17
N SER A 27 -12.94 -8.01 0.42
CA SER A 27 -11.83 -8.86 0.14
C SER A 27 -10.70 -7.92 -0.29
N LYS A 28 -10.28 -7.05 0.63
CA LYS A 28 -9.22 -6.05 0.48
C LYS A 28 -9.70 -4.80 -0.29
N PRO A 29 -9.30 -3.59 0.14
CA PRO A 29 -9.45 -2.34 -0.58
C PRO A 29 -8.18 -2.00 -1.39
N GLU A 30 -8.25 -0.95 -2.20
CA GLU A 30 -7.18 -0.45 -3.06
C GLU A 30 -5.97 0.14 -2.29
N ASP A 31 -6.10 0.22 -0.97
CA ASP A 31 -5.19 0.94 -0.07
C ASP A 31 -4.51 -0.01 0.93
N TRP A 32 -5.09 -1.19 1.16
CA TRP A 32 -4.46 -2.25 1.96
C TRP A 32 -3.12 -2.65 1.37
N ASP A 33 -3.07 -2.70 0.04
CA ASP A 33 -1.99 -3.33 -0.70
C ASP A 33 -0.81 -2.38 -0.71
N LYS A 34 0.01 -2.48 0.32
CA LYS A 34 1.05 -1.51 0.63
C LYS A 34 2.13 -1.52 -0.44
N PRO A 35 2.88 -0.43 -0.58
CA PRO A 35 4.07 -0.44 -1.41
C PRO A 35 5.03 -1.49 -0.89
N GLU A 36 5.64 -2.23 -1.81
CA GLU A 36 6.84 -3.01 -1.59
C GLU A 36 7.95 -2.07 -1.11
N HIS A 37 8.21 -1.00 -1.86
CA HIS A 37 9.19 0.03 -1.50
C HIS A 37 8.49 1.20 -0.81
N ILE A 38 8.82 1.44 0.47
CA ILE A 38 8.31 2.57 1.24
C ILE A 38 9.44 3.53 1.60
N PRO A 39 9.18 4.83 1.77
CA PRO A 39 10.20 5.78 2.16
C PRO A 39 10.60 5.51 3.60
N ASP A 40 11.90 5.64 3.89
CA ASP A 40 12.56 5.30 5.15
C ASP A 40 11.83 5.95 6.33
N PRO A 41 11.16 5.15 7.18
CA PRO A 41 10.45 5.65 8.34
C PRO A 41 11.32 5.80 9.59
N ASP A 42 12.59 5.38 9.56
CA ASP A 42 13.55 5.69 10.62
C ASP A 42 14.05 7.11 10.38
N ALA A 43 14.48 7.42 9.15
CA ALA A 43 14.96 8.75 8.81
C ALA A 43 13.79 9.72 8.78
N LYS A 44 14.06 11.01 8.98
CA LYS A 44 13.01 12.02 9.08
C LYS A 44 13.49 13.44 8.79
N LYS A 45 14.44 13.58 7.87
CA LYS A 45 15.26 14.75 7.58
C LYS A 45 16.11 15.10 8.80
N PRO A 46 17.45 15.08 8.66
CA PRO A 46 18.33 15.40 9.76
C PRO A 46 18.05 16.82 10.26
N GLU A 47 18.25 17.05 11.55
CA GLU A 47 18.34 18.37 12.13
C GLU A 47 19.48 19.15 11.48
N ASP A 48 20.50 18.42 11.00
CA ASP A 48 21.69 18.85 10.30
C ASP A 48 21.43 19.12 8.81
N TRP A 49 20.20 18.91 8.30
CA TRP A 49 19.96 19.11 6.88
C TRP A 49 19.90 20.60 6.55
N ASP A 50 20.41 20.95 5.38
CA ASP A 50 20.38 22.29 4.84
C ASP A 50 20.01 22.23 3.37
N GLU A 51 18.86 22.81 3.05
CA GLU A 51 18.34 22.87 1.71
C GLU A 51 19.06 23.91 0.86
N GLU A 52 19.89 24.74 1.48
CA GLU A 52 20.73 25.73 0.80
C GLU A 52 22.15 25.20 0.63
N MET A 53 22.45 24.04 1.24
CA MET A 53 23.69 23.30 1.05
C MET A 53 23.51 22.30 -0.10
N ASP A 54 22.45 21.49 -0.05
CA ASP A 54 22.31 20.34 -0.95
C ASP A 54 21.00 20.33 -1.73
N GLY A 55 20.00 21.10 -1.29
CA GLY A 55 18.64 21.04 -1.84
C GLY A 55 17.70 20.30 -0.89
N GLU A 56 16.43 20.13 -1.27
CA GLU A 56 15.42 19.44 -0.48
C GLU A 56 15.88 18.01 -0.15
N TRP A 57 15.59 17.55 1.06
CA TRP A 57 15.81 16.18 1.48
C TRP A 57 14.75 15.26 0.87
N GLU A 58 15.15 14.09 0.40
CA GLU A 58 14.29 12.92 0.28
C GLU A 58 14.88 11.83 1.17
N PRO A 59 14.03 10.98 1.77
CA PRO A 59 14.45 9.69 2.28
C PRO A 59 14.83 8.74 1.13
N PRO A 60 15.61 7.69 1.41
CA PRO A 60 15.68 6.54 0.52
C PRO A 60 14.34 5.80 0.56
N VAL A 61 13.94 5.17 -0.54
CA VAL A 61 12.94 4.13 -0.51
C VAL A 61 13.65 2.86 -0.07
N ILE A 62 13.12 2.15 0.92
CA ILE A 62 13.62 0.87 1.40
C ILE A 62 12.49 -0.15 1.25
N GLN A 63 12.79 -1.43 1.46
CA GLN A 63 11.73 -2.43 1.48
C GLN A 63 10.89 -2.28 2.74
N ASN A 64 9.58 -2.43 2.56
CA ASN A 64 8.58 -2.48 3.61
C ASN A 64 8.83 -3.73 4.45
N PRO A 65 9.19 -3.64 5.75
CA PRO A 65 9.41 -4.84 6.54
C PRO A 65 8.08 -5.54 6.83
N GLU A 66 6.96 -4.82 6.79
CA GLU A 66 5.69 -5.26 7.35
C GLU A 66 4.68 -5.65 6.29
N TYR A 67 4.67 -5.03 5.08
CA TYR A 67 3.98 -5.46 3.85
C TYR A 67 2.80 -6.39 4.13
N LYS A 68 1.58 -5.82 4.30
CA LYS A 68 0.41 -6.57 4.75
C LYS A 68 0.27 -7.84 3.93
N GLY A 69 0.42 -7.72 2.62
CA GLY A 69 0.36 -8.87 1.74
C GLY A 69 -1.02 -9.43 1.82
N GLU A 70 -1.13 -10.71 2.18
CA GLU A 70 -2.34 -11.43 1.93
C GLU A 70 -3.48 -10.87 2.78
N TRP A 71 -4.44 -10.20 2.16
CA TRP A 71 -5.66 -9.81 2.84
C TRP A 71 -6.43 -11.06 3.23
N LYS A 72 -7.03 -11.02 4.41
CA LYS A 72 -7.86 -12.08 4.97
C LYS A 72 -8.89 -11.43 5.87
N PRO A 73 -10.04 -12.07 6.14
CA PRO A 73 -11.07 -11.54 7.01
C PRO A 73 -10.66 -11.67 8.49
N ARG A 74 -9.95 -10.67 9.02
CA ARG A 74 -9.50 -10.64 10.39
C ARG A 74 -9.20 -9.19 10.76
N SER A 1 -3.47 -35.98 -9.63
CA SER A 1 -2.39 -36.51 -10.47
C SER A 1 -2.75 -36.35 -11.93
N LYS A 2 -1.82 -35.77 -12.72
CA LYS A 2 -1.86 -35.45 -14.14
C LYS A 2 -2.70 -34.21 -14.45
N LYS A 3 -2.37 -33.61 -15.59
CA LYS A 3 -3.08 -32.46 -16.16
C LYS A 3 -4.36 -32.93 -16.85
N ILE A 4 -5.00 -32.02 -17.60
CA ILE A 4 -6.42 -31.93 -17.87
C ILE A 4 -7.07 -31.86 -16.48
N LYS A 5 -6.77 -30.74 -15.83
CA LYS A 5 -7.27 -30.39 -14.51
C LYS A 5 -7.93 -29.03 -14.60
N ASP A 6 -9.24 -29.03 -14.77
CA ASP A 6 -10.04 -27.81 -14.85
C ASP A 6 -9.97 -27.07 -13.51
N PRO A 7 -10.13 -25.73 -13.52
CA PRO A 7 -10.03 -24.89 -12.33
C PRO A 7 -11.18 -25.12 -11.35
N ASP A 8 -12.29 -24.46 -11.60
CA ASP A 8 -13.60 -24.66 -10.96
C ASP A 8 -13.54 -24.46 -9.44
N ALA A 9 -12.58 -23.68 -8.97
CA ALA A 9 -12.10 -23.56 -7.59
C ALA A 9 -11.72 -24.89 -6.91
N ALA A 10 -11.67 -26.00 -7.63
CA ALA A 10 -11.32 -27.32 -7.13
C ALA A 10 -10.41 -27.99 -8.15
N LYS A 11 -9.13 -27.59 -8.17
CA LYS A 11 -8.11 -28.18 -9.04
C LYS A 11 -7.09 -28.99 -8.24
N PRO A 12 -7.45 -30.19 -7.74
CA PRO A 12 -6.51 -31.13 -7.15
C PRO A 12 -5.53 -31.66 -8.20
N GLU A 13 -4.53 -30.82 -8.47
CA GLU A 13 -3.27 -31.07 -9.14
C GLU A 13 -2.30 -29.99 -8.64
N ASP A 14 -2.76 -28.73 -8.64
CA ASP A 14 -1.90 -27.55 -8.52
C ASP A 14 -2.43 -26.49 -7.56
N TRP A 15 -3.68 -26.63 -7.05
CA TRP A 15 -4.21 -25.66 -6.08
C TRP A 15 -3.46 -25.66 -4.76
N ASP A 16 -2.93 -26.81 -4.36
CA ASP A 16 -2.29 -27.06 -3.08
C ASP A 16 -3.14 -26.59 -1.89
N GLU A 17 -4.46 -26.59 -2.09
CA GLU A 17 -5.50 -26.12 -1.17
C GLU A 17 -5.35 -24.63 -0.80
N ARG A 18 -4.47 -23.91 -1.48
CA ARG A 18 -4.14 -22.52 -1.20
C ARG A 18 -4.15 -21.62 -2.42
N ALA A 19 -4.55 -22.17 -3.56
CA ALA A 19 -4.62 -21.46 -4.84
C ALA A 19 -5.95 -21.77 -5.52
N LYS A 20 -7.03 -21.20 -4.97
CA LYS A 20 -8.38 -21.33 -5.52
C LYS A 20 -9.21 -20.06 -5.34
N ILE A 21 -8.55 -18.90 -5.36
CA ILE A 21 -9.09 -17.59 -5.03
C ILE A 21 -10.48 -17.35 -5.60
N ASP A 22 -10.57 -16.82 -6.81
CA ASP A 22 -11.76 -16.57 -7.62
C ASP A 22 -12.98 -16.21 -6.76
N ASP A 23 -12.95 -15.01 -6.22
CA ASP A 23 -13.80 -14.58 -5.10
C ASP A 23 -14.20 -13.11 -5.32
N PRO A 24 -15.44 -12.72 -4.99
CA PRO A 24 -16.10 -11.65 -5.73
C PRO A 24 -15.92 -10.25 -5.13
N THR A 25 -15.67 -10.15 -3.82
CA THR A 25 -15.16 -8.97 -3.13
C THR A 25 -14.19 -9.47 -2.04
N ASP A 26 -13.63 -10.66 -2.23
CA ASP A 26 -12.99 -11.47 -1.20
C ASP A 26 -11.59 -11.83 -1.70
N SER A 27 -10.95 -10.84 -2.30
CA SER A 27 -9.62 -10.90 -2.88
C SER A 27 -9.14 -9.46 -2.97
N LYS A 28 -8.58 -9.00 -1.86
CA LYS A 28 -7.93 -7.70 -1.68
C LYS A 28 -8.91 -6.53 -1.85
N PRO A 29 -9.49 -6.05 -0.74
CA PRO A 29 -10.19 -4.79 -0.75
C PRO A 29 -9.18 -3.66 -0.92
N GLU A 30 -9.68 -2.46 -1.20
CA GLU A 30 -8.94 -1.25 -1.60
C GLU A 30 -8.01 -0.71 -0.50
N ASP A 31 -7.97 -1.37 0.65
CA ASP A 31 -7.21 -0.91 1.80
C ASP A 31 -6.24 -1.98 2.33
N TRP A 32 -6.30 -3.23 1.82
CA TRP A 32 -5.24 -4.20 2.10
C TRP A 32 -4.00 -3.83 1.27
N ASP A 33 -4.24 -3.43 0.02
CA ASP A 33 -3.24 -3.05 -0.96
C ASP A 33 -2.58 -1.76 -0.51
N LYS A 34 -1.51 -1.89 0.26
CA LYS A 34 -0.71 -0.78 0.77
C LYS A 34 0.60 -0.70 0.01
N PRO A 35 1.14 0.51 -0.20
CA PRO A 35 2.28 0.72 -1.06
C PRO A 35 3.51 0.05 -0.47
N GLU A 36 4.21 -0.73 -1.28
CA GLU A 36 5.27 -1.61 -0.78
C GLU A 36 6.48 -0.76 -0.41
N HIS A 37 6.90 0.18 -1.27
CA HIS A 37 7.93 1.16 -0.98
C HIS A 37 7.26 2.35 -0.30
N ILE A 38 7.60 2.62 0.96
CA ILE A 38 7.14 3.76 1.75
C ILE A 38 8.32 4.70 2.05
N PRO A 39 8.10 6.02 2.17
CA PRO A 39 9.18 6.96 2.45
C PRO A 39 9.62 6.78 3.91
N ASP A 40 10.93 6.75 4.13
CA ASP A 40 11.60 6.33 5.36
C ASP A 40 11.10 7.08 6.60
N PRO A 41 10.26 6.46 7.44
CA PRO A 41 9.78 7.08 8.65
C PRO A 41 10.84 7.10 9.77
N ASP A 42 12.00 6.44 9.62
CA ASP A 42 13.09 6.54 10.57
C ASP A 42 13.75 7.92 10.49
N ALA A 43 13.78 8.50 9.29
CA ALA A 43 14.49 9.72 8.99
C ALA A 43 13.53 10.91 8.93
N LYS A 44 14.05 12.15 9.00
CA LYS A 44 13.23 13.37 8.94
C LYS A 44 14.00 14.61 8.49
N LYS A 45 14.96 14.44 7.58
CA LYS A 45 16.01 15.37 7.20
C LYS A 45 16.93 15.61 8.40
N PRO A 46 18.22 15.26 8.31
CA PRO A 46 19.12 15.35 9.44
C PRO A 46 19.28 16.79 9.94
N GLU A 47 19.65 16.91 11.21
CA GLU A 47 20.13 18.16 11.81
C GLU A 47 21.49 18.54 11.22
N ASP A 48 22.19 17.59 10.59
CA ASP A 48 23.40 17.74 9.79
C ASP A 48 23.10 17.68 8.28
N TRP A 49 21.88 17.96 7.84
CA TRP A 49 21.61 18.28 6.43
C TRP A 49 21.95 19.73 6.14
N ASP A 50 22.54 19.98 4.98
CA ASP A 50 22.86 21.31 4.47
C ASP A 50 22.15 21.48 3.13
N GLU A 51 21.14 22.35 3.12
CA GLU A 51 20.21 22.55 2.02
C GLU A 51 20.66 23.67 1.08
N GLU A 52 21.73 24.39 1.42
CA GLU A 52 22.46 25.22 0.45
C GLU A 52 23.58 24.39 -0.20
N MET A 53 23.99 23.27 0.41
CA MET A 53 25.07 22.43 -0.12
C MET A 53 24.52 21.36 -1.07
N ASP A 54 23.53 20.57 -0.63
CA ASP A 54 23.05 19.39 -1.38
C ASP A 54 21.63 19.60 -1.93
N GLY A 55 21.00 20.73 -1.60
CA GLY A 55 19.65 21.08 -1.97
C GLY A 55 18.64 20.40 -1.05
N GLU A 56 17.37 20.43 -1.43
CA GLU A 56 16.30 19.87 -0.62
C GLU A 56 16.49 18.36 -0.48
N TRP A 57 16.30 17.87 0.75
CA TRP A 57 16.37 16.47 1.14
C TRP A 57 15.17 15.68 0.63
N GLU A 58 15.39 14.40 0.35
CA GLU A 58 14.37 13.39 0.18
C GLU A 58 14.77 12.16 0.97
N PRO A 59 13.86 11.53 1.73
CA PRO A 59 14.15 10.26 2.35
C PRO A 59 14.40 9.17 1.29
N PRO A 60 15.06 8.07 1.66
CA PRO A 60 14.98 6.84 0.91
C PRO A 60 13.57 6.25 1.02
N VAL A 61 13.29 5.24 0.21
CA VAL A 61 11.99 4.58 0.18
C VAL A 61 12.23 3.12 0.53
N ILE A 62 11.77 2.72 1.70
CA ILE A 62 12.06 1.43 2.30
C ILE A 62 10.88 0.51 2.07
N GLN A 63 11.07 -0.80 2.22
CA GLN A 63 9.97 -1.73 2.15
C GLN A 63 9.19 -1.58 3.47
N ASN A 64 7.88 -1.34 3.36
CA ASN A 64 6.93 -1.35 4.46
C ASN A 64 7.21 -2.57 5.36
N PRO A 65 7.44 -2.42 6.68
CA PRO A 65 7.74 -3.54 7.59
C PRO A 65 6.48 -4.38 7.90
N GLU A 66 5.69 -4.68 6.87
CA GLU A 66 4.60 -5.61 6.75
C GLU A 66 4.31 -5.79 5.26
N TYR A 67 3.69 -4.79 4.64
CA TYR A 67 3.02 -4.85 3.33
C TYR A 67 2.02 -6.03 3.15
N LYS A 68 1.67 -6.68 4.24
CA LYS A 68 0.90 -7.89 4.41
C LYS A 68 1.17 -8.86 3.27
N GLY A 69 2.33 -9.53 3.36
CA GLY A 69 2.93 -10.44 2.38
C GLY A 69 1.91 -11.04 1.44
N GLU A 70 1.03 -11.89 1.97
CA GLU A 70 -0.03 -12.56 1.26
C GLU A 70 -1.36 -12.13 1.84
N TRP A 71 -2.31 -11.80 0.96
CA TRP A 71 -3.68 -11.51 1.34
C TRP A 71 -4.35 -12.75 1.92
N LYS A 72 -5.23 -12.53 2.89
CA LYS A 72 -6.06 -13.56 3.51
C LYS A 72 -7.41 -12.93 3.88
N PRO A 73 -8.49 -13.73 4.00
CA PRO A 73 -9.82 -13.24 4.38
C PRO A 73 -9.92 -13.07 5.90
N ARG A 74 -8.95 -12.42 6.56
CA ARG A 74 -8.94 -12.22 8.00
C ARG A 74 -7.98 -11.11 8.32
N SER A 1 -2.59 -11.45 -38.51
CA SER A 1 -1.27 -10.88 -38.81
C SER A 1 -1.19 -9.47 -38.26
N LYS A 2 -0.42 -9.26 -37.20
CA LYS A 2 -0.02 -7.97 -36.60
C LYS A 2 0.99 -8.34 -35.51
N LYS A 3 1.88 -7.41 -35.17
CA LYS A 3 2.82 -7.59 -34.07
C LYS A 3 2.06 -7.66 -32.74
N ILE A 4 2.78 -7.94 -31.65
CA ILE A 4 2.21 -8.18 -30.33
C ILE A 4 1.73 -6.87 -29.67
N LYS A 5 1.80 -5.75 -30.38
CA LYS A 5 1.39 -4.43 -29.91
C LYS A 5 2.36 -3.96 -28.82
N ASP A 6 1.98 -2.96 -28.02
CA ASP A 6 2.83 -2.40 -26.96
C ASP A 6 2.64 -3.30 -25.73
N PRO A 7 3.71 -3.81 -25.09
CA PRO A 7 3.57 -4.60 -23.88
C PRO A 7 3.15 -3.76 -22.68
N ASP A 8 3.31 -2.45 -22.77
CA ASP A 8 2.89 -1.44 -21.81
C ASP A 8 1.37 -1.42 -21.81
N ALA A 9 0.83 -2.29 -20.98
CA ALA A 9 -0.58 -2.45 -20.67
C ALA A 9 -1.49 -2.78 -21.87
N ALA A 10 -0.97 -3.33 -22.96
CA ALA A 10 -1.78 -3.70 -24.13
C ALA A 10 -1.34 -5.07 -24.70
N LYS A 11 -1.42 -6.14 -23.90
CA LYS A 11 -0.89 -7.48 -24.21
C LYS A 11 -1.98 -8.55 -24.34
N PRO A 12 -2.70 -8.60 -25.48
CA PRO A 12 -3.72 -9.60 -25.74
C PRO A 12 -3.09 -10.97 -26.03
N GLU A 13 -2.59 -11.59 -24.97
CA GLU A 13 -2.04 -12.92 -24.91
C GLU A 13 -2.14 -13.37 -23.45
N ASP A 14 -1.64 -12.55 -22.52
CA ASP A 14 -1.42 -12.89 -21.11
C ASP A 14 -1.68 -11.67 -20.21
N TRP A 15 -2.57 -10.75 -20.61
CA TRP A 15 -3.07 -9.74 -19.67
C TRP A 15 -4.17 -10.33 -18.80
N ASP A 16 -5.06 -11.12 -19.40
CA ASP A 16 -6.33 -11.59 -18.87
C ASP A 16 -7.08 -10.42 -18.28
N GLU A 17 -7.41 -9.49 -19.17
CA GLU A 17 -7.96 -8.15 -18.91
C GLU A 17 -7.16 -7.32 -17.88
N ARG A 18 -5.92 -7.73 -17.63
CA ARG A 18 -4.90 -7.20 -16.75
C ARG A 18 -5.04 -7.76 -15.33
N ALA A 19 -5.62 -8.95 -15.20
CA ALA A 19 -5.91 -9.63 -13.95
C ALA A 19 -6.72 -8.71 -13.04
N LYS A 20 -7.84 -8.19 -13.54
CA LYS A 20 -8.77 -7.39 -12.77
C LYS A 20 -9.63 -8.31 -11.94
N ILE A 21 -9.55 -8.27 -10.60
CA ILE A 21 -10.47 -8.98 -9.76
C ILE A 21 -11.86 -8.35 -9.78
N ASP A 22 -11.93 -7.05 -10.09
CA ASP A 22 -13.10 -6.23 -10.37
C ASP A 22 -14.35 -6.64 -9.57
N ASP A 23 -14.28 -6.31 -8.31
CA ASP A 23 -15.27 -6.52 -7.24
C ASP A 23 -15.20 -5.34 -6.26
N PRO A 24 -16.09 -5.23 -5.25
CA PRO A 24 -16.03 -4.16 -4.27
C PRO A 24 -14.88 -4.42 -3.30
N THR A 25 -15.10 -5.33 -2.34
CA THR A 25 -14.19 -5.70 -1.27
C THR A 25 -14.06 -7.23 -1.19
N ASP A 26 -14.65 -7.94 -2.16
CA ASP A 26 -14.67 -9.40 -2.25
C ASP A 26 -13.31 -9.95 -2.70
N SER A 27 -12.35 -9.08 -2.97
CA SER A 27 -10.95 -9.38 -3.16
C SER A 27 -10.24 -8.07 -2.83
N LYS A 28 -9.71 -7.99 -1.60
CA LYS A 28 -8.91 -6.89 -1.06
C LYS A 28 -9.77 -5.76 -0.49
N PRO A 29 -9.83 -5.60 0.84
CA PRO A 29 -10.45 -4.43 1.42
C PRO A 29 -9.58 -3.21 1.25
N GLU A 30 -10.19 -2.03 1.43
CA GLU A 30 -9.62 -0.73 1.09
C GLU A 30 -8.56 -0.25 2.10
N ASP A 31 -8.18 -1.10 3.06
CA ASP A 31 -7.10 -0.81 4.01
C ASP A 31 -5.91 -1.74 3.79
N TRP A 32 -5.99 -2.66 2.83
CA TRP A 32 -5.06 -3.77 2.73
C TRP A 32 -3.97 -3.56 1.69
N ASP A 33 -4.25 -2.86 0.58
CA ASP A 33 -3.31 -2.81 -0.54
C ASP A 33 -2.23 -1.78 -0.23
N LYS A 34 -1.19 -2.24 0.49
CA LYS A 34 -0.14 -1.39 1.02
C LYS A 34 0.99 -1.23 0.01
N PRO A 35 1.67 -0.07 0.03
CA PRO A 35 2.80 0.16 -0.85
C PRO A 35 3.98 -0.69 -0.38
N GLU A 36 4.61 -1.33 -1.36
CA GLU A 36 5.86 -2.08 -1.26
C GLU A 36 6.98 -1.18 -0.72
N HIS A 37 7.16 -0.03 -1.37
CA HIS A 37 8.10 1.01 -1.02
C HIS A 37 7.45 1.91 0.02
N ILE A 38 8.08 2.07 1.19
CA ILE A 38 7.75 3.13 2.14
C ILE A 38 8.99 3.99 2.42
N PRO A 39 8.88 5.32 2.42
CA PRO A 39 10.01 6.17 2.73
C PRO A 39 10.35 6.02 4.21
N ASP A 40 11.64 5.82 4.50
CA ASP A 40 12.24 5.42 5.76
C ASP A 40 11.61 6.08 7.00
N PRO A 41 10.73 5.40 7.76
CA PRO A 41 10.15 5.97 8.98
C PRO A 41 11.17 6.07 10.12
N ASP A 42 12.42 5.69 9.91
CA ASP A 42 13.50 6.01 10.81
C ASP A 42 13.87 7.48 10.61
N ALA A 43 14.32 7.84 9.41
CA ALA A 43 14.88 9.14 9.11
C ALA A 43 13.81 10.19 8.92
N LYS A 44 14.17 11.45 9.12
CA LYS A 44 13.22 12.55 9.05
C LYS A 44 13.90 13.91 8.85
N LYS A 45 14.91 13.97 7.99
CA LYS A 45 15.80 15.10 7.77
C LYS A 45 16.65 15.34 9.03
N PRO A 46 17.99 15.26 8.92
CA PRO A 46 18.86 15.68 9.98
C PRO A 46 18.58 17.15 10.31
N GLU A 47 18.82 17.52 11.57
CA GLU A 47 18.86 18.92 12.00
C GLU A 47 20.07 19.62 11.37
N ASP A 48 21.03 18.82 10.88
CA ASP A 48 22.30 19.19 10.28
C ASP A 48 22.35 18.92 8.76
N TRP A 49 21.19 18.79 8.10
CA TRP A 49 21.11 18.93 6.64
C TRP A 49 21.25 20.40 6.26
N ASP A 50 21.71 20.67 5.04
CA ASP A 50 21.81 22.02 4.50
C ASP A 50 21.29 22.03 3.07
N GLU A 51 20.10 22.60 2.88
CA GLU A 51 19.37 22.61 1.61
C GLU A 51 19.91 23.64 0.62
N GLU A 52 20.91 24.43 1.01
CA GLU A 52 21.57 25.42 0.17
C GLU A 52 23.06 25.07 -0.01
N MET A 53 23.48 23.92 0.54
CA MET A 53 24.76 23.29 0.32
C MET A 53 24.57 22.03 -0.51
N ASP A 54 23.82 21.08 0.03
CA ASP A 54 23.54 19.80 -0.60
C ASP A 54 22.44 20.00 -1.64
N GLY A 55 21.36 20.68 -1.25
CA GLY A 55 20.13 20.82 -2.03
C GLY A 55 18.95 20.16 -1.31
N GLU A 56 17.80 20.03 -1.97
CA GLU A 56 16.65 19.33 -1.38
C GLU A 56 17.03 17.88 -1.08
N TRP A 57 16.64 17.42 0.11
CA TRP A 57 16.73 16.03 0.53
C TRP A 57 15.64 15.18 -0.11
N GLU A 58 15.94 13.91 -0.31
CA GLU A 58 14.96 12.85 -0.52
C GLU A 58 15.30 11.79 0.52
N PRO A 59 14.34 11.34 1.32
CA PRO A 59 14.52 10.14 2.11
C PRO A 59 14.65 8.95 1.16
N PRO A 60 15.44 7.93 1.50
CA PRO A 60 15.36 6.67 0.79
C PRO A 60 14.05 5.99 1.13
N VAL A 61 13.67 4.99 0.33
CA VAL A 61 12.65 4.06 0.73
C VAL A 61 13.31 2.73 1.03
N ILE A 62 12.75 2.06 2.03
CA ILE A 62 13.11 0.74 2.48
C ILE A 62 11.89 -0.16 2.25
N GLN A 63 12.10 -1.46 2.20
CA GLN A 63 11.01 -2.39 1.96
C GLN A 63 10.10 -2.36 3.19
N ASN A 64 8.83 -2.03 2.97
CA ASN A 64 7.76 -2.03 3.96
C ASN A 64 7.81 -3.30 4.83
N PRO A 65 8.25 -3.20 6.10
CA PRO A 65 8.51 -4.37 6.93
C PRO A 65 7.21 -5.05 7.36
N GLU A 66 6.07 -4.34 7.32
CA GLU A 66 4.77 -4.88 7.61
C GLU A 66 4.31 -5.66 6.37
N TYR A 67 4.05 -4.93 5.28
CA TYR A 67 3.55 -5.33 3.96
C TYR A 67 2.77 -6.63 4.01
N LYS A 68 1.43 -6.53 4.14
CA LYS A 68 0.55 -7.71 4.20
C LYS A 68 0.79 -8.63 3.00
N GLY A 69 1.24 -8.05 1.87
CA GLY A 69 2.04 -8.75 0.89
C GLY A 69 1.12 -9.32 -0.16
N GLU A 70 0.40 -10.36 0.20
CA GLU A 70 -0.68 -10.94 -0.54
C GLU A 70 -2.00 -10.51 0.10
N TRP A 71 -3.14 -10.78 -0.54
CA TRP A 71 -4.45 -10.84 0.08
C TRP A 71 -5.04 -12.21 -0.13
N LYS A 72 -5.94 -12.62 0.77
CA LYS A 72 -6.66 -13.88 0.72
C LYS A 72 -8.02 -13.66 1.39
N PRO A 73 -9.06 -14.44 1.06
CA PRO A 73 -10.39 -14.35 1.65
C PRO A 73 -10.43 -15.07 3.01
N ARG A 74 -9.47 -14.76 3.88
CA ARG A 74 -9.18 -15.46 5.11
C ARG A 74 -8.17 -14.60 5.83
N SER A 1 -22.12 6.38 -28.67
CA SER A 1 -21.92 5.35 -27.64
C SER A 1 -20.42 5.22 -27.34
N LYS A 2 -20.03 5.24 -26.07
CA LYS A 2 -18.76 4.66 -25.64
C LYS A 2 -18.88 4.20 -24.19
N LYS A 3 -18.04 3.24 -23.78
CA LYS A 3 -17.93 2.78 -22.39
C LYS A 3 -17.02 3.77 -21.65
N ILE A 4 -16.33 3.29 -20.61
CA ILE A 4 -15.53 4.06 -19.66
C ILE A 4 -16.40 5.10 -18.92
N LYS A 5 -17.73 4.98 -18.99
CA LYS A 5 -18.67 5.93 -18.38
C LYS A 5 -18.32 6.07 -16.90
N ASP A 6 -18.11 7.31 -16.46
CA ASP A 6 -17.97 7.73 -15.07
C ASP A 6 -19.16 7.22 -14.23
N PRO A 7 -19.00 7.03 -12.91
CA PRO A 7 -20.10 6.69 -12.02
C PRO A 7 -20.89 7.91 -11.53
N ASP A 8 -20.54 9.14 -11.93
CA ASP A 8 -20.61 10.37 -11.13
C ASP A 8 -19.94 10.14 -9.77
N ALA A 9 -20.71 9.52 -8.88
CA ALA A 9 -20.41 9.11 -7.52
C ALA A 9 -21.48 8.13 -6.99
N ALA A 10 -22.27 7.53 -7.88
CA ALA A 10 -23.41 6.66 -7.56
C ALA A 10 -23.72 5.71 -8.73
N LYS A 11 -22.66 5.18 -9.34
CA LYS A 11 -22.50 4.32 -10.51
C LYS A 11 -23.25 4.78 -11.77
N PRO A 12 -22.81 4.36 -12.97
CA PRO A 12 -23.56 4.64 -14.18
C PRO A 12 -24.70 3.61 -14.31
N GLU A 13 -25.40 3.31 -13.20
CA GLU A 13 -26.51 2.36 -13.00
C GLU A 13 -26.33 0.99 -13.68
N ASP A 14 -25.06 0.68 -13.90
CA ASP A 14 -24.61 -0.15 -15.02
C ASP A 14 -24.42 -1.58 -14.56
N TRP A 15 -23.84 -1.66 -13.38
CA TRP A 15 -23.51 -2.84 -12.62
C TRP A 15 -24.50 -3.03 -11.46
N ASP A 16 -25.32 -2.00 -11.23
CA ASP A 16 -26.05 -1.68 -10.02
C ASP A 16 -25.39 -2.27 -8.79
N GLU A 17 -24.28 -1.63 -8.39
CA GLU A 17 -23.54 -1.91 -7.17
C GLU A 17 -22.84 -3.28 -7.16
N ARG A 18 -22.91 -3.99 -8.28
CA ARG A 18 -22.50 -5.36 -8.49
C ARG A 18 -23.25 -6.24 -7.49
N ALA A 19 -24.56 -6.00 -7.43
CA ALA A 19 -25.51 -6.52 -6.46
C ALA A 19 -25.18 -5.96 -5.07
N LYS A 20 -25.31 -6.80 -4.05
CA LYS A 20 -25.05 -6.58 -2.62
C LYS A 20 -25.90 -5.48 -1.97
N ILE A 21 -26.03 -5.58 -0.65
CA ILE A 21 -27.05 -4.99 0.16
C ILE A 21 -26.53 -4.97 1.60
N ASP A 22 -25.96 -3.85 2.04
CA ASP A 22 -25.59 -3.58 3.43
C ASP A 22 -24.57 -4.61 3.93
N ASP A 23 -23.68 -4.99 3.02
CA ASP A 23 -22.81 -6.14 3.11
C ASP A 23 -21.34 -5.75 3.33
N PRO A 24 -20.51 -6.68 3.80
CA PRO A 24 -19.13 -6.39 4.16
C PRO A 24 -18.25 -6.14 2.93
N THR A 25 -18.44 -6.93 1.87
CA THR A 25 -17.65 -6.94 0.63
C THR A 25 -16.15 -6.65 0.91
N ASP A 26 -15.59 -7.32 1.93
CA ASP A 26 -14.28 -7.05 2.53
C ASP A 26 -13.16 -7.67 1.67
N SER A 27 -13.34 -7.67 0.35
CA SER A 27 -12.43 -8.09 -0.68
C SER A 27 -11.35 -7.02 -0.89
N LYS A 28 -10.28 -7.07 -0.10
CA LYS A 28 -9.12 -6.19 -0.23
C LYS A 28 -9.46 -4.72 0.04
N PRO A 29 -9.33 -4.26 1.29
CA PRO A 29 -9.66 -2.90 1.66
C PRO A 29 -8.64 -1.91 1.07
N GLU A 30 -8.98 -0.63 1.05
CA GLU A 30 -8.19 0.43 0.40
C GLU A 30 -6.87 0.72 1.12
N ASP A 31 -6.63 0.05 2.24
CA ASP A 31 -5.43 0.24 3.05
C ASP A 31 -4.69 -1.08 3.26
N TRP A 32 -5.16 -2.20 2.69
CA TRP A 32 -4.39 -3.44 2.75
C TRP A 32 -3.15 -3.30 1.90
N ASP A 33 -3.33 -2.88 0.64
CA ASP A 33 -2.38 -2.96 -0.48
C ASP A 33 -1.14 -2.10 -0.25
N LYS A 34 -0.34 -2.52 0.73
CA LYS A 34 0.73 -1.68 1.18
C LYS A 34 1.86 -1.74 0.17
N PRO A 35 2.44 -0.58 -0.15
CA PRO A 35 3.59 -0.54 -1.00
C PRO A 35 4.68 -1.41 -0.40
N GLU A 36 5.36 -2.12 -1.28
CA GLU A 36 6.52 -2.93 -0.95
C GLU A 36 7.64 -1.99 -0.51
N HIS A 37 7.82 -0.90 -1.26
CA HIS A 37 8.81 0.14 -0.99
C HIS A 37 8.09 1.38 -0.47
N ILE A 38 8.34 1.70 0.79
CA ILE A 38 7.80 2.89 1.46
C ILE A 38 8.93 3.88 1.72
N PRO A 39 8.67 5.18 1.79
CA PRO A 39 9.69 6.14 2.19
C PRO A 39 9.97 5.91 3.67
N ASP A 40 11.25 5.92 4.06
CA ASP A 40 11.72 5.65 5.41
C ASP A 40 10.99 6.55 6.40
N PRO A 41 10.16 6.00 7.29
CA PRO A 41 9.38 6.80 8.21
C PRO A 41 10.20 7.26 9.42
N ASP A 42 11.34 6.62 9.68
CA ASP A 42 12.19 6.88 10.83
C ASP A 42 13.13 8.04 10.53
N ALA A 43 13.64 8.10 9.29
CA ALA A 43 14.45 9.21 8.84
C ALA A 43 13.52 10.40 8.60
N LYS A 44 13.89 11.60 9.06
CA LYS A 44 12.97 12.75 9.09
C LYS A 44 13.60 14.07 8.65
N LYS A 45 14.53 14.01 7.69
CA LYS A 45 15.48 15.05 7.32
C LYS A 45 16.33 15.40 8.54
N PRO A 46 17.66 15.20 8.46
CA PRO A 46 18.53 15.51 9.56
C PRO A 46 18.41 17.00 9.91
N GLU A 47 18.60 17.33 11.20
CA GLU A 47 18.85 18.70 11.64
C GLU A 47 20.14 19.23 11.00
N ASP A 48 21.05 18.30 10.73
CA ASP A 48 22.35 18.43 10.07
C ASP A 48 22.20 18.51 8.54
N TRP A 49 20.98 18.45 7.99
CA TRP A 49 20.77 18.66 6.56
C TRP A 49 20.84 20.14 6.21
N ASP A 50 21.11 20.46 4.95
CA ASP A 50 20.99 21.80 4.44
C ASP A 50 20.57 21.80 2.97
N GLU A 51 19.42 22.43 2.72
CA GLU A 51 18.84 22.56 1.39
C GLU A 51 19.62 23.53 0.51
N GLU A 52 20.41 24.43 1.09
CA GLU A 52 21.26 25.32 0.30
C GLU A 52 22.63 24.69 0.01
N MET A 53 22.87 23.48 0.53
CA MET A 53 24.14 22.77 0.42
C MET A 53 24.07 21.74 -0.70
N ASP A 54 23.10 20.82 -0.63
CA ASP A 54 22.87 19.84 -1.70
C ASP A 54 21.59 20.20 -2.45
N GLY A 55 20.55 20.55 -1.70
CA GLY A 55 19.18 20.57 -2.20
C GLY A 55 18.24 19.83 -1.26
N GLU A 56 17.02 19.57 -1.70
CA GLU A 56 15.97 18.99 -0.88
C GLU A 56 16.25 17.53 -0.57
N TRP A 57 16.24 17.18 0.70
CA TRP A 57 16.33 15.81 1.18
C TRP A 57 15.14 14.98 0.66
N GLU A 58 15.37 13.70 0.38
CA GLU A 58 14.34 12.67 0.24
C GLU A 58 14.81 11.49 1.08
N PRO A 59 13.92 10.87 1.86
CA PRO A 59 14.22 9.60 2.53
C PRO A 59 14.47 8.53 1.48
N PRO A 60 15.22 7.46 1.82
CA PRO A 60 15.28 6.29 0.97
C PRO A 60 13.93 5.59 0.93
N VAL A 61 13.65 4.87 -0.14
CA VAL A 61 12.49 3.98 -0.21
C VAL A 61 12.97 2.61 0.28
N ILE A 62 12.56 2.26 1.49
CA ILE A 62 12.96 1.05 2.17
C ILE A 62 11.85 0.02 1.99
N GLN A 63 12.19 -1.24 2.20
CA GLN A 63 11.19 -2.29 2.24
C GLN A 63 10.30 -2.02 3.45
N ASN A 64 8.99 -2.02 3.21
CA ASN A 64 7.96 -1.97 4.22
C ASN A 64 8.21 -3.08 5.23
N PRO A 65 8.47 -2.78 6.53
CA PRO A 65 8.93 -3.77 7.50
C PRO A 65 7.76 -4.62 8.01
N GLU A 66 6.90 -5.06 7.10
CA GLU A 66 5.74 -5.90 7.32
C GLU A 66 5.30 -6.48 5.98
N TYR A 67 5.11 -5.65 4.93
CA TYR A 67 4.55 -5.96 3.60
C TYR A 67 3.62 -7.19 3.66
N LYS A 68 2.34 -6.93 3.93
CA LYS A 68 1.29 -7.94 4.07
C LYS A 68 1.25 -8.91 2.90
N GLY A 69 1.68 -8.47 1.73
CA GLY A 69 1.61 -9.25 0.52
C GLY A 69 0.15 -9.56 0.29
N GLU A 70 -0.13 -10.84 0.14
CA GLU A 70 -1.39 -11.26 -0.40
C GLU A 70 -2.46 -11.12 0.68
N TRP A 71 -3.54 -10.40 0.38
CA TRP A 71 -4.74 -10.39 1.21
C TRP A 71 -5.43 -11.74 1.21
N LYS A 72 -6.24 -11.96 2.23
CA LYS A 72 -7.10 -13.11 2.40
C LYS A 72 -8.36 -12.65 3.12
N PRO A 73 -9.53 -13.24 2.83
CA PRO A 73 -10.78 -12.93 3.50
C PRO A 73 -10.85 -13.69 4.84
N ARG A 74 -10.10 -13.25 5.85
CA ARG A 74 -10.05 -13.76 7.21
C ARG A 74 -8.93 -13.03 7.91
N SER A 1 -9.55 34.65 -5.67
CA SER A 1 -10.06 33.63 -4.76
C SER A 1 -11.02 32.72 -5.49
N LYS A 2 -10.76 31.41 -5.53
CA LYS A 2 -11.76 30.40 -5.88
C LYS A 2 -11.39 29.09 -5.17
N LYS A 3 -12.05 28.79 -4.05
CA LYS A 3 -12.08 27.42 -3.56
C LYS A 3 -12.80 26.54 -4.59
N ILE A 4 -12.41 25.27 -4.65
CA ILE A 4 -13.10 24.18 -5.32
C ILE A 4 -12.75 22.99 -4.43
N LYS A 5 -13.56 22.74 -3.41
CA LYS A 5 -13.25 21.77 -2.35
C LYS A 5 -14.46 20.86 -2.16
N ASP A 6 -14.80 20.15 -3.23
CA ASP A 6 -15.69 19.01 -3.17
C ASP A 6 -15.23 18.04 -4.27
N PRO A 7 -15.17 16.72 -4.01
CA PRO A 7 -14.75 15.72 -4.98
C PRO A 7 -15.95 15.40 -5.89
N ASP A 8 -16.39 16.42 -6.62
CA ASP A 8 -17.48 16.60 -7.54
C ASP A 8 -18.61 15.61 -7.30
N ALA A 9 -18.46 14.43 -7.88
CA ALA A 9 -19.42 13.35 -7.77
C ALA A 9 -18.77 11.97 -7.70
N ALA A 10 -17.45 11.90 -7.48
CA ALA A 10 -16.68 10.66 -7.37
C ALA A 10 -15.49 10.93 -6.44
N LYS A 11 -15.22 10.01 -5.50
CA LYS A 11 -14.11 10.10 -4.55
C LYS A 11 -13.43 8.73 -4.45
N PRO A 12 -12.69 8.28 -5.48
CA PRO A 12 -12.19 6.92 -5.58
C PRO A 12 -10.98 6.68 -4.65
N GLU A 13 -11.25 6.72 -3.35
CA GLU A 13 -10.37 6.41 -2.23
C GLU A 13 -11.21 6.33 -0.94
N ASP A 14 -12.32 7.06 -0.90
CA ASP A 14 -13.11 7.34 0.30
C ASP A 14 -14.55 6.81 0.19
N TRP A 15 -15.05 6.58 -1.03
CA TRP A 15 -16.43 6.21 -1.24
C TRP A 15 -16.76 4.79 -0.76
N ASP A 16 -15.76 3.91 -0.65
CA ASP A 16 -15.89 2.52 -0.19
C ASP A 16 -16.95 1.80 -1.02
N GLU A 17 -16.80 1.80 -2.35
CA GLU A 17 -17.74 1.31 -3.36
C GLU A 17 -19.18 1.81 -3.18
N ARG A 18 -19.31 2.98 -2.54
CA ARG A 18 -20.48 3.76 -2.16
C ARG A 18 -21.26 3.16 -0.98
N ALA A 19 -20.58 2.28 -0.25
CA ALA A 19 -21.07 1.15 0.54
C ALA A 19 -22.03 0.28 -0.28
N LYS A 20 -22.03 -1.03 -0.06
CA LYS A 20 -22.97 -1.94 -0.70
C LYS A 20 -23.58 -2.82 0.37
N ILE A 21 -24.89 -2.99 0.34
CA ILE A 21 -25.64 -3.88 1.21
C ILE A 21 -25.23 -5.36 1.04
N ASP A 22 -24.40 -5.64 0.06
CA ASP A 22 -24.06 -6.93 -0.54
C ASP A 22 -22.55 -6.95 -0.83
N ASP A 23 -21.75 -6.12 -0.13
CA ASP A 23 -20.31 -6.01 -0.37
C ASP A 23 -19.65 -7.40 -0.25
N PRO A 24 -19.12 -7.96 -1.36
CA PRO A 24 -18.65 -9.34 -1.36
C PRO A 24 -17.27 -9.44 -0.71
N THR A 25 -16.44 -8.44 -0.97
CA THR A 25 -15.07 -8.22 -0.52
C THR A 25 -14.20 -9.50 -0.52
N ASP A 26 -14.38 -10.33 -1.54
CA ASP A 26 -13.71 -11.62 -1.75
C ASP A 26 -12.36 -11.45 -2.47
N SER A 27 -11.80 -10.22 -2.51
CA SER A 27 -10.69 -9.88 -3.41
C SER A 27 -10.02 -8.56 -3.01
N LYS A 28 -9.34 -8.57 -1.86
CA LYS A 28 -8.50 -7.48 -1.34
C LYS A 28 -9.31 -6.21 -1.02
N PRO A 29 -9.71 -5.99 0.24
CA PRO A 29 -10.39 -4.78 0.62
C PRO A 29 -9.41 -3.61 0.61
N GLU A 30 -9.96 -2.41 0.62
CA GLU A 30 -9.29 -1.12 0.52
C GLU A 30 -8.60 -0.72 1.83
N ASP A 31 -8.23 -1.71 2.65
CA ASP A 31 -7.34 -1.55 3.78
C ASP A 31 -6.16 -2.53 3.76
N TRP A 32 -6.22 -3.61 2.96
CA TRP A 32 -5.17 -4.62 2.96
C TRP A 32 -4.02 -4.18 2.08
N ASP A 33 -4.32 -3.63 0.90
CA ASP A 33 -3.32 -3.41 -0.11
C ASP A 33 -2.62 -2.11 0.17
N LYS A 34 -1.46 -2.24 0.79
CA LYS A 34 -0.63 -1.15 1.28
C LYS A 34 0.64 -1.07 0.43
N PRO A 35 1.17 0.13 0.22
CA PRO A 35 2.25 0.37 -0.74
C PRO A 35 3.53 -0.31 -0.27
N GLU A 36 4.18 -1.07 -1.16
CA GLU A 36 5.32 -1.89 -0.81
C GLU A 36 6.49 -1.02 -0.36
N HIS A 37 6.74 0.06 -1.09
CA HIS A 37 7.74 1.07 -0.77
C HIS A 37 7.08 2.23 -0.01
N ILE A 38 7.65 2.63 1.12
CA ILE A 38 7.27 3.81 1.90
C ILE A 38 8.54 4.59 2.28
N PRO A 39 8.48 5.91 2.51
CA PRO A 39 9.67 6.67 2.88
C PRO A 39 10.09 6.29 4.30
N ASP A 40 11.39 6.25 4.57
CA ASP A 40 12.00 5.92 5.86
C ASP A 40 11.40 6.69 7.05
N PRO A 41 10.43 6.14 7.80
CA PRO A 41 9.68 6.91 8.78
C PRO A 41 10.52 7.29 10.00
N ASP A 42 11.71 6.69 10.14
CA ASP A 42 12.64 7.03 11.19
C ASP A 42 13.37 8.32 10.85
N ALA A 43 13.73 8.53 9.59
CA ALA A 43 14.42 9.75 9.20
C ALA A 43 13.45 10.90 9.01
N LYS A 44 13.97 12.12 9.09
CA LYS A 44 13.12 13.31 9.09
C LYS A 44 13.86 14.57 8.67
N LYS A 45 14.81 14.44 7.74
CA LYS A 45 15.85 15.41 7.40
C LYS A 45 16.76 15.58 8.60
N PRO A 46 18.06 15.23 8.48
CA PRO A 46 18.98 15.47 9.56
C PRO A 46 19.05 16.96 9.85
N GLU A 47 19.22 17.33 11.11
CA GLU A 47 19.59 18.69 11.51
C GLU A 47 20.97 19.05 10.98
N ASP A 48 21.77 18.03 10.64
CA ASP A 48 23.07 18.11 10.03
C ASP A 48 22.95 18.07 8.49
N TRP A 49 21.74 18.17 7.91
CA TRP A 49 21.57 18.37 6.47
C TRP A 49 21.89 19.82 6.14
N ASP A 50 22.30 20.04 4.90
CA ASP A 50 22.48 21.36 4.34
C ASP A 50 21.99 21.38 2.89
N GLU A 51 21.08 22.31 2.58
CA GLU A 51 20.41 22.40 1.30
C GLU A 51 21.18 23.24 0.29
N GLU A 52 22.02 24.13 0.77
CA GLU A 52 22.90 24.88 -0.12
C GLU A 52 23.99 23.94 -0.62
N MET A 53 24.30 22.89 0.14
CA MET A 53 25.39 21.96 -0.12
C MET A 53 24.95 20.84 -1.05
N ASP A 54 23.85 20.15 -0.73
CA ASP A 54 23.45 18.93 -1.46
C ASP A 54 22.05 19.03 -2.07
N GLY A 55 21.42 20.20 -1.95
CA GLY A 55 20.06 20.42 -2.38
C GLY A 55 19.09 19.84 -1.37
N GLU A 56 17.83 19.74 -1.76
CA GLU A 56 16.77 19.35 -0.86
C GLU A 56 16.95 17.91 -0.37
N TRP A 57 16.60 17.68 0.89
CA TRP A 57 16.45 16.34 1.43
C TRP A 57 15.18 15.69 0.91
N GLU A 58 15.44 14.77 0.00
CA GLU A 58 14.57 13.66 -0.31
C GLU A 58 14.97 12.49 0.61
N PRO A 59 14.02 11.85 1.30
CA PRO A 59 14.24 10.59 1.99
C PRO A 59 14.46 9.43 1.00
N PRO A 60 15.11 8.33 1.42
CA PRO A 60 15.03 7.05 0.73
C PRO A 60 13.63 6.44 0.89
N VAL A 61 13.30 5.47 0.04
CA VAL A 61 12.07 4.70 0.16
C VAL A 61 12.50 3.28 0.54
N ILE A 62 12.00 2.80 1.67
CA ILE A 62 12.29 1.48 2.22
C ILE A 62 11.13 0.55 1.88
N GLN A 63 11.35 -0.74 2.05
CA GLN A 63 10.28 -1.72 1.96
C GLN A 63 9.51 -1.67 3.30
N ASN A 64 8.21 -1.42 3.24
CA ASN A 64 7.29 -1.41 4.37
C ASN A 64 7.40 -2.70 5.18
N PRO A 65 7.87 -2.67 6.43
CA PRO A 65 7.98 -3.86 7.26
C PRO A 65 6.61 -4.40 7.72
N GLU A 66 5.50 -3.70 7.42
CA GLU A 66 4.15 -4.22 7.64
C GLU A 66 3.43 -4.55 6.30
N TYR A 67 4.09 -4.42 5.13
CA TYR A 67 3.67 -5.15 3.93
C TYR A 67 3.42 -6.59 4.35
N LYS A 68 2.19 -7.02 4.14
CA LYS A 68 1.62 -8.22 4.75
C LYS A 68 2.17 -9.50 4.15
N GLY A 69 2.89 -9.42 3.02
CA GLY A 69 3.25 -10.58 2.23
C GLY A 69 2.07 -10.94 1.34
N GLU A 70 1.73 -10.00 0.46
CA GLU A 70 0.65 -9.99 -0.49
C GLU A 70 -0.72 -10.24 0.15
N TRP A 71 -1.76 -10.46 -0.65
CA TRP A 71 -3.03 -10.98 -0.19
C TRP A 71 -3.22 -12.34 -0.81
N LYS A 72 -3.98 -13.18 -0.10
CA LYS A 72 -4.32 -14.51 -0.54
C LYS A 72 -5.74 -14.81 -0.06
N PRO A 73 -6.47 -15.70 -0.75
CA PRO A 73 -7.88 -15.94 -0.51
C PRO A 73 -8.06 -16.91 0.66
N ARG A 74 -7.33 -16.69 1.75
CA ARG A 74 -6.99 -17.68 2.75
C ARG A 74 -6.00 -18.66 2.11
N SER A 1 -21.44 -25.89 -13.72
CA SER A 1 -21.03 -27.30 -13.64
C SER A 1 -22.13 -28.16 -13.06
N LYS A 2 -22.10 -29.45 -13.44
CA LYS A 2 -23.10 -30.47 -13.10
C LYS A 2 -24.52 -29.95 -13.41
N LYS A 3 -24.68 -29.43 -14.64
CA LYS A 3 -25.73 -28.54 -15.17
C LYS A 3 -25.16 -27.11 -15.05
N ILE A 4 -26.04 -26.12 -15.09
CA ILE A 4 -25.80 -24.79 -14.60
C ILE A 4 -26.72 -24.76 -13.38
N LYS A 5 -26.14 -25.07 -12.23
CA LYS A 5 -26.69 -24.70 -10.93
C LYS A 5 -25.91 -23.47 -10.48
N ASP A 6 -26.62 -22.55 -9.81
CA ASP A 6 -26.24 -21.18 -9.45
C ASP A 6 -26.13 -20.29 -10.71
N PRO A 7 -26.51 -19.00 -10.64
CA PRO A 7 -26.40 -18.09 -11.76
C PRO A 7 -24.94 -17.64 -11.92
N ASP A 8 -24.10 -18.57 -12.35
CA ASP A 8 -22.67 -18.50 -12.35
C ASP A 8 -22.27 -18.51 -13.81
N ALA A 9 -21.96 -17.31 -14.25
CA ALA A 9 -21.86 -16.89 -15.62
C ALA A 9 -23.01 -17.40 -16.48
N ALA A 10 -24.24 -17.01 -16.14
CA ALA A 10 -25.48 -17.51 -16.71
C ALA A 10 -26.45 -16.34 -16.97
N LYS A 11 -27.76 -16.60 -17.04
CA LYS A 11 -28.85 -15.64 -17.21
C LYS A 11 -28.48 -14.46 -18.14
N PRO A 12 -28.32 -14.68 -19.47
CA PRO A 12 -27.82 -13.69 -20.41
C PRO A 12 -28.87 -12.61 -20.76
N GLU A 13 -29.21 -11.82 -19.75
CA GLU A 13 -30.13 -10.70 -19.70
C GLU A 13 -29.80 -9.98 -18.39
N ASP A 14 -29.82 -10.75 -17.30
CA ASP A 14 -29.85 -10.24 -15.93
C ASP A 14 -28.49 -10.31 -15.25
N TRP A 15 -27.57 -11.15 -15.74
CA TRP A 15 -26.24 -11.16 -15.17
C TRP A 15 -25.55 -9.83 -15.43
N ASP A 16 -25.76 -9.26 -16.62
CA ASP A 16 -25.20 -8.01 -17.12
C ASP A 16 -23.68 -7.97 -16.94
N GLU A 17 -23.06 -9.16 -16.84
CA GLU A 17 -21.66 -9.42 -16.52
C GLU A 17 -21.19 -8.74 -15.23
N ARG A 18 -22.14 -8.31 -14.40
CA ARG A 18 -21.90 -7.65 -13.12
C ARG A 18 -22.63 -8.29 -11.95
N ALA A 19 -23.31 -9.40 -12.22
CA ALA A 19 -23.92 -10.25 -11.19
C ALA A 19 -22.85 -11.00 -10.40
N LYS A 20 -22.08 -10.26 -9.61
CA LYS A 20 -20.98 -10.70 -8.79
C LYS A 20 -21.24 -10.19 -7.38
N ILE A 21 -20.69 -10.91 -6.42
CA ILE A 21 -20.86 -10.71 -4.99
C ILE A 21 -20.09 -9.50 -4.44
N ASP A 22 -19.35 -8.77 -5.29
CA ASP A 22 -18.62 -7.52 -4.98
C ASP A 22 -17.48 -7.70 -3.97
N ASP A 23 -17.23 -8.96 -3.58
CA ASP A 23 -16.30 -9.51 -2.64
C ASP A 23 -16.45 -8.96 -1.21
N PRO A 24 -16.16 -9.76 -0.18
CA PRO A 24 -16.74 -9.55 1.16
C PRO A 24 -16.09 -8.43 1.97
N THR A 25 -14.91 -8.01 1.53
CA THR A 25 -14.16 -6.88 2.03
C THR A 25 -13.48 -6.29 0.80
N ASP A 26 -14.18 -6.37 -0.35
CA ASP A 26 -13.69 -5.99 -1.68
C ASP A 26 -12.50 -6.86 -2.14
N SER A 27 -12.32 -8.00 -1.49
CA SER A 27 -11.07 -8.77 -1.45
C SER A 27 -9.89 -7.84 -1.17
N LYS A 28 -9.98 -7.18 -0.02
CA LYS A 28 -9.09 -6.26 0.67
C LYS A 28 -9.43 -4.78 0.38
N PRO A 29 -9.31 -3.92 1.41
CA PRO A 29 -9.44 -2.48 1.28
C PRO A 29 -8.11 -1.89 0.84
N GLU A 30 -8.13 -0.64 0.38
CA GLU A 30 -6.99 -0.05 -0.32
C GLU A 30 -5.78 0.27 0.57
N ASP A 31 -5.91 0.11 1.89
CA ASP A 31 -4.81 0.25 2.85
C ASP A 31 -4.20 -1.10 3.24
N TRP A 32 -4.79 -2.23 2.85
CA TRP A 32 -4.10 -3.51 3.00
C TRP A 32 -2.86 -3.52 2.10
N ASP A 33 -3.02 -3.05 0.86
CA ASP A 33 -2.10 -3.27 -0.26
C ASP A 33 -0.89 -2.34 -0.16
N LYS A 34 -0.08 -2.51 0.90
CA LYS A 34 0.86 -1.48 1.33
C LYS A 34 1.87 -1.09 0.23
N PRO A 35 2.12 0.21 0.02
CA PRO A 35 2.87 0.73 -1.13
C PRO A 35 4.32 0.32 -1.03
N GLU A 36 4.72 -0.66 -1.82
CA GLU A 36 5.70 -1.68 -1.48
C GLU A 36 6.98 -1.11 -0.84
N HIS A 37 7.56 -0.13 -1.52
CA HIS A 37 8.67 0.68 -1.03
C HIS A 37 8.12 1.99 -0.45
N ILE A 38 8.25 2.16 0.86
CA ILE A 38 7.85 3.33 1.63
C ILE A 38 9.07 4.19 1.94
N PRO A 39 8.95 5.50 2.12
CA PRO A 39 10.07 6.29 2.59
C PRO A 39 10.28 5.94 4.06
N ASP A 40 11.52 5.95 4.51
CA ASP A 40 11.93 5.58 5.86
C ASP A 40 11.13 6.29 6.96
N PRO A 41 10.28 5.58 7.74
CA PRO A 41 9.65 6.16 8.92
C PRO A 41 10.69 6.56 9.98
N ASP A 42 11.94 6.11 9.81
CA ASP A 42 13.06 6.45 10.66
C ASP A 42 13.51 7.90 10.53
N ALA A 43 13.35 8.52 9.36
CA ALA A 43 14.01 9.77 9.03
C ALA A 43 13.02 10.79 8.49
N LYS A 44 13.20 12.07 8.83
CA LYS A 44 12.25 13.12 8.50
C LYS A 44 12.94 14.42 8.09
N LYS A 45 14.08 14.32 7.41
CA LYS A 45 15.09 15.34 7.15
C LYS A 45 15.76 15.72 8.47
N PRO A 46 17.09 15.66 8.54
CA PRO A 46 17.78 16.12 9.72
C PRO A 46 17.60 17.64 9.85
N GLU A 47 17.47 18.12 11.09
CA GLU A 47 17.75 19.48 11.49
C GLU A 47 19.24 19.84 11.25
N ASP A 48 20.06 18.82 11.04
CA ASP A 48 21.49 18.83 10.72
C ASP A 48 21.74 18.90 9.20
N TRP A 49 20.70 19.04 8.37
CA TRP A 49 20.78 19.18 6.92
C TRP A 49 21.16 20.61 6.50
N ASP A 50 21.62 20.75 5.25
CA ASP A 50 21.91 22.02 4.59
C ASP A 50 21.36 21.95 3.16
N GLU A 51 20.35 22.78 2.88
CA GLU A 51 19.63 22.78 1.61
C GLU A 51 20.25 23.72 0.57
N GLU A 52 21.19 24.59 0.96
CA GLU A 52 22.01 25.33 -0.01
C GLU A 52 23.26 24.52 -0.37
N MET A 53 23.60 23.49 0.41
CA MET A 53 24.71 22.59 0.15
C MET A 53 24.32 21.53 -0.88
N ASP A 54 23.30 20.70 -0.57
CA ASP A 54 23.02 19.48 -1.32
C ASP A 54 21.63 19.53 -1.98
N GLY A 55 20.94 20.67 -1.86
CA GLY A 55 19.56 20.82 -2.25
C GLY A 55 18.67 20.14 -1.22
N GLU A 56 17.42 19.96 -1.58
CA GLU A 56 16.43 19.32 -0.77
C GLU A 56 16.89 17.91 -0.42
N TRP A 57 16.79 17.57 0.86
CA TRP A 57 16.92 16.20 1.32
C TRP A 57 15.86 15.36 0.62
N GLU A 58 16.29 14.23 0.06
CA GLU A 58 15.40 13.14 -0.24
C GLU A 58 15.59 12.10 0.87
N PRO A 59 14.50 11.50 1.38
CA PRO A 59 14.60 10.24 2.06
C PRO A 59 15.03 9.14 1.08
N PRO A 60 15.52 7.99 1.57
CA PRO A 60 15.58 6.75 0.82
C PRO A 60 14.16 6.21 0.58
N VAL A 61 14.09 4.96 0.13
CA VAL A 61 12.89 4.16 0.18
C VAL A 61 13.32 2.81 0.73
N ILE A 62 12.54 2.28 1.68
CA ILE A 62 12.78 1.02 2.37
C ILE A 62 11.61 0.10 2.05
N GLN A 63 11.79 -1.19 2.32
CA GLN A 63 10.68 -2.12 2.28
C GLN A 63 9.72 -1.80 3.42
N ASN A 64 8.42 -1.89 3.13
CA ASN A 64 7.33 -1.90 4.10
C ASN A 64 7.60 -2.85 5.28
N PRO A 65 6.95 -2.63 6.43
CA PRO A 65 6.98 -3.46 7.62
C PRO A 65 6.25 -4.79 7.37
N GLU A 66 6.94 -5.68 6.66
CA GLU A 66 6.51 -7.04 6.28
C GLU A 66 5.22 -7.08 5.44
N TYR A 67 5.03 -6.11 4.53
CA TYR A 67 3.89 -6.08 3.62
C TYR A 67 3.64 -7.49 3.05
N LYS A 68 2.47 -8.02 3.42
CA LYS A 68 2.04 -9.39 3.22
C LYS A 68 2.07 -9.80 1.76
N GLY A 69 1.85 -8.84 0.85
CA GLY A 69 1.13 -9.14 -0.35
C GLY A 69 -0.19 -9.80 0.05
N GLU A 70 -0.44 -11.01 -0.41
CA GLU A 70 -1.79 -11.47 -0.71
C GLU A 70 -2.75 -11.37 0.48
N TRP A 71 -3.84 -10.62 0.27
CA TRP A 71 -5.01 -10.69 1.13
C TRP A 71 -5.66 -12.05 1.00
N LYS A 72 -6.41 -12.45 2.03
CA LYS A 72 -7.14 -13.69 2.05
C LYS A 72 -8.44 -13.50 2.83
N PRO A 73 -9.46 -14.35 2.66
CA PRO A 73 -10.69 -14.29 3.44
C PRO A 73 -10.49 -14.96 4.81
N ARG A 74 -9.38 -14.67 5.48
CA ARG A 74 -9.00 -15.11 6.80
C ARG A 74 -7.99 -14.09 7.31
N SER A 1 -6.64 13.60 -12.57
CA SER A 1 -7.84 14.32 -13.03
C SER A 1 -8.37 15.19 -11.89
N LYS A 2 -9.39 16.04 -12.13
CA LYS A 2 -9.88 17.00 -11.13
C LYS A 2 -11.39 17.02 -11.12
N LYS A 3 -12.00 16.00 -10.51
CA LYS A 3 -13.44 15.83 -10.35
C LYS A 3 -13.71 15.34 -8.92
N ILE A 4 -14.98 15.10 -8.58
CA ILE A 4 -15.37 14.67 -7.22
C ILE A 4 -15.61 13.16 -7.14
N LYS A 5 -15.37 12.48 -8.25
CA LYS A 5 -15.55 11.06 -8.43
C LYS A 5 -14.17 10.47 -8.22
N ASP A 6 -14.03 9.51 -7.30
CA ASP A 6 -12.76 8.88 -6.90
C ASP A 6 -11.80 9.86 -6.18
N PRO A 7 -10.84 9.38 -5.36
CA PRO A 7 -9.92 10.24 -4.61
C PRO A 7 -8.57 10.53 -5.27
N ASP A 8 -8.23 9.82 -6.35
CA ASP A 8 -6.87 9.57 -6.86
C ASP A 8 -6.01 9.03 -5.73
N ALA A 9 -5.51 9.89 -4.85
CA ALA A 9 -4.68 9.53 -3.70
C ALA A 9 -4.84 10.46 -2.50
N ALA A 10 -5.83 11.35 -2.54
CA ALA A 10 -5.96 12.48 -1.60
C ALA A 10 -7.16 12.33 -0.66
N LYS A 11 -7.62 11.09 -0.43
CA LYS A 11 -8.89 10.75 0.21
C LYS A 11 -9.17 11.62 1.45
N PRO A 12 -10.11 12.59 1.41
CA PRO A 12 -10.28 13.61 2.44
C PRO A 12 -11.15 13.10 3.62
N GLU A 13 -10.91 11.88 4.06
CA GLU A 13 -11.41 11.23 5.27
C GLU A 13 -10.69 9.87 5.42
N ASP A 14 -9.53 9.69 4.78
CA ASP A 14 -8.67 8.49 4.86
C ASP A 14 -9.38 7.23 4.33
N TRP A 15 -10.48 7.41 3.59
CA TRP A 15 -11.54 6.42 3.45
C TRP A 15 -11.52 5.57 2.20
N ASP A 16 -10.72 5.94 1.19
CA ASP A 16 -10.79 5.42 -0.17
C ASP A 16 -12.24 5.28 -0.68
N GLU A 17 -12.98 6.40 -0.67
CA GLU A 17 -14.39 6.50 -1.09
C GLU A 17 -15.27 5.54 -0.28
N ARG A 18 -14.88 5.33 0.98
CA ARG A 18 -15.41 4.41 1.97
C ARG A 18 -15.31 2.94 1.53
N ALA A 19 -14.33 2.58 0.70
CA ALA A 19 -14.10 1.24 0.17
C ALA A 19 -15.41 0.64 -0.36
N LYS A 20 -15.90 1.24 -1.44
CA LYS A 20 -17.12 0.85 -2.13
C LYS A 20 -17.05 1.52 -3.51
N ILE A 21 -17.57 0.84 -4.52
CA ILE A 21 -17.69 1.40 -5.86
C ILE A 21 -19.05 0.98 -6.39
N ASP A 22 -19.24 -0.34 -6.55
CA ASP A 22 -20.42 -0.97 -7.14
C ASP A 22 -20.57 -2.42 -6.63
N ASP A 23 -19.77 -2.79 -5.62
CA ASP A 23 -19.54 -4.13 -5.09
C ASP A 23 -19.23 -3.99 -3.60
N PRO A 24 -19.39 -5.01 -2.75
CA PRO A 24 -19.09 -4.92 -1.32
C PRO A 24 -17.59 -4.81 -0.98
N THR A 25 -16.69 -5.23 -1.88
CA THR A 25 -15.22 -5.15 -1.75
C THR A 25 -14.67 -5.90 -0.51
N ASP A 26 -15.30 -6.99 -0.07
CA ASP A 26 -15.11 -7.62 1.24
C ASP A 26 -13.84 -8.51 1.34
N SER A 27 -12.88 -8.35 0.43
CA SER A 27 -11.70 -9.19 0.23
C SER A 27 -10.54 -8.26 -0.14
N LYS A 28 -9.89 -7.67 0.87
CA LYS A 28 -8.84 -6.65 0.75
C LYS A 28 -9.37 -5.34 0.15
N PRO A 29 -9.37 -4.23 0.89
CA PRO A 29 -9.53 -2.91 0.30
C PRO A 29 -8.17 -2.41 -0.19
N GLU A 30 -8.18 -1.26 -0.83
CA GLU A 30 -7.02 -0.63 -1.44
C GLU A 30 -6.14 0.06 -0.40
N ASP A 31 -6.60 0.07 0.87
CA ASP A 31 -5.71 0.35 2.00
C ASP A 31 -4.73 -0.79 2.19
N TRP A 32 -5.20 -2.04 2.25
CA TRP A 32 -4.36 -3.16 2.66
C TRP A 32 -3.25 -3.37 1.64
N ASP A 33 -3.54 -3.11 0.36
CA ASP A 33 -2.53 -3.12 -0.70
C ASP A 33 -1.64 -1.88 -0.58
N LYS A 34 -0.74 -1.92 0.41
CA LYS A 34 0.30 -0.92 0.59
C LYS A 34 1.37 -1.16 -0.47
N PRO A 35 2.06 -0.12 -0.95
CA PRO A 35 3.10 -0.29 -1.95
C PRO A 35 4.28 -1.04 -1.35
N GLU A 36 5.07 -1.66 -2.24
CA GLU A 36 6.23 -2.45 -1.87
C GLU A 36 7.31 -1.52 -1.34
N HIS A 37 7.58 -0.43 -2.06
CA HIS A 37 8.56 0.59 -1.70
C HIS A 37 7.81 1.74 -1.01
N ILE A 38 8.14 2.00 0.27
CA ILE A 38 7.62 3.07 1.10
C ILE A 38 8.76 3.99 1.54
N PRO A 39 8.51 5.27 1.88
CA PRO A 39 9.59 6.15 2.33
C PRO A 39 10.02 5.69 3.73
N ASP A 40 11.31 5.72 4.05
CA ASP A 40 11.87 5.37 5.35
C ASP A 40 11.12 6.02 6.53
N PRO A 41 10.24 5.31 7.25
CA PRO A 41 9.50 5.90 8.37
C PRO A 41 10.44 6.34 9.51
N ASP A 42 11.64 5.76 9.57
CA ASP A 42 12.62 6.06 10.59
C ASP A 42 13.08 7.52 10.47
N ALA A 43 13.38 7.97 9.25
CA ALA A 43 14.00 9.26 9.00
C ALA A 43 12.96 10.37 8.84
N LYS A 44 13.37 11.61 9.09
CA LYS A 44 12.53 12.79 8.92
C LYS A 44 13.30 14.08 8.62
N LYS A 45 14.40 13.95 7.86
CA LYS A 45 15.39 14.96 7.54
C LYS A 45 16.14 15.34 8.80
N PRO A 46 17.47 15.22 8.81
CA PRO A 46 18.25 15.65 9.94
C PRO A 46 18.03 17.15 10.16
N GLU A 47 18.01 17.58 11.41
CA GLU A 47 18.13 19.01 11.73
C GLU A 47 19.51 19.53 11.31
N ASP A 48 20.43 18.59 11.14
CA ASP A 48 21.81 18.62 10.70
C ASP A 48 21.90 18.43 9.17
N TRP A 49 20.77 18.56 8.43
CA TRP A 49 20.79 18.75 6.98
C TRP A 49 20.95 20.23 6.64
N ASP A 50 21.35 20.50 5.40
CA ASP A 50 21.29 21.81 4.79
C ASP A 50 21.07 21.63 3.30
N GLU A 51 20.00 22.25 2.81
CA GLU A 51 19.55 22.16 1.43
C GLU A 51 19.99 23.33 0.56
N GLU A 52 20.44 24.43 1.16
CA GLU A 52 21.16 25.43 0.39
C GLU A 52 22.61 24.99 0.20
N MET A 53 23.10 24.10 1.08
CA MET A 53 24.36 23.41 0.89
C MET A 53 24.21 22.32 -0.16
N ASP A 54 23.48 21.25 0.14
CA ASP A 54 23.61 19.99 -0.61
C ASP A 54 22.41 19.71 -1.52
N GLY A 55 21.40 20.57 -1.49
CA GLY A 55 20.12 20.37 -2.18
C GLY A 55 19.08 19.76 -1.24
N GLU A 56 17.83 19.66 -1.66
CA GLU A 56 16.75 19.12 -0.85
C GLU A 56 17.14 17.69 -0.44
N TRP A 57 16.94 17.42 0.85
CA TRP A 57 17.07 16.08 1.37
C TRP A 57 16.01 15.22 0.69
N GLU A 58 16.44 14.09 0.13
CA GLU A 58 15.54 13.10 -0.45
C GLU A 58 15.68 11.81 0.35
N PRO A 59 14.62 11.37 1.02
CA PRO A 59 14.65 10.15 1.80
C PRO A 59 14.77 8.93 0.87
N PRO A 60 15.42 7.85 1.32
CA PRO A 60 15.41 6.57 0.63
C PRO A 60 14.00 5.95 0.69
N VAL A 61 13.70 5.07 -0.27
CA VAL A 61 12.47 4.31 -0.35
C VAL A 61 12.84 2.85 -0.10
N ILE A 62 12.41 2.32 1.04
CA ILE A 62 12.77 0.99 1.51
C ILE A 62 11.63 0.03 1.17
N GLN A 63 11.90 -1.27 1.13
CA GLN A 63 10.86 -2.25 0.84
C GLN A 63 10.16 -2.58 2.16
N ASN A 64 8.85 -2.37 2.21
CA ASN A 64 7.94 -2.59 3.34
C ASN A 64 8.37 -3.84 4.12
N PRO A 65 8.82 -3.73 5.38
CA PRO A 65 9.26 -4.89 6.14
C PRO A 65 8.09 -5.84 6.45
N GLU A 66 6.87 -5.29 6.49
CA GLU A 66 5.65 -6.02 6.85
C GLU A 66 4.57 -5.79 5.79
N TYR A 67 4.95 -5.70 4.50
CA TYR A 67 4.04 -5.90 3.36
C TYR A 67 3.07 -7.03 3.72
N LYS A 68 1.79 -6.73 3.88
CA LYS A 68 0.77 -7.58 4.47
C LYS A 68 0.33 -8.73 3.53
N GLY A 69 1.28 -9.35 2.81
CA GLY A 69 1.14 -9.97 1.50
C GLY A 69 -0.27 -10.42 1.19
N GLU A 70 -0.60 -11.65 1.59
CA GLU A 70 -1.93 -12.13 1.39
C GLU A 70 -2.80 -11.69 2.55
N TRP A 71 -3.72 -10.78 2.25
CA TRP A 71 -4.88 -10.47 3.08
C TRP A 71 -5.64 -11.76 3.41
N LYS A 72 -6.37 -11.72 4.52
CA LYS A 72 -7.25 -12.78 4.93
C LYS A 72 -8.40 -12.18 5.73
N PRO A 73 -9.58 -12.79 5.74
CA PRO A 73 -10.74 -12.29 6.47
C PRO A 73 -10.56 -12.50 7.97
N ARG A 74 -9.82 -11.58 8.60
CA ARG A 74 -9.40 -11.61 10.00
C ARG A 74 -8.54 -12.86 10.27
N SER A 1 -5.60 -0.18 -9.83
CA SER A 1 -6.08 -0.82 -8.60
C SER A 1 -5.80 -2.32 -8.66
N LYS A 2 -5.65 -2.98 -7.50
CA LYS A 2 -5.69 -4.43 -7.30
C LYS A 2 -5.05 -5.21 -8.45
N LYS A 3 -3.72 -5.30 -8.49
CA LYS A 3 -2.94 -6.10 -9.46
C LYS A 3 -3.30 -5.84 -10.93
N ILE A 4 -3.81 -4.64 -11.22
CA ILE A 4 -4.51 -4.24 -12.43
C ILE A 4 -5.43 -5.38 -12.89
N LYS A 5 -6.39 -5.77 -12.06
CA LYS A 5 -7.40 -6.82 -12.34
C LYS A 5 -6.78 -7.98 -13.09
N ASP A 6 -6.04 -8.81 -12.34
CA ASP A 6 -5.37 -9.99 -12.86
C ASP A 6 -6.37 -10.84 -13.68
N PRO A 7 -6.06 -11.17 -14.95
CA PRO A 7 -6.93 -11.98 -15.79
C PRO A 7 -7.10 -13.42 -15.33
N ASP A 8 -6.38 -13.84 -14.29
CA ASP A 8 -6.09 -15.19 -13.86
C ASP A 8 -5.42 -15.98 -14.98
N ALA A 9 -6.17 -16.39 -16.01
CA ALA A 9 -5.72 -17.34 -17.03
C ALA A 9 -5.75 -16.82 -18.46
N ALA A 10 -6.09 -15.55 -18.66
CA ALA A 10 -6.59 -14.94 -19.89
C ALA A 10 -8.01 -15.44 -20.17
N LYS A 11 -8.95 -14.50 -20.09
CA LYS A 11 -10.38 -14.75 -20.02
C LYS A 11 -10.99 -15.20 -21.36
N PRO A 12 -11.64 -16.37 -21.44
CA PRO A 12 -12.24 -16.89 -22.68
C PRO A 12 -13.57 -16.19 -23.02
N GLU A 13 -13.51 -14.93 -23.48
CA GLU A 13 -14.56 -14.04 -24.02
C GLU A 13 -14.25 -12.56 -23.72
N ASP A 14 -13.10 -12.27 -23.09
CA ASP A 14 -12.62 -10.90 -22.83
C ASP A 14 -13.37 -10.26 -21.63
N TRP A 15 -14.20 -11.04 -20.94
CA TRP A 15 -15.03 -10.62 -19.80
C TRP A 15 -14.28 -10.06 -18.58
N ASP A 16 -13.18 -10.68 -18.15
CA ASP A 16 -12.53 -10.53 -16.84
C ASP A 16 -13.57 -10.55 -15.71
N GLU A 17 -14.07 -11.75 -15.42
CA GLU A 17 -15.17 -12.03 -14.48
C GLU A 17 -16.47 -11.33 -14.88
N ARG A 18 -16.51 -10.67 -16.04
CA ARG A 18 -17.60 -9.86 -16.58
C ARG A 18 -17.91 -8.68 -15.68
N ALA A 19 -16.86 -8.24 -14.98
CA ALA A 19 -16.81 -7.33 -13.85
C ALA A 19 -17.45 -7.95 -12.60
N LYS A 20 -16.89 -7.61 -11.44
CA LYS A 20 -17.38 -8.02 -10.13
C LYS A 20 -17.13 -6.92 -9.09
N ILE A 21 -17.24 -5.66 -9.50
CA ILE A 21 -17.03 -4.49 -8.69
C ILE A 21 -18.09 -4.33 -7.60
N ASP A 22 -19.13 -5.15 -7.61
CA ASP A 22 -20.29 -5.09 -6.73
C ASP A 22 -20.05 -5.75 -5.37
N ASP A 23 -18.82 -6.20 -5.13
CA ASP A 23 -18.40 -6.82 -3.88
C ASP A 23 -17.73 -5.80 -2.96
N PRO A 24 -17.97 -5.83 -1.64
CA PRO A 24 -17.35 -4.92 -0.69
C PRO A 24 -15.84 -5.16 -0.62
N THR A 25 -15.42 -6.30 -0.10
CA THR A 25 -14.07 -6.45 0.45
C THR A 25 -13.62 -7.92 0.52
N ASP A 26 -14.47 -8.86 0.09
CA ASP A 26 -14.31 -10.29 0.32
C ASP A 26 -13.26 -10.94 -0.59
N SER A 27 -12.50 -10.10 -1.29
CA SER A 27 -11.19 -10.36 -1.81
C SER A 27 -10.40 -9.06 -1.77
N LYS A 28 -9.73 -8.83 -0.65
CA LYS A 28 -8.83 -7.70 -0.38
C LYS A 28 -9.56 -6.36 -0.28
N PRO A 29 -9.54 -5.70 0.90
CA PRO A 29 -9.84 -4.29 0.98
C PRO A 29 -8.82 -3.48 0.18
N GLU A 30 -9.16 -2.24 -0.09
CA GLU A 30 -8.36 -1.39 -0.97
C GLU A 30 -7.15 -0.80 -0.25
N ASP A 31 -7.09 -1.02 1.05
CA ASP A 31 -6.00 -0.69 1.96
C ASP A 31 -5.30 -1.98 2.42
N TRP A 32 -5.49 -3.07 1.69
CA TRP A 32 -4.65 -4.25 1.80
C TRP A 32 -3.50 -4.20 0.80
N ASP A 33 -3.80 -3.79 -0.43
CA ASP A 33 -2.88 -3.70 -1.57
C ASP A 33 -1.96 -2.50 -1.31
N LYS A 34 -1.21 -2.56 -0.21
CA LYS A 34 -0.23 -1.59 0.27
C LYS A 34 1.01 -1.74 -0.62
N PRO A 35 1.77 -0.66 -0.83
CA PRO A 35 2.90 -0.68 -1.71
C PRO A 35 4.03 -1.49 -1.09
N GLU A 36 4.92 -1.96 -1.95
CA GLU A 36 6.12 -2.69 -1.58
C GLU A 36 7.19 -1.70 -1.10
N HIS A 37 7.27 -0.55 -1.77
CA HIS A 37 8.17 0.55 -1.42
C HIS A 37 7.37 1.65 -0.71
N ILE A 38 7.80 2.06 0.48
CA ILE A 38 7.22 3.19 1.23
C ILE A 38 8.28 4.27 1.43
N PRO A 39 7.90 5.56 1.55
CA PRO A 39 8.83 6.62 1.90
C PRO A 39 9.17 6.47 3.38
N ASP A 40 10.46 6.31 3.71
CA ASP A 40 10.93 5.89 5.02
C ASP A 40 10.39 6.80 6.13
N PRO A 41 9.55 6.30 7.04
CA PRO A 41 9.04 7.10 8.15
C PRO A 41 10.06 7.29 9.28
N ASP A 42 11.19 6.59 9.31
CA ASP A 42 12.26 6.90 10.27
C ASP A 42 12.90 8.24 9.89
N ALA A 43 13.26 8.35 8.62
CA ALA A 43 13.92 9.47 7.99
C ALA A 43 13.08 10.76 8.08
N LYS A 44 13.68 11.86 8.55
CA LYS A 44 12.95 13.12 8.79
C LYS A 44 13.72 14.42 8.53
N LYS A 45 14.64 14.40 7.57
CA LYS A 45 15.68 15.39 7.30
C LYS A 45 16.57 15.51 8.54
N PRO A 46 17.87 15.21 8.42
CA PRO A 46 18.74 15.25 9.57
C PRO A 46 18.80 16.67 10.13
N GLU A 47 18.93 16.81 11.45
CA GLU A 47 19.33 18.05 12.13
C GLU A 47 20.75 18.51 11.70
N ASP A 48 21.43 17.63 10.96
CA ASP A 48 22.80 17.61 10.45
C ASP A 48 22.80 17.66 8.91
N TRP A 49 21.69 18.08 8.28
CA TRP A 49 21.60 18.45 6.86
C TRP A 49 21.93 19.93 6.64
N ASP A 50 22.26 20.28 5.40
CA ASP A 50 22.47 21.65 4.94
C ASP A 50 21.88 21.79 3.53
N GLU A 51 20.75 22.49 3.42
CA GLU A 51 20.05 22.71 2.16
C GLU A 51 20.77 23.69 1.24
N GLU A 52 21.62 24.57 1.77
CA GLU A 52 22.42 25.45 0.90
C GLU A 52 23.63 24.67 0.34
N MET A 53 23.96 23.52 0.94
CA MET A 53 25.08 22.69 0.53
C MET A 53 24.62 21.68 -0.50
N ASP A 54 23.73 20.78 -0.07
CA ASP A 54 23.35 19.63 -0.88
C ASP A 54 22.10 19.99 -1.69
N GLY A 55 21.24 20.85 -1.15
CA GLY A 55 19.92 21.11 -1.70
C GLY A 55 18.84 20.44 -0.84
N GLU A 56 17.59 20.55 -1.24
CA GLU A 56 16.46 20.03 -0.49
C GLU A 56 16.46 18.51 -0.51
N TRP A 57 16.63 17.94 0.67
CA TRP A 57 16.57 16.52 1.00
C TRP A 57 15.22 15.89 0.60
N GLU A 58 15.21 14.57 0.48
CA GLU A 58 14.02 13.74 0.54
C GLU A 58 14.39 12.46 1.29
N PRO A 59 13.43 11.81 1.96
CA PRO A 59 13.61 10.47 2.48
C PRO A 59 13.62 9.48 1.31
N PRO A 60 14.40 8.40 1.41
CA PRO A 60 14.40 7.34 0.42
C PRO A 60 13.13 6.52 0.51
N VAL A 61 12.80 5.81 -0.56
CA VAL A 61 11.82 4.74 -0.51
C VAL A 61 12.55 3.50 0.00
N ILE A 62 11.99 2.84 1.01
CA ILE A 62 12.50 1.59 1.59
C ILE A 62 11.45 0.50 1.38
N GLN A 63 11.83 -0.76 1.57
CA GLN A 63 10.89 -1.86 1.43
C GLN A 63 10.03 -1.94 2.69
N ASN A 64 8.72 -1.79 2.51
CA ASN A 64 7.65 -1.76 3.48
C ASN A 64 7.87 -2.77 4.62
N PRO A 65 8.39 -2.35 5.79
CA PRO A 65 8.61 -3.25 6.91
C PRO A 65 7.31 -3.50 7.68
N GLU A 66 6.22 -3.74 6.96
CA GLU A 66 5.07 -4.49 7.42
C GLU A 66 4.47 -5.29 6.25
N TYR A 67 4.40 -4.74 5.01
CA TYR A 67 3.85 -5.33 3.78
C TYR A 67 2.80 -6.43 4.03
N LYS A 68 1.53 -6.04 4.07
CA LYS A 68 0.45 -6.97 4.41
C LYS A 68 0.44 -8.21 3.52
N GLY A 69 0.55 -8.01 2.20
CA GLY A 69 0.74 -9.05 1.21
C GLY A 69 -0.38 -10.08 1.20
N GLU A 70 -0.17 -11.18 1.90
CA GLU A 70 -1.02 -12.35 1.86
C GLU A 70 -2.30 -12.07 2.65
N TRP A 71 -3.29 -11.50 1.97
CA TRP A 71 -4.61 -11.25 2.50
C TRP A 71 -5.27 -12.55 2.95
N LYS A 72 -6.17 -12.42 3.92
CA LYS A 72 -6.93 -13.54 4.43
C LYS A 72 -8.31 -13.03 4.86
N PRO A 73 -9.31 -13.92 4.96
CA PRO A 73 -10.64 -13.55 5.38
C PRO A 73 -10.73 -13.49 6.92
N ARG A 74 -10.00 -12.56 7.53
CA ARG A 74 -10.15 -12.22 8.93
C ARG A 74 -9.55 -10.83 9.12
N SER A 1 -35.85 12.12 -7.20
CA SER A 1 -35.12 11.36 -8.23
C SER A 1 -35.76 11.63 -9.60
N LYS A 2 -34.99 11.56 -10.69
CA LYS A 2 -35.45 11.75 -12.06
C LYS A 2 -35.05 10.49 -12.82
N LYS A 3 -36.01 9.64 -13.14
CA LYS A 3 -35.85 8.18 -13.03
C LYS A 3 -35.10 7.85 -11.73
N ILE A 4 -34.44 6.69 -11.69
CA ILE A 4 -33.73 6.17 -10.53
C ILE A 4 -34.70 6.17 -9.35
N LYS A 5 -35.98 5.87 -9.63
CA LYS A 5 -36.96 5.65 -8.60
C LYS A 5 -36.71 4.24 -8.08
N ASP A 6 -35.83 4.15 -7.07
CA ASP A 6 -35.47 2.95 -6.34
C ASP A 6 -34.70 1.94 -7.23
N PRO A 7 -33.98 0.94 -6.67
CA PRO A 7 -32.96 0.19 -7.44
C PRO A 7 -33.53 -1.07 -8.08
N ASP A 8 -34.61 -0.91 -8.81
CA ASP A 8 -35.50 -2.03 -9.13
C ASP A 8 -35.62 -2.13 -10.65
N ALA A 9 -34.44 -2.05 -11.27
CA ALA A 9 -34.18 -2.03 -12.70
C ALA A 9 -32.92 -2.88 -13.03
N ALA A 10 -32.67 -3.91 -12.21
CA ALA A 10 -31.46 -4.71 -12.10
C ALA A 10 -30.27 -3.85 -11.67
N LYS A 11 -30.05 -3.74 -10.36
CA LYS A 11 -29.12 -2.78 -9.77
C LYS A 11 -27.72 -2.99 -10.35
N PRO A 12 -26.95 -1.92 -10.61
CA PRO A 12 -25.62 -2.01 -11.21
C PRO A 12 -24.52 -2.45 -10.21
N GLU A 13 -24.78 -3.45 -9.35
CA GLU A 13 -23.95 -3.86 -8.21
C GLU A 13 -23.53 -2.68 -7.31
N ASP A 14 -24.22 -1.55 -7.44
CA ASP A 14 -23.65 -0.21 -7.16
C ASP A 14 -23.90 0.22 -5.70
N TRP A 15 -24.10 -0.79 -4.86
CA TRP A 15 -24.66 -0.71 -3.51
C TRP A 15 -24.31 -1.97 -2.72
N ASP A 16 -23.64 -2.96 -3.33
CA ASP A 16 -23.27 -4.21 -2.65
C ASP A 16 -24.54 -4.97 -2.26
N GLU A 17 -25.52 -4.96 -3.17
CA GLU A 17 -26.89 -5.41 -3.01
C GLU A 17 -27.64 -4.70 -1.85
N ARG A 18 -27.02 -3.74 -1.15
CA ARG A 18 -27.42 -3.24 0.15
C ARG A 18 -27.88 -4.37 1.06
N ALA A 19 -27.08 -5.43 1.10
CA ALA A 19 -27.38 -6.69 1.78
C ALA A 19 -26.12 -7.36 2.33
N LYS A 20 -25.02 -6.62 2.40
CA LYS A 20 -23.66 -7.17 2.48
C LYS A 20 -22.87 -6.21 3.36
N ILE A 21 -22.17 -6.73 4.36
CA ILE A 21 -21.34 -5.94 5.29
C ILE A 21 -20.16 -6.79 5.74
N ASP A 22 -20.44 -8.01 6.22
CA ASP A 22 -19.49 -8.95 6.84
C ASP A 22 -19.70 -10.31 6.17
N ASP A 23 -19.79 -10.21 4.86
CA ASP A 23 -20.06 -11.24 3.88
C ASP A 23 -18.74 -11.85 3.38
N PRO A 24 -18.74 -13.06 2.77
CA PRO A 24 -17.52 -13.80 2.47
C PRO A 24 -16.75 -13.31 1.24
N THR A 25 -17.24 -12.27 0.57
CA THR A 25 -16.65 -11.73 -0.65
C THR A 25 -15.80 -10.48 -0.35
N ASP A 26 -15.33 -10.34 0.89
CA ASP A 26 -14.22 -9.47 1.29
C ASP A 26 -12.86 -10.00 0.79
N SER A 27 -12.84 -10.46 -0.47
CA SER A 27 -11.65 -10.71 -1.26
C SER A 27 -11.00 -9.37 -1.58
N LYS A 28 -10.22 -8.86 -0.63
CA LYS A 28 -9.25 -7.77 -0.78
C LYS A 28 -9.87 -6.37 -0.78
N PRO A 29 -9.94 -5.72 0.39
CA PRO A 29 -10.37 -4.33 0.49
C PRO A 29 -9.28 -3.41 -0.04
N GLU A 30 -9.61 -2.14 -0.32
CA GLU A 30 -8.68 -1.18 -0.91
C GLU A 30 -7.49 -0.83 -0.01
N ASP A 31 -7.51 -1.31 1.21
CA ASP A 31 -6.58 -0.99 2.27
C ASP A 31 -5.62 -2.14 2.51
N TRP A 32 -5.79 -3.28 1.83
CA TRP A 32 -4.87 -4.41 1.99
C TRP A 32 -3.64 -4.22 1.12
N ASP A 33 -3.81 -3.85 -0.15
CA ASP A 33 -2.72 -3.68 -1.13
C ASP A 33 -1.92 -2.42 -0.80
N LYS A 34 -0.94 -2.59 0.09
CA LYS A 34 0.02 -1.57 0.45
C LYS A 34 1.13 -1.55 -0.60
N PRO A 35 1.74 -0.39 -0.85
CA PRO A 35 2.94 -0.29 -1.65
C PRO A 35 4.10 -0.97 -0.92
N GLU A 36 4.95 -1.66 -1.68
CA GLU A 36 6.21 -2.22 -1.23
C GLU A 36 7.15 -1.09 -0.83
N HIS A 37 7.45 -0.16 -1.72
CA HIS A 37 8.44 0.89 -1.50
C HIS A 37 7.73 2.12 -0.98
N ILE A 38 8.03 2.50 0.26
CA ILE A 38 7.46 3.67 0.93
C ILE A 38 8.58 4.60 1.40
N PRO A 39 8.33 5.92 1.52
CA PRO A 39 9.37 6.85 1.93
C PRO A 39 9.71 6.57 3.40
N ASP A 40 11.01 6.60 3.73
CA ASP A 40 11.54 6.33 5.06
C ASP A 40 10.86 7.23 6.08
N PRO A 41 9.97 6.70 6.95
CA PRO A 41 9.23 7.50 7.90
C PRO A 41 10.11 7.86 9.10
N ASP A 42 11.23 7.18 9.29
CA ASP A 42 12.08 7.30 10.47
C ASP A 42 13.14 8.39 10.25
N ALA A 43 13.56 8.60 9.00
CA ALA A 43 14.30 9.78 8.60
C ALA A 43 13.35 10.98 8.53
N LYS A 44 13.84 12.19 8.84
CA LYS A 44 13.02 13.41 8.78
C LYS A 44 13.83 14.68 8.58
N LYS A 45 14.93 14.59 7.84
CA LYS A 45 16.01 15.54 7.72
C LYS A 45 16.88 15.47 8.98
N PRO A 46 18.18 15.15 8.85
CA PRO A 46 19.14 15.33 9.92
C PRO A 46 19.12 16.77 10.43
N GLU A 47 19.41 16.94 11.72
CA GLU A 47 19.76 18.24 12.30
C GLU A 47 20.94 18.84 11.53
N ASP A 48 21.74 17.96 10.92
CA ASP A 48 23.04 18.12 10.30
C ASP A 48 22.94 18.39 8.78
N TRP A 49 21.74 18.44 8.18
CA TRP A 49 21.62 18.59 6.73
C TRP A 49 21.80 20.06 6.31
N ASP A 50 22.39 20.28 5.14
CA ASP A 50 22.59 21.59 4.53
C ASP A 50 21.95 21.61 3.15
N GLU A 51 20.83 22.33 3.06
CA GLU A 51 20.06 22.48 1.84
C GLU A 51 20.69 23.43 0.83
N GLU A 52 21.85 23.99 1.15
CA GLU A 52 22.59 24.90 0.28
C GLU A 52 23.99 24.34 0.01
N MET A 53 24.28 23.12 0.50
CA MET A 53 25.49 22.38 0.17
C MET A 53 25.23 21.41 -0.97
N ASP A 54 24.16 20.62 -0.86
CA ASP A 54 23.76 19.65 -1.88
C ASP A 54 22.40 20.05 -2.45
N GLY A 55 21.48 20.48 -1.58
CA GLY A 55 20.12 20.84 -1.97
C GLY A 55 19.07 20.31 -1.00
N GLU A 56 17.79 20.50 -1.33
CA GLU A 56 16.68 20.09 -0.50
C GLU A 56 16.72 18.57 -0.29
N TRP A 57 16.12 18.13 0.81
CA TRP A 57 16.09 16.73 1.17
C TRP A 57 14.94 15.99 0.50
N GLU A 58 15.14 14.69 0.29
CA GLU A 58 14.11 13.69 0.09
C GLU A 58 14.55 12.47 0.89
N PRO A 59 13.67 11.81 1.66
CA PRO A 59 13.97 10.52 2.23
C PRO A 59 14.21 9.48 1.13
N PRO A 60 14.94 8.39 1.42
CA PRO A 60 14.98 7.24 0.52
C PRO A 60 13.63 6.51 0.53
N VAL A 61 13.41 5.61 -0.44
CA VAL A 61 12.24 4.75 -0.47
C VAL A 61 12.69 3.37 -0.03
N ILE A 62 12.22 2.92 1.13
CA ILE A 62 12.60 1.65 1.73
C ILE A 62 11.43 0.68 1.57
N GLN A 63 11.70 -0.63 1.67
CA GLN A 63 10.62 -1.59 1.55
C GLN A 63 9.86 -1.67 2.88
N ASN A 64 8.53 -1.63 2.79
CA ASN A 64 7.49 -1.56 3.81
C ASN A 64 7.72 -2.61 4.90
N PRO A 65 8.13 -2.25 6.12
CA PRO A 65 8.44 -3.21 7.16
C PRO A 65 7.19 -3.93 7.69
N GLU A 66 5.98 -3.54 7.27
CA GLU A 66 4.75 -4.27 7.48
C GLU A 66 4.49 -5.24 6.32
N TYR A 67 4.20 -4.73 5.11
CA TYR A 67 3.64 -5.42 3.94
C TYR A 67 2.82 -6.70 4.28
N LYS A 68 1.49 -6.57 4.43
CA LYS A 68 0.59 -7.69 4.73
C LYS A 68 0.77 -8.80 3.71
N GLY A 69 0.82 -8.40 2.44
CA GLY A 69 0.97 -9.24 1.29
C GLY A 69 -0.17 -10.22 1.19
N GLU A 70 0.08 -11.46 1.63
CA GLU A 70 -0.85 -12.55 1.40
C GLU A 70 -2.18 -12.24 2.08
N TRP A 71 -3.18 -11.88 1.29
CA TRP A 71 -4.55 -11.78 1.77
C TRP A 71 -5.05 -13.18 2.07
N LYS A 72 -5.96 -13.27 3.02
CA LYS A 72 -6.58 -14.52 3.45
C LYS A 72 -8.01 -14.17 3.85
N PRO A 73 -8.97 -15.10 3.78
CA PRO A 73 -10.35 -14.89 4.19
C PRO A 73 -10.46 -15.03 5.72
N ARG A 74 -9.53 -14.42 6.46
CA ARG A 74 -9.28 -14.65 7.88
C ARG A 74 -8.34 -13.54 8.37
N SER A 1 -16.36 9.33 9.32
CA SER A 1 -16.37 10.59 10.08
C SER A 1 -17.63 10.71 10.89
N LYS A 2 -17.55 11.49 11.98
CA LYS A 2 -18.61 12.31 12.58
C LYS A 2 -20.02 11.82 12.26
N LYS A 3 -20.50 10.83 13.02
CA LYS A 3 -21.81 10.18 12.89
C LYS A 3 -22.11 9.83 11.44
N ILE A 4 -21.73 8.61 11.08
CA ILE A 4 -22.08 7.94 9.84
C ILE A 4 -23.54 7.55 10.07
N LYS A 5 -24.42 8.47 9.78
CA LYS A 5 -25.87 8.24 9.75
C LYS A 5 -26.46 8.78 8.45
N ASP A 6 -27.45 8.04 7.93
CA ASP A 6 -27.68 7.77 6.52
C ASP A 6 -26.51 6.92 5.98
N PRO A 7 -26.74 5.98 5.05
CA PRO A 7 -25.68 5.17 4.49
C PRO A 7 -24.91 5.99 3.43
N ASP A 8 -24.07 6.91 3.92
CA ASP A 8 -23.17 7.76 3.19
C ASP A 8 -21.76 7.19 3.33
N ALA A 9 -21.38 6.46 2.29
CA ALA A 9 -20.09 5.80 2.11
C ALA A 9 -19.73 4.89 3.29
N ALA A 10 -20.23 3.66 3.22
CA ALA A 10 -20.06 2.53 4.12
C ALA A 10 -21.10 2.56 5.23
N LYS A 11 -22.05 1.63 5.19
CA LYS A 11 -23.13 1.56 6.16
C LYS A 11 -22.60 1.55 7.60
N PRO A 12 -23.40 2.05 8.54
CA PRO A 12 -23.05 2.12 9.95
C PRO A 12 -23.29 0.77 10.66
N GLU A 13 -22.87 -0.33 10.01
CA GLU A 13 -22.98 -1.73 10.45
C GLU A 13 -24.41 -2.18 10.73
N ASP A 14 -25.39 -1.35 10.37
CA ASP A 14 -26.65 -1.30 11.10
C ASP A 14 -27.72 -2.15 10.44
N TRP A 15 -27.68 -2.11 9.11
CA TRP A 15 -28.56 -2.84 8.22
C TRP A 15 -27.79 -3.88 7.42
N ASP A 16 -26.47 -3.92 7.59
CA ASP A 16 -25.47 -4.52 6.71
C ASP A 16 -25.92 -4.56 5.26
N GLU A 17 -26.04 -3.38 4.65
CA GLU A 17 -26.34 -3.22 3.24
C GLU A 17 -27.78 -3.63 2.90
N ARG A 18 -28.62 -3.63 3.92
CA ARG A 18 -30.03 -3.94 3.91
C ARG A 18 -30.27 -5.35 3.37
N ALA A 19 -29.26 -6.20 3.53
CA ALA A 19 -29.13 -7.56 3.05
C ALA A 19 -28.16 -8.25 4.01
N LYS A 20 -27.50 -9.34 3.58
CA LYS A 20 -26.34 -9.93 4.25
C LYS A 20 -26.72 -10.48 5.64
N ILE A 21 -25.79 -11.13 6.34
CA ILE A 21 -26.05 -11.90 7.55
C ILE A 21 -24.76 -12.05 8.37
N ASP A 22 -23.74 -12.66 7.77
CA ASP A 22 -22.49 -13.08 8.40
C ASP A 22 -21.35 -12.92 7.39
N ASP A 23 -21.61 -12.14 6.34
CA ASP A 23 -20.91 -12.25 5.07
C ASP A 23 -19.53 -11.60 5.19
N PRO A 24 -18.50 -12.14 4.53
CA PRO A 24 -17.12 -11.69 4.70
C PRO A 24 -16.74 -10.59 3.70
N THR A 25 -17.04 -10.81 2.41
CA THR A 25 -17.10 -9.91 1.24
C THR A 25 -16.11 -8.73 1.19
N ASP A 26 -14.89 -8.93 1.68
CA ASP A 26 -13.87 -7.91 1.91
C ASP A 26 -12.71 -8.31 1.01
N SER A 27 -12.98 -8.28 -0.29
CA SER A 27 -12.09 -8.65 -1.37
C SER A 27 -11.08 -7.52 -1.55
N LYS A 28 -10.09 -7.52 -0.65
CA LYS A 28 -9.05 -6.51 -0.48
C LYS A 28 -9.62 -5.23 0.13
N PRO A 29 -9.43 -5.01 1.44
CA PRO A 29 -9.89 -3.79 2.10
C PRO A 29 -8.98 -2.61 1.75
N GLU A 30 -9.39 -1.41 2.17
CA GLU A 30 -8.84 -0.12 1.83
C GLU A 30 -7.47 0.19 2.48
N ASP A 31 -6.89 -0.76 3.21
CA ASP A 31 -5.53 -0.61 3.75
C ASP A 31 -4.63 -1.84 3.57
N TRP A 32 -5.08 -2.89 2.87
CA TRP A 32 -4.24 -4.07 2.69
C TRP A 32 -3.12 -3.81 1.68
N ASP A 33 -3.44 -3.31 0.50
CA ASP A 33 -2.56 -3.15 -0.65
C ASP A 33 -1.66 -1.95 -0.40
N LYS A 34 -0.50 -2.23 0.17
CA LYS A 34 0.56 -1.25 0.45
C LYS A 34 1.75 -1.53 -0.44
N PRO A 35 2.47 -0.48 -0.87
CA PRO A 35 3.60 -0.65 -1.75
C PRO A 35 4.78 -1.27 -1.00
N GLU A 36 5.64 -1.91 -1.78
CA GLU A 36 6.78 -2.71 -1.36
C GLU A 36 7.86 -1.80 -0.76
N HIS A 37 8.11 -0.65 -1.39
CA HIS A 37 9.06 0.38 -0.95
C HIS A 37 8.28 1.58 -0.41
N ILE A 38 8.58 2.01 0.82
CA ILE A 38 7.99 3.15 1.50
C ILE A 38 9.11 4.05 2.09
N PRO A 39 8.92 5.36 2.23
CA PRO A 39 9.98 6.29 2.65
C PRO A 39 10.16 6.28 4.17
N ASP A 40 11.35 5.96 4.69
CA ASP A 40 11.67 5.69 6.09
C ASP A 40 10.90 6.63 7.01
N PRO A 41 9.90 6.14 7.76
CA PRO A 41 9.00 7.02 8.46
C PRO A 41 9.67 7.64 9.69
N ASP A 42 10.85 7.16 10.08
CA ASP A 42 11.60 7.81 11.17
C ASP A 42 12.51 8.93 10.64
N ALA A 43 12.78 8.91 9.33
CA ALA A 43 13.53 9.95 8.66
C ALA A 43 12.61 11.17 8.49
N LYS A 44 13.05 12.32 9.00
CA LYS A 44 12.24 13.55 8.99
C LYS A 44 13.10 14.78 8.73
N LYS A 45 14.13 14.62 7.89
CA LYS A 45 15.24 15.49 7.60
C LYS A 45 16.25 15.47 8.77
N PRO A 46 17.56 15.38 8.48
CA PRO A 46 18.67 15.48 9.43
C PRO A 46 18.64 16.65 10.41
N GLU A 47 19.71 16.66 11.20
CA GLU A 47 20.05 17.58 12.28
C GLU A 47 19.95 19.05 11.89
N ASP A 48 20.14 19.38 10.62
CA ASP A 48 19.29 20.37 9.95
C ASP A 48 19.22 20.15 8.42
N TRP A 49 20.00 19.18 7.90
CA TRP A 49 20.39 19.03 6.49
C TRP A 49 21.07 20.31 5.94
N ASP A 50 21.41 20.31 4.64
CA ASP A 50 22.08 21.38 3.92
C ASP A 50 21.45 21.45 2.54
N GLU A 51 20.54 22.41 2.33
CA GLU A 51 19.83 22.52 1.07
C GLU A 51 20.69 23.12 -0.05
N GLU A 52 21.78 23.80 0.29
CA GLU A 52 22.71 24.30 -0.73
C GLU A 52 23.64 23.17 -1.20
N MET A 53 23.76 22.09 -0.42
CA MET A 53 24.68 21.00 -0.72
C MET A 53 24.09 20.01 -1.71
N ASP A 54 22.83 19.64 -1.53
CA ASP A 54 22.20 18.55 -2.28
C ASP A 54 20.83 18.96 -2.82
N GLY A 55 20.35 20.16 -2.48
CA GLY A 55 18.97 20.56 -2.71
C GLY A 55 18.11 20.04 -1.57
N GLU A 56 16.79 20.06 -1.75
CA GLU A 56 15.83 19.61 -0.75
C GLU A 56 16.10 18.14 -0.38
N TRP A 57 15.86 17.83 0.89
CA TRP A 57 16.01 16.52 1.46
C TRP A 57 15.00 15.52 0.89
N GLU A 58 15.53 14.35 0.52
CA GLU A 58 14.77 13.14 0.26
C GLU A 58 14.99 12.14 1.40
N PRO A 59 13.92 11.51 1.92
CA PRO A 59 14.04 10.28 2.69
C PRO A 59 14.60 9.13 1.85
N PRO A 60 15.20 8.10 2.49
CA PRO A 60 15.46 6.82 1.85
C PRO A 60 14.18 6.00 1.77
N VAL A 61 14.06 5.11 0.78
CA VAL A 61 12.94 4.20 0.64
C VAL A 61 13.41 2.86 1.20
N ILE A 62 12.62 2.27 2.08
CA ILE A 62 12.89 1.05 2.82
C ILE A 62 11.82 0.02 2.45
N GLN A 63 12.06 -1.26 2.74
CA GLN A 63 11.06 -2.29 2.53
C GLN A 63 9.96 -2.06 3.58
N ASN A 64 8.69 -2.12 3.16
CA ASN A 64 7.54 -2.12 4.05
C ASN A 64 7.74 -3.13 5.17
N PRO A 65 7.73 -2.73 6.45
CA PRO A 65 7.97 -3.67 7.53
C PRO A 65 6.89 -4.76 7.56
N GLU A 66 5.70 -4.49 6.99
CA GLU A 66 4.70 -5.51 6.71
C GLU A 66 4.08 -5.30 5.35
N TYR A 67 4.88 -5.60 4.32
CA TYR A 67 4.33 -5.97 3.01
C TYR A 67 3.76 -7.38 3.11
N LYS A 68 2.44 -7.49 3.25
CA LYS A 68 1.75 -8.78 3.34
C LYS A 68 1.82 -9.56 2.02
N GLY A 69 2.22 -8.93 0.92
CA GLY A 69 2.57 -9.62 -0.31
C GLY A 69 1.36 -9.78 -1.22
N GLU A 70 0.31 -10.45 -0.75
CA GLU A 70 -0.96 -10.60 -1.43
C GLU A 70 -2.06 -10.72 -0.36
N TRP A 71 -3.29 -10.40 -0.72
CA TRP A 71 -4.51 -10.66 0.04
C TRP A 71 -5.18 -11.94 -0.44
N LYS A 72 -5.90 -12.58 0.48
CA LYS A 72 -6.67 -13.76 0.22
C LYS A 72 -7.88 -13.78 1.13
N PRO A 73 -9.01 -14.35 0.70
CA PRO A 73 -10.17 -14.53 1.54
C PRO A 73 -9.91 -15.72 2.47
N ARG A 74 -9.39 -15.42 3.66
CA ARG A 74 -9.28 -16.35 4.79
C ARG A 74 -8.58 -17.63 4.36
N SER A 1 -1.84 -4.44 35.58
CA SER A 1 -1.02 -5.17 34.60
C SER A 1 -1.76 -5.57 33.32
N LYS A 2 -3.10 -5.69 33.34
CA LYS A 2 -4.03 -5.80 32.21
C LYS A 2 -3.39 -6.37 30.96
N LYS A 3 -3.28 -7.70 30.94
CA LYS A 3 -2.74 -8.46 29.82
C LYS A 3 -3.82 -8.54 28.74
N ILE A 4 -3.74 -9.55 27.87
CA ILE A 4 -4.54 -9.70 26.67
C ILE A 4 -4.29 -8.45 25.79
N LYS A 5 -3.01 -8.02 25.73
CA LYS A 5 -2.57 -6.79 25.10
C LYS A 5 -3.52 -5.64 25.46
N ASP A 6 -4.04 -4.99 24.44
CA ASP A 6 -5.04 -3.95 24.48
C ASP A 6 -6.10 -4.38 23.47
N PRO A 7 -7.40 -4.07 23.67
CA PRO A 7 -8.47 -4.53 22.80
C PRO A 7 -8.45 -3.88 21.41
N ASP A 8 -7.53 -2.95 21.16
CA ASP A 8 -7.30 -2.27 19.90
C ASP A 8 -6.70 -3.27 18.90
N ALA A 9 -7.58 -4.02 18.25
CA ALA A 9 -7.34 -4.89 17.12
C ALA A 9 -6.52 -6.15 17.43
N ALA A 10 -6.32 -6.50 18.71
CA ALA A 10 -5.42 -7.56 19.13
C ALA A 10 -6.04 -8.51 20.17
N LYS A 11 -7.35 -8.80 20.09
CA LYS A 11 -8.13 -9.50 21.13
C LYS A 11 -8.39 -10.99 20.81
N PRO A 12 -7.49 -11.95 21.12
CA PRO A 12 -7.62 -13.35 20.71
C PRO A 12 -8.61 -14.16 21.57
N GLU A 13 -9.78 -13.60 21.87
CA GLU A 13 -10.84 -14.21 22.66
C GLU A 13 -12.23 -13.77 22.24
N ASP A 14 -12.34 -12.63 21.55
CA ASP A 14 -13.64 -12.09 21.10
C ASP A 14 -13.65 -11.72 19.62
N TRP A 15 -12.47 -11.58 18.99
CA TRP A 15 -12.40 -11.40 17.55
C TRP A 15 -12.95 -12.61 16.79
N ASP A 16 -12.89 -13.81 17.37
CA ASP A 16 -13.24 -15.10 16.76
C ASP A 16 -12.59 -15.28 15.39
N GLU A 17 -11.27 -15.04 15.31
CA GLU A 17 -10.49 -15.08 14.05
C GLU A 17 -11.06 -14.09 13.01
N ARG A 18 -11.74 -13.05 13.50
CA ARG A 18 -12.37 -11.95 12.77
C ARG A 18 -13.55 -12.42 11.92
N ALA A 19 -14.01 -13.65 12.15
CA ALA A 19 -15.04 -14.35 11.41
C ALA A 19 -14.68 -14.50 9.93
N LYS A 20 -13.42 -14.83 9.64
CA LYS A 20 -12.91 -15.07 8.30
C LYS A 20 -11.78 -16.09 8.37
N ILE A 21 -11.76 -17.05 7.45
CA ILE A 21 -10.72 -18.07 7.38
C ILE A 21 -10.30 -18.18 5.92
N ASP A 22 -10.98 -19.02 5.12
CA ASP A 22 -10.63 -19.34 3.73
C ASP A 22 -11.38 -18.43 2.74
N ASP A 23 -11.87 -17.30 3.23
CA ASP A 23 -12.99 -16.53 2.71
C ASP A 23 -12.73 -15.88 1.34
N PRO A 24 -13.31 -16.43 0.26
CA PRO A 24 -12.89 -16.12 -1.10
C PRO A 24 -13.50 -14.83 -1.65
N THR A 25 -14.59 -14.38 -1.05
CA THR A 25 -15.21 -13.10 -1.35
C THR A 25 -14.32 -11.96 -0.89
N ASP A 26 -13.58 -12.16 0.21
CA ASP A 26 -12.74 -11.12 0.81
C ASP A 26 -11.35 -11.22 0.22
N SER A 27 -11.32 -11.39 -1.10
CA SER A 27 -10.13 -11.31 -1.91
C SER A 27 -9.63 -9.89 -1.78
N LYS A 28 -8.67 -9.71 -0.87
CA LYS A 28 -8.06 -8.47 -0.45
C LYS A 28 -9.06 -7.53 0.21
N PRO A 29 -9.06 -7.44 1.55
CA PRO A 29 -9.84 -6.41 2.22
C PRO A 29 -9.12 -5.07 2.06
N GLU A 30 -9.86 -4.01 2.33
CA GLU A 30 -9.47 -2.62 2.09
C GLU A 30 -8.45 -2.08 3.10
N ASP A 31 -8.11 -2.86 4.12
CA ASP A 31 -7.04 -2.52 5.05
C ASP A 31 -5.70 -3.08 4.55
N TRP A 32 -5.72 -4.21 3.83
CA TRP A 32 -4.53 -4.95 3.41
C TRP A 32 -3.67 -4.15 2.46
N ASP A 33 -4.30 -3.31 1.64
CA ASP A 33 -3.69 -2.79 0.42
C ASP A 33 -2.75 -1.60 0.72
N LYS A 34 -1.64 -1.92 1.40
CA LYS A 34 -0.63 -0.96 1.78
C LYS A 34 0.15 -0.52 0.53
N PRO A 35 0.66 0.71 0.52
CA PRO A 35 1.60 1.13 -0.50
C PRO A 35 2.87 0.27 -0.40
N GLU A 36 3.53 0.17 -1.55
CA GLU A 36 4.73 -0.61 -1.80
C GLU A 36 5.90 0.14 -1.17
N HIS A 37 6.37 1.16 -1.89
CA HIS A 37 7.45 2.03 -1.49
C HIS A 37 6.80 3.19 -0.75
N ILE A 38 7.30 3.54 0.43
CA ILE A 38 6.83 4.69 1.18
C ILE A 38 8.00 5.64 1.47
N PRO A 39 7.75 6.97 1.47
CA PRO A 39 8.78 7.95 1.75
C PRO A 39 9.04 7.94 3.26
N ASP A 40 10.27 7.61 3.66
CA ASP A 40 10.66 7.27 5.01
C ASP A 40 10.10 8.28 6.02
N PRO A 41 9.11 7.92 6.85
CA PRO A 41 8.54 8.83 7.82
C PRO A 41 9.38 8.92 9.09
N ASP A 42 10.37 8.02 9.27
CA ASP A 42 11.30 8.10 10.39
C ASP A 42 12.17 9.32 10.21
N ALA A 43 12.63 9.57 8.98
CA ALA A 43 13.55 10.64 8.65
C ALA A 43 12.78 11.85 8.08
N LYS A 44 13.18 13.07 8.39
CA LYS A 44 12.50 14.30 7.96
C LYS A 44 13.48 15.46 7.71
N LYS A 45 14.68 15.15 7.24
CA LYS A 45 15.88 15.97 7.13
C LYS A 45 16.43 16.18 8.55
N PRO A 46 17.73 15.92 8.77
CA PRO A 46 18.43 16.27 10.01
C PRO A 46 18.53 17.79 10.13
N GLU A 47 18.61 18.34 11.34
CA GLU A 47 18.92 19.74 11.55
C GLU A 47 20.42 20.04 11.33
N ASP A 48 21.21 18.99 11.13
CA ASP A 48 22.60 19.00 10.75
C ASP A 48 22.75 18.88 9.24
N TRP A 49 21.64 18.81 8.48
CA TRP A 49 21.74 18.77 7.02
C TRP A 49 22.30 20.12 6.53
N ASP A 50 22.75 20.12 5.28
CA ASP A 50 23.28 21.28 4.57
C ASP A 50 22.98 21.03 3.10
N GLU A 51 22.02 21.79 2.55
CA GLU A 51 21.58 21.68 1.16
C GLU A 51 22.58 22.26 0.16
N GLU A 52 23.53 23.07 0.60
CA GLU A 52 24.63 23.53 -0.26
C GLU A 52 25.76 22.49 -0.28
N MET A 53 25.76 21.54 0.67
CA MET A 53 26.77 20.50 0.80
C MET A 53 26.36 19.23 0.05
N ASP A 54 25.15 18.73 0.30
CA ASP A 54 24.68 17.44 -0.23
C ASP A 54 23.51 17.60 -1.21
N GLY A 55 23.01 18.84 -1.39
CA GLY A 55 21.79 19.10 -2.13
C GLY A 55 20.57 18.73 -1.32
N GLU A 56 19.40 18.86 -1.96
CA GLU A 56 18.11 18.74 -1.32
C GLU A 56 17.96 17.36 -0.69
N TRP A 57 17.77 17.37 0.63
CA TRP A 57 17.44 16.16 1.35
C TRP A 57 16.16 15.59 0.77
N GLU A 58 16.19 14.31 0.44
CA GLU A 58 15.02 13.50 0.20
C GLU A 58 15.08 12.38 1.23
N PRO A 59 13.94 11.89 1.72
CA PRO A 59 13.91 10.61 2.36
C PRO A 59 14.23 9.53 1.32
N PRO A 60 14.77 8.38 1.73
CA PRO A 60 14.72 7.18 0.94
C PRO A 60 13.27 6.70 0.81
N VAL A 61 13.06 5.63 0.04
CA VAL A 61 11.74 5.05 -0.14
C VAL A 61 11.85 3.60 0.25
N ILE A 62 11.29 3.25 1.40
CA ILE A 62 11.48 1.95 2.01
C ILE A 62 10.27 1.07 1.65
N GLN A 63 10.41 -0.24 1.83
CA GLN A 63 9.28 -1.14 1.67
C GLN A 63 8.56 -1.22 3.01
N ASN A 64 7.71 -0.20 3.18
CA ASN A 64 6.58 0.03 4.06
C ASN A 64 6.80 -0.48 5.51
N PRO A 65 5.79 -0.44 6.39
CA PRO A 65 5.86 -1.13 7.68
C PRO A 65 5.78 -2.65 7.53
N GLU A 66 4.75 -3.16 6.84
CA GLU A 66 4.46 -4.59 6.78
C GLU A 66 3.70 -4.94 5.50
N TYR A 67 4.33 -4.71 4.36
CA TYR A 67 3.85 -5.03 3.01
C TYR A 67 3.56 -6.53 3.00
N LYS A 68 2.28 -6.90 3.09
CA LYS A 68 1.84 -8.27 3.36
C LYS A 68 1.93 -9.03 2.06
N GLY A 69 3.17 -9.41 1.70
CA GLY A 69 3.57 -9.92 0.41
C GLY A 69 2.73 -11.10 0.01
N GLU A 70 1.84 -10.88 -0.95
CA GLU A 70 0.75 -11.68 -1.45
C GLU A 70 -0.33 -11.86 -0.38
N TRP A 71 -1.53 -11.36 -0.69
CA TRP A 71 -2.76 -11.67 0.02
C TRP A 71 -3.07 -13.14 -0.15
N LYS A 72 -3.66 -13.72 0.89
CA LYS A 72 -4.06 -15.11 0.90
C LYS A 72 -5.32 -15.23 1.76
N PRO A 73 -6.15 -16.25 1.54
CA PRO A 73 -7.31 -16.53 2.36
C PRO A 73 -6.86 -17.31 3.62
N ARG A 74 -6.10 -16.67 4.52
CA ARG A 74 -5.57 -17.26 5.74
C ARG A 74 -4.79 -16.21 6.50
N SER A 1 -25.89 -35.39 -2.24
CA SER A 1 -26.38 -35.60 -3.61
C SER A 1 -26.59 -34.27 -4.27
N LYS A 2 -26.11 -34.11 -5.52
CA LYS A 2 -25.76 -32.83 -6.13
C LYS A 2 -24.73 -32.11 -5.24
N LYS A 3 -24.34 -30.94 -5.70
CA LYS A 3 -23.62 -29.89 -4.96
C LYS A 3 -24.27 -28.57 -5.37
N ILE A 4 -23.96 -27.48 -4.66
CA ILE A 4 -24.34 -26.11 -5.01
C ILE A 4 -23.05 -25.27 -4.94
N LYS A 5 -21.96 -25.81 -5.49
CA LYS A 5 -20.68 -25.13 -5.52
C LYS A 5 -20.78 -24.04 -6.59
N ASP A 6 -20.89 -22.80 -6.16
CA ASP A 6 -20.74 -21.61 -6.97
C ASP A 6 -19.38 -21.68 -7.69
N PRO A 7 -19.30 -21.30 -8.99
CA PRO A 7 -18.05 -21.26 -9.74
C PRO A 7 -17.29 -19.97 -9.39
N ASP A 8 -17.00 -19.80 -8.11
CA ASP A 8 -16.48 -18.58 -7.53
C ASP A 8 -15.08 -18.85 -7.09
N ALA A 9 -14.19 -18.27 -7.86
CA ALA A 9 -12.76 -18.42 -7.86
C ALA A 9 -12.39 -19.88 -8.05
N ALA A 10 -12.62 -20.38 -9.25
CA ALA A 10 -12.60 -21.77 -9.64
C ALA A 10 -12.44 -21.83 -11.17
N LYS A 11 -12.99 -22.90 -11.76
CA LYS A 11 -12.93 -23.26 -13.18
C LYS A 11 -11.66 -22.79 -13.91
N PRO A 12 -10.45 -23.18 -13.45
CA PRO A 12 -9.20 -22.80 -14.09
C PRO A 12 -9.07 -23.54 -15.43
N GLU A 13 -9.75 -22.97 -16.42
CA GLU A 13 -9.89 -23.31 -17.82
C GLU A 13 -10.67 -22.15 -18.45
N ASP A 14 -11.84 -21.84 -17.89
CA ASP A 14 -12.88 -21.00 -18.50
C ASP A 14 -12.94 -19.61 -17.88
N TRP A 15 -12.49 -19.46 -16.63
CA TRP A 15 -12.58 -18.17 -15.95
C TRP A 15 -11.59 -17.15 -16.48
N ASP A 16 -10.46 -17.62 -17.02
CA ASP A 16 -9.32 -16.92 -17.59
C ASP A 16 -8.88 -15.63 -16.91
N GLU A 17 -9.14 -15.52 -15.60
CA GLU A 17 -8.93 -14.31 -14.81
C GLU A 17 -9.64 -13.09 -15.44
N ARG A 18 -10.76 -13.35 -16.11
CA ARG A 18 -11.72 -12.38 -16.63
C ARG A 18 -13.16 -12.71 -16.25
N ALA A 19 -13.33 -13.76 -15.47
CA ALA A 19 -14.63 -14.09 -14.87
C ALA A 19 -15.06 -12.99 -13.88
N LYS A 20 -16.06 -13.28 -13.04
CA LYS A 20 -16.69 -12.36 -12.11
C LYS A 20 -17.38 -11.25 -12.89
N ILE A 21 -18.62 -11.51 -13.32
CA ILE A 21 -19.39 -10.67 -14.21
C ILE A 21 -19.54 -9.24 -13.66
N ASP A 22 -19.50 -9.10 -12.35
CA ASP A 22 -19.74 -7.90 -11.55
C ASP A 22 -18.58 -7.73 -10.55
N ASP A 23 -17.43 -8.30 -10.91
CA ASP A 23 -16.14 -8.21 -10.24
C ASP A 23 -16.18 -8.91 -8.87
N PRO A 24 -15.03 -9.14 -8.20
CA PRO A 24 -15.01 -9.83 -6.92
C PRO A 24 -15.57 -8.95 -5.83
N THR A 25 -14.95 -7.77 -5.67
CA THR A 25 -15.08 -6.78 -4.61
C THR A 25 -14.48 -7.31 -3.31
N ASP A 26 -14.82 -8.55 -2.97
CA ASP A 26 -14.47 -9.22 -1.74
C ASP A 26 -13.17 -10.01 -1.91
N SER A 27 -12.21 -9.34 -2.51
CA SER A 27 -10.83 -9.75 -2.66
C SER A 27 -9.99 -8.49 -2.71
N LYS A 28 -9.28 -8.22 -1.62
CA LYS A 28 -8.34 -7.11 -1.45
C LYS A 28 -9.03 -5.76 -1.62
N PRO A 29 -9.54 -5.17 -0.53
CA PRO A 29 -10.09 -3.83 -0.58
C PRO A 29 -8.94 -2.84 -0.73
N GLU A 30 -9.26 -1.61 -1.10
CA GLU A 30 -8.36 -0.47 -1.28
C GLU A 30 -7.87 0.13 0.05
N ASP A 31 -7.78 -0.71 1.08
CA ASP A 31 -6.92 -0.45 2.23
C ASP A 31 -5.79 -1.45 2.36
N TRP A 32 -6.00 -2.67 1.87
CA TRP A 32 -5.06 -3.76 2.08
C TRP A 32 -3.82 -3.60 1.19
N ASP A 33 -3.98 -2.84 0.11
CA ASP A 33 -3.03 -2.57 -0.95
C ASP A 33 -1.93 -1.61 -0.48
N LYS A 34 -1.26 -1.93 0.62
CA LYS A 34 -0.22 -1.06 1.16
C LYS A 34 0.95 -1.02 0.17
N PRO A 35 1.65 0.13 0.10
CA PRO A 35 2.72 0.31 -0.85
C PRO A 35 3.92 -0.55 -0.42
N GLU A 36 4.63 -1.03 -1.43
CA GLU A 36 5.83 -1.85 -1.29
C GLU A 36 6.97 -0.97 -0.78
N HIS A 37 7.07 0.23 -1.33
CA HIS A 37 8.08 1.24 -1.03
C HIS A 37 7.45 2.23 -0.04
N ILE A 38 8.00 2.29 1.18
CA ILE A 38 7.66 3.31 2.18
C ILE A 38 8.88 4.18 2.51
N PRO A 39 8.75 5.52 2.48
CA PRO A 39 9.88 6.40 2.69
C PRO A 39 10.27 6.33 4.17
N ASP A 40 11.55 6.13 4.46
CA ASP A 40 12.04 5.64 5.75
C ASP A 40 11.44 6.44 6.91
N PRO A 41 10.66 5.79 7.81
CA PRO A 41 10.08 6.48 8.94
C PRO A 41 11.12 6.85 10.01
N ASP A 42 12.35 6.36 9.96
CA ASP A 42 13.35 6.75 10.97
C ASP A 42 13.97 8.11 10.66
N ALA A 43 14.26 8.39 9.39
CA ALA A 43 14.89 9.61 8.95
C ALA A 43 13.85 10.71 8.76
N LYS A 44 14.09 11.94 9.24
CA LYS A 44 13.16 13.07 9.17
C LYS A 44 13.87 14.39 8.84
N LYS A 45 14.87 14.36 7.95
CA LYS A 45 15.79 15.39 7.53
C LYS A 45 16.77 15.70 8.66
N PRO A 46 18.07 15.42 8.50
CA PRO A 46 19.03 15.65 9.55
C PRO A 46 19.05 17.11 10.00
N GLU A 47 19.45 17.34 11.24
CA GLU A 47 19.74 18.67 11.77
C GLU A 47 21.07 19.20 11.17
N ASP A 48 21.87 18.29 10.62
CA ASP A 48 23.10 18.50 9.86
C ASP A 48 22.89 18.59 8.34
N TRP A 49 21.65 18.67 7.85
CA TRP A 49 21.40 18.91 6.42
C TRP A 49 21.69 20.36 6.00
N ASP A 50 21.93 20.57 4.70
CA ASP A 50 22.12 21.88 4.09
C ASP A 50 21.50 21.87 2.68
N GLU A 51 20.35 22.53 2.54
CA GLU A 51 19.57 22.62 1.31
C GLU A 51 20.13 23.60 0.28
N GLU A 52 21.16 24.36 0.63
CA GLU A 52 21.90 25.21 -0.32
C GLU A 52 23.25 24.56 -0.70
N MET A 53 23.62 23.44 -0.08
CA MET A 53 24.90 22.77 -0.33
C MET A 53 24.68 21.48 -1.09
N ASP A 54 23.84 20.58 -0.56
CA ASP A 54 23.51 19.31 -1.18
C ASP A 54 22.25 19.55 -2.03
N GLY A 55 21.25 20.19 -1.44
CA GLY A 55 19.97 20.51 -2.06
C GLY A 55 18.84 19.88 -1.30
N GLU A 56 17.65 19.85 -1.88
CA GLU A 56 16.47 19.35 -1.21
C GLU A 56 16.67 17.90 -0.75
N TRP A 57 16.42 17.67 0.54
CA TRP A 57 16.46 16.35 1.13
C TRP A 57 15.20 15.57 0.75
N GLU A 58 15.33 14.26 0.71
CA GLU A 58 14.24 13.32 0.63
C GLU A 58 14.63 12.13 1.50
N PRO A 59 13.72 11.60 2.32
CA PRO A 59 13.93 10.32 2.94
C PRO A 59 13.98 9.26 1.85
N PRO A 60 14.98 8.37 1.87
CA PRO A 60 15.01 7.25 0.95
C PRO A 60 13.82 6.34 1.24
N VAL A 61 13.28 5.72 0.21
CA VAL A 61 12.41 4.60 0.43
C VAL A 61 13.23 3.33 0.59
N ILE A 62 12.66 2.43 1.39
CA ILE A 62 13.08 1.11 1.76
C ILE A 62 11.89 0.19 1.49
N GLN A 63 12.12 -1.11 1.55
CA GLN A 63 11.04 -2.07 1.44
C GLN A 63 10.22 -2.06 2.73
N ASN A 64 8.90 -1.95 2.59
CA ASN A 64 7.89 -2.09 3.62
C ASN A 64 8.15 -3.38 4.40
N PRO A 65 8.64 -3.31 5.66
CA PRO A 65 9.06 -4.50 6.39
C PRO A 65 7.86 -5.29 6.91
N GLU A 66 6.62 -4.78 6.77
CA GLU A 66 5.43 -5.50 7.19
C GLU A 66 4.54 -5.90 6.01
N TYR A 67 4.50 -5.14 4.89
CA TYR A 67 3.85 -5.52 3.61
C TYR A 67 2.76 -6.58 3.75
N LYS A 68 1.51 -6.17 4.00
CA LYS A 68 0.43 -7.10 4.37
C LYS A 68 0.38 -8.30 3.42
N GLY A 69 0.42 -8.00 2.12
CA GLY A 69 0.74 -8.96 1.07
C GLY A 69 -0.34 -10.00 0.93
N GLU A 70 -0.16 -11.16 1.55
CA GLU A 70 -1.10 -12.27 1.50
C GLU A 70 -2.40 -11.83 2.16
N TRP A 71 -3.34 -11.35 1.36
CA TRP A 71 -4.69 -10.98 1.75
C TRP A 71 -5.48 -12.25 1.99
N LYS A 72 -6.46 -12.16 2.89
CA LYS A 72 -7.30 -13.30 3.18
C LYS A 72 -8.69 -12.79 3.57
N PRO A 73 -9.74 -13.58 3.34
CA PRO A 73 -11.07 -13.22 3.79
C PRO A 73 -11.19 -13.55 5.28
N ARG A 74 -10.63 -12.69 6.11
CA ARG A 74 -10.60 -12.80 7.55
C ARG A 74 -10.28 -11.38 8.02
N SER A 1 4.60 -27.03 20.94
CA SER A 1 3.76 -26.50 19.85
C SER A 1 2.61 -27.45 19.58
N LYS A 2 2.87 -28.68 19.10
CA LYS A 2 1.89 -29.59 18.54
C LYS A 2 1.20 -28.85 17.40
N LYS A 3 -0.03 -29.26 17.13
CA LYS A 3 -0.92 -28.68 16.13
C LYS A 3 -1.04 -27.17 16.39
N ILE A 4 -1.28 -26.37 15.36
CA ILE A 4 -0.99 -24.94 15.38
C ILE A 4 -2.16 -24.11 15.98
N LYS A 5 -2.97 -24.68 16.89
CA LYS A 5 -4.18 -24.06 17.46
C LYS A 5 -5.13 -23.61 16.35
N ASP A 6 -5.72 -24.63 15.71
CA ASP A 6 -6.61 -24.64 14.56
C ASP A 6 -5.85 -24.30 13.26
N PRO A 7 -6.48 -24.39 12.08
CA PRO A 7 -5.99 -23.74 10.87
C PRO A 7 -6.11 -22.24 11.00
N ASP A 8 -7.28 -21.72 10.72
CA ASP A 8 -7.73 -20.32 10.68
C ASP A 8 -6.58 -19.35 10.42
N ALA A 9 -6.26 -19.25 9.14
CA ALA A 9 -5.23 -18.45 8.51
C ALA A 9 -3.87 -19.15 8.38
N ALA A 10 -3.78 -20.40 8.82
CA ALA A 10 -2.55 -21.20 8.84
C ALA A 10 -2.85 -22.70 8.73
N LYS A 11 -3.33 -23.15 7.57
CA LYS A 11 -3.43 -24.57 7.28
C LYS A 11 -2.04 -25.21 7.32
N PRO A 12 -1.93 -26.49 7.68
CA PRO A 12 -0.69 -27.26 7.58
C PRO A 12 -0.48 -27.75 6.13
N GLU A 13 -0.69 -26.86 5.16
CA GLU A 13 -0.75 -27.08 3.70
C GLU A 13 -1.74 -28.18 3.24
N ASP A 14 -2.42 -28.85 4.15
CA ASP A 14 -2.74 -30.27 4.04
C ASP A 14 -3.87 -30.44 3.03
N TRP A 15 -4.90 -29.68 3.32
CA TRP A 15 -6.15 -29.57 2.61
C TRP A 15 -6.09 -28.51 1.51
N ASP A 16 -5.00 -27.75 1.42
CA ASP A 16 -4.84 -26.47 0.75
C ASP A 16 -6.10 -25.64 0.86
N GLU A 17 -6.29 -25.06 2.05
CA GLU A 17 -7.41 -24.22 2.42
C GLU A 17 -8.73 -24.97 2.47
N ARG A 18 -8.67 -26.29 2.32
CA ARG A 18 -9.80 -27.17 2.06
C ARG A 18 -10.56 -26.59 0.88
N ALA A 19 -9.81 -26.43 -0.20
CA ALA A 19 -10.28 -26.16 -1.56
C ALA A 19 -11.29 -25.02 -1.59
N LYS A 20 -10.82 -23.78 -1.67
CA LYS A 20 -11.66 -22.59 -1.70
C LYS A 20 -11.47 -21.91 -3.03
N ILE A 21 -12.57 -21.65 -3.73
CA ILE A 21 -12.61 -20.84 -4.94
C ILE A 21 -13.63 -19.71 -4.79
N ASP A 22 -14.64 -19.91 -3.94
CA ASP A 22 -15.70 -18.95 -3.68
C ASP A 22 -15.14 -17.64 -3.12
N ASP A 23 -15.39 -16.57 -3.86
CA ASP A 23 -14.92 -15.23 -3.59
C ASP A 23 -16.05 -14.19 -3.70
N PRO A 24 -16.16 -13.24 -2.75
CA PRO A 24 -17.25 -12.26 -2.64
C PRO A 24 -16.95 -10.87 -3.22
N THR A 25 -15.71 -10.58 -3.61
CA THR A 25 -15.05 -9.32 -3.96
C THR A 25 -14.28 -8.72 -2.79
N ASP A 26 -14.49 -9.20 -1.56
CA ASP A 26 -13.71 -8.81 -0.38
C ASP A 26 -12.33 -9.50 -0.34
N SER A 27 -11.76 -9.89 -1.49
CA SER A 27 -10.37 -10.24 -1.70
C SER A 27 -9.49 -8.99 -1.61
N LYS A 28 -9.61 -8.32 -0.47
CA LYS A 28 -8.86 -7.17 -0.01
C LYS A 28 -9.28 -5.86 -0.72
N PRO A 29 -9.27 -4.74 0.01
CA PRO A 29 -9.58 -3.43 -0.52
C PRO A 29 -8.34 -2.78 -1.15
N GLU A 30 -8.55 -1.62 -1.78
CA GLU A 30 -7.53 -0.73 -2.33
C GLU A 30 -6.63 -0.11 -1.26
N ASP A 31 -6.75 -0.54 0.01
CA ASP A 31 -5.96 -0.01 1.13
C ASP A 31 -5.30 -1.11 1.98
N TRP A 32 -5.51 -2.40 1.69
CA TRP A 32 -4.81 -3.50 2.36
C TRP A 32 -3.43 -3.68 1.76
N ASP A 33 -3.33 -3.68 0.42
CA ASP A 33 -2.11 -3.94 -0.31
C ASP A 33 -1.20 -2.74 -0.14
N LYS A 34 -0.52 -2.69 1.00
CA LYS A 34 0.35 -1.56 1.30
C LYS A 34 1.34 -1.38 0.16
N PRO A 35 1.74 -0.13 -0.12
CA PRO A 35 2.85 0.10 -1.01
C PRO A 35 4.01 -0.78 -0.55
N GLU A 36 4.59 -1.54 -1.48
CA GLU A 36 5.79 -2.30 -1.21
C GLU A 36 6.87 -1.32 -0.75
N HIS A 37 6.94 -0.18 -1.44
CA HIS A 37 7.90 0.89 -1.19
C HIS A 37 7.20 2.04 -0.46
N ILE A 38 7.62 2.31 0.78
CA ILE A 38 7.15 3.42 1.61
C ILE A 38 8.29 4.40 1.89
N PRO A 39 8.02 5.70 2.08
CA PRO A 39 9.07 6.69 2.26
C PRO A 39 9.63 6.52 3.68
N ASP A 40 10.96 6.42 3.82
CA ASP A 40 11.66 6.11 5.05
C ASP A 40 11.16 7.01 6.18
N PRO A 41 10.40 6.48 7.16
CA PRO A 41 9.81 7.31 8.21
C PRO A 41 10.84 7.65 9.29
N ASP A 42 11.98 6.94 9.32
CA ASP A 42 12.98 6.98 10.38
C ASP A 42 14.18 7.85 9.96
N ALA A 43 14.27 8.25 8.69
CA ALA A 43 14.96 9.47 8.32
C ALA A 43 13.89 10.56 8.16
N LYS A 44 14.19 11.82 8.51
CA LYS A 44 13.22 12.92 8.38
C LYS A 44 13.87 14.26 8.11
N LYS A 45 14.97 14.24 7.36
CA LYS A 45 15.97 15.26 7.14
C LYS A 45 16.84 15.35 8.38
N PRO A 46 18.17 15.23 8.23
CA PRO A 46 19.08 15.37 9.35
C PRO A 46 18.94 16.75 9.99
N GLU A 47 19.37 16.85 11.25
CA GLU A 47 19.60 18.12 11.93
C GLU A 47 20.64 18.93 11.16
N ASP A 48 21.56 18.19 10.54
CA ASP A 48 22.77 18.58 9.84
C ASP A 48 22.47 19.14 8.44
N TRP A 49 21.23 19.02 7.95
CA TRP A 49 20.97 19.22 6.53
C TRP A 49 20.93 20.72 6.20
N ASP A 50 21.88 21.19 5.40
CA ASP A 50 22.15 22.63 5.24
C ASP A 50 21.47 23.27 4.03
N GLU A 51 20.67 22.48 3.30
CA GLU A 51 19.84 22.65 2.10
C GLU A 51 20.36 23.51 0.95
N GLU A 52 21.41 24.29 1.15
CA GLU A 52 22.11 25.04 0.11
C GLU A 52 23.43 24.33 -0.23
N MET A 53 23.80 23.32 0.59
CA MET A 53 25.00 22.49 0.40
C MET A 53 24.73 21.37 -0.61
N ASP A 54 23.53 20.78 -0.58
CA ASP A 54 23.16 19.62 -1.40
C ASP A 54 21.78 19.82 -2.06
N GLY A 55 21.05 20.88 -1.70
CA GLY A 55 19.68 21.11 -2.12
C GLY A 55 18.71 20.43 -1.18
N GLU A 56 17.45 20.34 -1.58
CA GLU A 56 16.37 19.80 -0.78
C GLU A 56 16.61 18.32 -0.49
N TRP A 57 16.37 17.92 0.75
CA TRP A 57 16.51 16.55 1.22
C TRP A 57 15.33 15.72 0.71
N GLU A 58 15.56 14.45 0.37
CA GLU A 58 14.48 13.47 0.28
C GLU A 58 14.84 12.29 1.19
N PRO A 59 13.85 11.62 1.79
CA PRO A 59 14.04 10.27 2.29
C PRO A 59 14.21 9.33 1.09
N PRO A 60 14.93 8.21 1.25
CA PRO A 60 14.78 7.10 0.33
C PRO A 60 13.36 6.53 0.45
N VAL A 61 12.94 5.71 -0.51
CA VAL A 61 11.79 4.85 -0.33
C VAL A 61 12.38 3.47 -0.02
N ILE A 62 11.79 2.75 0.92
CA ILE A 62 12.31 1.50 1.48
C ILE A 62 11.19 0.47 1.47
N GLN A 63 11.52 -0.81 1.62
CA GLN A 63 10.49 -1.83 1.60
C GLN A 63 9.74 -1.82 2.93
N ASN A 64 8.41 -1.85 2.83
CA ASN A 64 7.44 -1.88 3.91
C ASN A 64 7.83 -2.98 4.90
N PRO A 65 8.04 -2.68 6.18
CA PRO A 65 8.52 -3.66 7.12
C PRO A 65 7.43 -4.70 7.43
N GLU A 66 6.18 -4.43 7.05
CA GLU A 66 5.00 -5.14 7.47
C GLU A 66 4.38 -5.93 6.33
N TYR A 67 4.12 -5.27 5.19
CA TYR A 67 3.53 -5.78 3.94
C TYR A 67 2.65 -7.03 4.13
N LYS A 68 1.32 -6.88 4.24
CA LYS A 68 0.40 -8.01 4.44
C LYS A 68 0.32 -8.92 3.21
N GLY A 69 1.35 -9.73 2.97
CA GLY A 69 1.65 -10.50 1.77
C GLY A 69 0.44 -10.85 0.92
N GLU A 70 -0.10 -12.03 1.15
CA GLU A 70 -1.34 -12.51 0.56
C GLU A 70 -2.47 -12.11 1.51
N TRP A 71 -3.55 -11.53 0.98
CA TRP A 71 -4.78 -11.34 1.73
C TRP A 71 -5.34 -12.68 2.17
N LYS A 72 -6.19 -12.63 3.19
CA LYS A 72 -6.94 -13.77 3.69
C LYS A 72 -8.29 -13.27 4.21
N PRO A 73 -9.34 -14.09 4.20
CA PRO A 73 -10.68 -13.72 4.66
C PRO A 73 -10.74 -13.75 6.19
N ARG A 74 -9.95 -12.89 6.84
CA ARG A 74 -9.44 -13.12 8.17
C ARG A 74 -8.68 -14.46 8.18
N SER A 1 -12.33 -9.17 -12.43
CA SER A 1 -12.30 -10.29 -11.48
C SER A 1 -10.95 -11.00 -11.57
N LYS A 2 -9.95 -10.52 -10.81
CA LYS A 2 -8.63 -11.12 -10.61
C LYS A 2 -8.10 -11.77 -11.89
N LYS A 3 -7.73 -10.94 -12.86
CA LYS A 3 -7.24 -11.32 -14.19
C LYS A 3 -8.41 -11.56 -15.13
N ILE A 4 -8.21 -12.48 -16.06
CA ILE A 4 -9.08 -12.84 -17.18
C ILE A 4 -9.08 -11.70 -18.22
N LYS A 5 -8.13 -10.75 -18.13
CA LYS A 5 -8.16 -9.42 -18.74
C LYS A 5 -9.25 -8.64 -18.02
N ASP A 6 -8.92 -8.22 -16.80
CA ASP A 6 -9.73 -7.27 -16.05
C ASP A 6 -9.97 -6.07 -16.96
N PRO A 7 -11.17 -5.46 -16.98
CA PRO A 7 -11.46 -4.31 -17.82
C PRO A 7 -10.72 -3.03 -17.38
N ASP A 8 -9.94 -3.09 -16.30
CA ASP A 8 -9.14 -2.03 -15.69
C ASP A 8 -10.09 -0.93 -15.24
N ALA A 9 -10.45 -0.03 -16.14
CA ALA A 9 -11.44 1.02 -15.94
C ALA A 9 -12.18 1.44 -17.21
N ALA A 10 -11.98 0.73 -18.32
CA ALA A 10 -12.69 0.93 -19.58
C ALA A 10 -12.90 -0.46 -20.17
N LYS A 11 -14.16 -0.90 -20.20
CA LYS A 11 -14.54 -2.22 -20.65
C LYS A 11 -14.69 -2.19 -22.18
N PRO A 12 -14.14 -3.17 -22.91
CA PRO A 12 -14.11 -3.23 -24.38
C PRO A 12 -15.45 -3.64 -24.98
N GLU A 13 -16.53 -3.00 -24.54
CA GLU A 13 -17.90 -3.16 -25.01
C GLU A 13 -18.79 -2.09 -24.37
N ASP A 14 -18.42 -1.53 -23.20
CA ASP A 14 -19.29 -0.90 -22.20
C ASP A 14 -20.27 -1.92 -21.59
N TRP A 15 -19.87 -3.20 -21.51
CA TRP A 15 -20.70 -4.24 -20.91
C TRP A 15 -20.94 -4.09 -19.40
N ASP A 16 -20.01 -3.46 -18.67
CA ASP A 16 -19.87 -3.43 -17.22
C ASP A 16 -20.18 -4.78 -16.59
N GLU A 17 -19.20 -5.66 -16.71
CA GLU A 17 -19.19 -6.99 -16.13
C GLU A 17 -20.19 -7.96 -16.78
N ARG A 18 -20.83 -7.51 -17.87
CA ARG A 18 -21.93 -8.16 -18.55
C ARG A 18 -23.07 -8.34 -17.54
N ALA A 19 -23.41 -7.21 -16.93
CA ALA A 19 -24.27 -7.12 -15.75
C ALA A 19 -23.61 -7.93 -14.65
N LYS A 20 -24.39 -8.69 -13.89
CA LYS A 20 -24.04 -9.65 -12.86
C LYS A 20 -22.87 -9.22 -11.95
N ILE A 21 -23.20 -8.87 -10.71
CA ILE A 21 -22.24 -8.42 -9.73
C ILE A 21 -21.12 -9.42 -9.46
N ASP A 22 -21.47 -10.71 -9.56
CA ASP A 22 -20.62 -11.88 -9.53
C ASP A 22 -19.41 -11.66 -8.62
N ASP A 23 -19.70 -11.68 -7.34
CA ASP A 23 -18.93 -11.01 -6.30
C ASP A 23 -18.34 -12.04 -5.33
N PRO A 24 -17.04 -11.95 -5.01
CA PRO A 24 -16.34 -13.04 -4.35
C PRO A 24 -16.48 -13.04 -2.82
N THR A 25 -16.34 -11.87 -2.17
CA THR A 25 -16.36 -11.58 -0.73
C THR A 25 -15.58 -10.31 -0.36
N ASP A 26 -15.51 -9.37 -1.28
CA ASP A 26 -14.54 -8.27 -1.24
C ASP A 26 -13.13 -8.82 -1.03
N SER A 27 -12.76 -9.75 -1.89
CA SER A 27 -11.45 -10.36 -1.94
C SER A 27 -10.43 -9.29 -2.34
N LYS A 28 -9.80 -8.75 -1.30
CA LYS A 28 -8.73 -7.76 -1.29
C LYS A 28 -9.31 -6.36 -1.49
N PRO A 29 -9.61 -5.63 -0.40
CA PRO A 29 -10.02 -4.24 -0.48
C PRO A 29 -8.83 -3.37 -0.87
N GLU A 30 -9.09 -2.13 -1.29
CA GLU A 30 -8.08 -1.26 -1.89
C GLU A 30 -7.14 -0.59 -0.85
N ASP A 31 -7.09 -1.13 0.37
CA ASP A 31 -6.21 -0.72 1.47
C ASP A 31 -5.35 -1.89 1.98
N TRP A 32 -5.64 -3.14 1.57
CA TRP A 32 -4.89 -4.28 2.08
C TRP A 32 -3.52 -4.39 1.40
N ASP A 33 -3.44 -4.19 0.08
CA ASP A 33 -2.19 -4.17 -0.68
C ASP A 33 -1.41 -2.89 -0.36
N LYS A 34 -0.89 -2.76 0.87
CA LYS A 34 0.03 -1.67 1.19
C LYS A 34 1.22 -1.76 0.26
N PRO A 35 1.71 -0.64 -0.28
CA PRO A 35 2.71 -0.70 -1.33
C PRO A 35 4.01 -1.26 -0.75
N GLU A 36 4.81 -1.90 -1.61
CA GLU A 36 6.11 -2.43 -1.23
C GLU A 36 7.04 -1.28 -0.87
N HIS A 37 7.30 -0.35 -1.80
CA HIS A 37 8.09 0.84 -1.48
C HIS A 37 7.21 1.84 -0.73
N ILE A 38 7.70 2.32 0.41
CA ILE A 38 7.11 3.40 1.20
C ILE A 38 8.18 4.43 1.54
N PRO A 39 7.85 5.69 1.83
CA PRO A 39 8.85 6.69 2.17
C PRO A 39 9.36 6.44 3.59
N ASP A 40 10.67 6.63 3.78
CA ASP A 40 11.44 6.34 4.98
C ASP A 40 10.88 7.12 6.18
N PRO A 41 10.23 6.45 7.15
CA PRO A 41 9.63 7.12 8.31
C PRO A 41 10.67 7.44 9.39
N ASP A 42 11.82 6.79 9.33
CA ASP A 42 12.87 6.87 10.34
C ASP A 42 13.74 8.10 10.06
N ALA A 43 13.99 8.41 8.78
CA ALA A 43 14.69 9.63 8.42
C ALA A 43 13.67 10.77 8.31
N LYS A 44 14.03 11.96 8.77
CA LYS A 44 13.17 13.16 8.71
C LYS A 44 13.95 14.43 8.37
N LYS A 45 14.97 14.30 7.51
CA LYS A 45 16.07 15.20 7.29
C LYS A 45 16.99 15.10 8.50
N PRO A 46 18.30 14.89 8.28
CA PRO A 46 19.26 14.91 9.38
C PRO A 46 19.22 16.28 10.06
N GLU A 47 19.64 16.35 11.32
CA GLU A 47 19.95 17.60 11.97
C GLU A 47 21.12 18.29 11.26
N ASP A 48 21.98 17.47 10.65
CA ASP A 48 23.27 17.83 10.06
C ASP A 48 23.13 18.11 8.55
N TRP A 49 21.89 18.21 8.02
CA TRP A 49 21.68 18.58 6.63
C TRP A 49 22.02 20.06 6.38
N ASP A 50 22.24 20.42 5.11
CA ASP A 50 22.47 21.79 4.67
C ASP A 50 21.83 21.96 3.30
N GLU A 51 20.69 22.67 3.27
CA GLU A 51 19.90 22.92 2.07
C GLU A 51 20.54 23.93 1.12
N GLU A 52 21.56 24.65 1.56
CA GLU A 52 22.27 25.63 0.73
C GLU A 52 23.55 24.98 0.15
N MET A 53 23.90 23.78 0.65
CA MET A 53 25.06 23.01 0.22
C MET A 53 24.61 21.92 -0.75
N ASP A 54 23.68 21.07 -0.32
CA ASP A 54 23.24 19.91 -1.11
C ASP A 54 21.91 20.21 -1.80
N GLY A 55 21.09 21.10 -1.23
CA GLY A 55 19.73 21.41 -1.68
C GLY A 55 18.71 20.71 -0.79
N GLU A 56 17.44 20.82 -1.12
CA GLU A 56 16.33 20.25 -0.38
C GLU A 56 16.57 18.77 -0.09
N TRP A 57 16.30 18.35 1.15
CA TRP A 57 16.38 16.94 1.50
C TRP A 57 15.22 16.17 0.87
N GLU A 58 15.37 14.86 0.68
CA GLU A 58 14.27 13.93 0.48
C GLU A 58 14.61 12.61 1.19
N PRO A 59 13.63 11.91 1.78
CA PRO A 59 13.79 10.55 2.24
C PRO A 59 13.92 9.59 1.06
N PRO A 60 14.57 8.42 1.23
CA PRO A 60 14.49 7.33 0.27
C PRO A 60 13.10 6.66 0.32
N VAL A 61 12.93 5.59 -0.46
CA VAL A 61 11.73 4.77 -0.48
C VAL A 61 12.19 3.36 -0.16
N ILE A 62 11.76 2.83 0.98
CA ILE A 62 12.24 1.59 1.59
C ILE A 62 11.19 0.50 1.43
N GLN A 63 11.58 -0.77 1.58
CA GLN A 63 10.65 -1.89 1.51
C GLN A 63 9.86 -1.94 2.82
N ASN A 64 8.54 -1.76 2.72
CA ASN A 64 7.51 -1.76 3.75
C ASN A 64 7.77 -2.87 4.76
N PRO A 65 8.25 -2.54 5.97
CA PRO A 65 8.59 -3.53 6.98
C PRO A 65 7.33 -4.23 7.51
N GLU A 66 6.15 -3.66 7.24
CA GLU A 66 4.85 -4.17 7.63
C GLU A 66 4.32 -5.14 6.57
N TYR A 67 4.15 -4.68 5.30
CA TYR A 67 3.62 -5.39 4.11
C TYR A 67 2.69 -6.59 4.43
N LYS A 68 1.37 -6.41 4.28
CA LYS A 68 0.35 -7.38 4.74
C LYS A 68 0.35 -8.72 4.01
N GLY A 69 1.15 -8.89 2.95
CA GLY A 69 0.73 -9.38 1.64
C GLY A 69 -0.52 -10.24 1.63
N GLU A 70 -0.44 -11.49 2.08
CA GLU A 70 -1.53 -12.42 1.83
C GLU A 70 -2.80 -11.96 2.56
N TRP A 71 -3.87 -11.66 1.84
CA TRP A 71 -5.18 -11.35 2.40
C TRP A 71 -5.86 -12.63 2.86
N LYS A 72 -6.91 -12.45 3.66
CA LYS A 72 -7.83 -13.46 4.11
C LYS A 72 -9.19 -12.78 4.28
N PRO A 73 -10.31 -13.50 4.16
CA PRO A 73 -11.66 -12.91 4.19
C PRO A 73 -12.11 -12.57 5.62
N ARG A 74 -11.40 -11.69 6.32
CA ARG A 74 -11.63 -11.25 7.67
C ARG A 74 -10.86 -9.96 7.86
N SER A 1 -12.52 34.46 16.26
CA SER A 1 -13.82 33.84 15.95
C SER A 1 -14.13 32.69 16.91
N LYS A 2 -15.41 32.33 17.06
CA LYS A 2 -15.88 31.07 17.63
C LYS A 2 -17.18 30.77 16.88
N LYS A 3 -17.54 29.50 16.70
CA LYS A 3 -18.90 29.07 16.34
C LYS A 3 -19.15 27.69 16.93
N ILE A 4 -20.38 27.19 16.88
CA ILE A 4 -20.73 25.81 17.22
C ILE A 4 -21.62 25.34 16.07
N LYS A 5 -21.01 25.30 14.89
CA LYS A 5 -21.68 24.78 13.69
C LYS A 5 -21.90 23.29 13.88
N ASP A 6 -22.86 22.74 13.14
CA ASP A 6 -23.30 21.37 13.35
C ASP A 6 -22.23 20.37 12.87
N PRO A 7 -22.23 19.10 13.28
CA PRO A 7 -21.41 18.07 12.64
C PRO A 7 -21.79 17.78 11.19
N ASP A 8 -22.93 18.29 10.73
CA ASP A 8 -23.52 18.17 9.41
C ASP A 8 -23.56 16.74 8.89
N ALA A 9 -23.55 15.77 9.81
CA ALA A 9 -23.35 14.36 9.56
C ALA A 9 -22.15 14.07 8.65
N ALA A 10 -20.98 14.64 8.96
CA ALA A 10 -19.70 14.29 8.36
C ALA A 10 -18.55 14.49 9.37
N LYS A 11 -18.13 13.44 10.08
CA LYS A 11 -16.98 13.46 11.01
C LYS A 11 -15.81 12.64 10.47
N PRO A 12 -14.97 13.21 9.59
CA PRO A 12 -13.82 12.54 8.99
C PRO A 12 -12.65 12.30 9.96
N GLU A 13 -12.95 11.85 11.17
CA GLU A 13 -12.01 11.50 12.23
C GLU A 13 -12.44 10.19 12.89
N ASP A 14 -13.69 9.76 12.71
CA ASP A 14 -14.26 8.68 13.51
C ASP A 14 -15.38 7.96 12.77
N TRP A 15 -15.96 8.56 11.72
CA TRP A 15 -17.08 7.93 11.01
C TRP A 15 -16.67 6.65 10.25
N ASP A 16 -15.38 6.49 9.91
CA ASP A 16 -14.79 5.41 9.10
C ASP A 16 -15.62 5.17 7.83
N GLU A 17 -15.65 6.20 6.95
CA GLU A 17 -16.38 6.25 5.68
C GLU A 17 -17.86 5.84 5.79
N ARG A 18 -18.39 5.92 7.02
CA ARG A 18 -19.68 5.42 7.43
C ARG A 18 -19.94 3.98 6.97
N ALA A 19 -18.87 3.18 6.90
CA ALA A 19 -18.83 1.85 6.29
C ALA A 19 -19.11 1.99 4.79
N LYS A 20 -18.06 2.27 4.00
CA LYS A 20 -18.20 2.30 2.55
C LYS A 20 -18.59 0.93 2.03
N ILE A 21 -19.73 0.82 1.34
CA ILE A 21 -20.18 -0.38 0.67
C ILE A 21 -19.30 -0.78 -0.52
N ASP A 22 -18.31 0.04 -0.86
CA ASP A 22 -17.31 -0.28 -1.87
C ASP A 22 -16.31 -1.26 -1.27
N ASP A 23 -16.79 -2.49 -1.14
CA ASP A 23 -15.99 -3.67 -0.88
C ASP A 23 -15.15 -3.97 -2.13
N PRO A 24 -14.15 -4.86 -2.04
CA PRO A 24 -13.40 -5.34 -3.18
C PRO A 24 -14.17 -6.47 -3.86
N THR A 25 -13.88 -7.74 -3.54
CA THR A 25 -14.43 -8.88 -4.26
C THR A 25 -14.53 -10.08 -3.33
N ASP A 26 -13.37 -10.59 -2.96
CA ASP A 26 -13.14 -11.68 -2.01
C ASP A 26 -11.64 -11.76 -1.72
N SER A 27 -10.92 -10.65 -1.94
CA SER A 27 -9.46 -10.60 -2.01
C SER A 27 -8.97 -9.15 -1.96
N LYS A 28 -9.05 -8.57 -0.75
CA LYS A 28 -8.40 -7.36 -0.23
C LYS A 28 -8.90 -6.02 -0.79
N PRO A 29 -9.14 -5.03 0.07
CA PRO A 29 -9.52 -3.68 -0.32
C PRO A 29 -8.28 -2.84 -0.61
N GLU A 30 -8.51 -1.68 -1.22
CA GLU A 30 -7.50 -0.72 -1.62
C GLU A 30 -6.75 -0.07 -0.44
N ASP A 31 -7.19 -0.35 0.78
CA ASP A 31 -6.65 0.19 2.02
C ASP A 31 -5.78 -0.87 2.74
N TRP A 32 -6.00 -2.17 2.46
CA TRP A 32 -5.07 -3.23 2.84
C TRP A 32 -3.85 -3.14 1.95
N ASP A 33 -4.11 -2.96 0.64
CA ASP A 33 -3.20 -2.94 -0.48
C ASP A 33 -2.22 -1.78 -0.33
N LYS A 34 -1.15 -2.03 0.44
CA LYS A 34 -0.12 -1.06 0.74
C LYS A 34 0.93 -1.06 -0.36
N PRO A 35 1.67 0.05 -0.54
CA PRO A 35 2.79 0.07 -1.45
C PRO A 35 3.89 -0.83 -0.89
N GLU A 36 4.62 -1.46 -1.79
CA GLU A 36 5.70 -2.39 -1.49
C GLU A 36 6.87 -1.63 -0.86
N HIS A 37 7.20 -0.47 -1.45
CA HIS A 37 8.20 0.49 -0.98
C HIS A 37 7.47 1.64 -0.27
N ILE A 38 7.94 2.07 0.91
CA ILE A 38 7.47 3.28 1.59
C ILE A 38 8.63 4.24 1.82
N PRO A 39 8.38 5.56 1.89
CA PRO A 39 9.42 6.51 2.24
C PRO A 39 9.75 6.32 3.73
N ASP A 40 11.04 6.36 4.06
CA ASP A 40 11.59 6.07 5.37
C ASP A 40 10.94 6.94 6.44
N PRO A 41 10.17 6.35 7.37
CA PRO A 41 9.49 7.12 8.39
C PRO A 41 10.44 7.57 9.50
N ASP A 42 11.60 6.94 9.65
CA ASP A 42 12.50 7.17 10.78
C ASP A 42 13.63 8.12 10.43
N ALA A 43 13.98 8.18 9.14
CA ALA A 43 14.82 9.24 8.63
C ALA A 43 13.95 10.47 8.49
N LYS A 44 14.34 11.63 9.03
CA LYS A 44 13.45 12.80 9.11
C LYS A 44 14.19 14.12 8.85
N LYS A 45 15.15 14.13 7.94
CA LYS A 45 16.11 15.19 7.66
C LYS A 45 17.06 15.35 8.85
N PRO A 46 18.35 15.09 8.66
CA PRO A 46 19.34 15.36 9.69
C PRO A 46 19.28 16.83 10.06
N GLU A 47 19.52 17.16 11.33
CA GLU A 47 19.67 18.54 11.74
C GLU A 47 20.87 19.15 11.01
N ASP A 48 21.88 18.33 10.76
CA ASP A 48 23.14 18.67 10.10
C ASP A 48 22.97 18.81 8.58
N TRP A 49 21.75 18.64 8.04
CA TRP A 49 21.49 18.82 6.62
C TRP A 49 21.74 20.27 6.23
N ASP A 50 22.12 20.47 4.97
CA ASP A 50 22.28 21.78 4.37
C ASP A 50 21.58 21.82 3.02
N GLU A 51 20.47 22.54 2.98
CA GLU A 51 19.70 22.72 1.76
C GLU A 51 20.42 23.61 0.76
N GLU A 52 21.30 24.47 1.23
CA GLU A 52 22.04 25.37 0.35
C GLU A 52 23.09 24.56 -0.41
N MET A 53 23.51 23.42 0.17
CA MET A 53 24.51 22.51 -0.37
C MET A 53 23.86 21.56 -1.35
N ASP A 54 22.92 20.76 -0.85
CA ASP A 54 22.51 19.52 -1.52
C ASP A 54 21.04 19.51 -1.92
N GLY A 55 20.37 20.65 -1.69
CA GLY A 55 18.96 20.80 -1.98
C GLY A 55 18.13 20.23 -0.84
N GLU A 56 16.82 20.13 -1.02
CA GLU A 56 15.90 19.52 -0.08
C GLU A 56 16.28 18.06 0.18
N TRP A 57 16.33 17.71 1.47
CA TRP A 57 16.43 16.33 1.93
C TRP A 57 15.16 15.56 1.56
N GLU A 58 15.32 14.31 1.13
CA GLU A 58 14.23 13.34 0.99
C GLU A 58 14.60 12.05 1.72
N PRO A 59 13.62 11.38 2.33
CA PRO A 59 13.82 10.03 2.82
C PRO A 59 14.05 9.07 1.64
N PRO A 60 14.91 8.06 1.79
CA PRO A 60 14.97 6.95 0.85
C PRO A 60 13.68 6.12 0.93
N VAL A 61 13.47 5.21 -0.01
CA VAL A 61 12.35 4.28 0.05
C VAL A 61 12.89 2.96 0.64
N ILE A 62 12.15 2.39 1.58
CA ILE A 62 12.46 1.13 2.26
C ILE A 62 11.31 0.16 2.02
N GLN A 63 11.51 -1.13 2.24
CA GLN A 63 10.46 -2.13 2.10
C GLN A 63 9.48 -1.90 3.26
N ASN A 64 8.18 -1.78 2.96
CA ASN A 64 7.12 -1.72 3.97
C ASN A 64 7.28 -2.89 4.94
N PRO A 65 7.56 -2.66 6.24
CA PRO A 65 8.02 -3.72 7.14
C PRO A 65 7.01 -4.86 7.30
N GLU A 66 5.73 -4.60 7.01
CA GLU A 66 4.68 -5.60 6.92
C GLU A 66 3.68 -5.25 5.82
N TYR A 67 4.13 -5.22 4.56
CA TYR A 67 3.32 -5.02 3.35
C TYR A 67 2.20 -6.07 3.08
N LYS A 68 1.91 -6.91 4.07
CA LYS A 68 0.93 -7.95 4.17
C LYS A 68 1.14 -8.89 2.97
N GLY A 69 2.18 -9.72 3.10
CA GLY A 69 2.84 -10.49 2.05
C GLY A 69 1.85 -11.21 1.14
N GLU A 70 0.77 -11.74 1.70
CA GLU A 70 -0.46 -12.02 1.01
C GLU A 70 -1.61 -11.47 1.85
N TRP A 71 -2.70 -11.09 1.18
CA TRP A 71 -4.01 -10.99 1.82
C TRP A 71 -4.54 -12.37 2.19
N LYS A 72 -5.40 -12.42 3.23
CA LYS A 72 -6.00 -13.65 3.72
C LYS A 72 -7.42 -13.40 4.23
N PRO A 73 -8.32 -14.40 4.14
CA PRO A 73 -9.67 -14.30 4.67
C PRO A 73 -9.69 -14.62 6.17
N ARG A 74 -9.42 -13.62 7.00
CA ARG A 74 -9.37 -13.72 8.45
C ARG A 74 -8.32 -14.77 8.83
N SER A 1 9.64 -7.05 -5.99
CA SER A 1 9.19 -7.84 -7.14
C SER A 1 9.99 -7.50 -8.38
N LYS A 2 10.11 -8.48 -9.27
CA LYS A 2 10.43 -8.31 -10.69
C LYS A 2 9.54 -9.25 -11.48
N LYS A 3 9.63 -9.22 -12.80
CA LYS A 3 8.92 -10.18 -13.65
C LYS A 3 9.79 -11.42 -13.78
N ILE A 4 9.66 -12.07 -14.94
CA ILE A 4 10.37 -13.24 -15.37
C ILE A 4 9.96 -14.38 -14.41
N LYS A 5 8.66 -14.66 -14.47
CA LYS A 5 7.96 -15.62 -13.60
C LYS A 5 7.26 -16.74 -14.39
N ASP A 6 7.62 -16.90 -15.66
CA ASP A 6 6.97 -17.78 -16.64
C ASP A 6 7.88 -18.97 -16.99
N PRO A 7 7.39 -20.02 -17.68
CA PRO A 7 8.21 -21.20 -18.04
C PRO A 7 9.14 -20.99 -19.26
N ASP A 8 9.14 -19.81 -19.88
CA ASP A 8 9.62 -19.49 -21.23
C ASP A 8 8.97 -20.45 -22.23
N ALA A 9 9.60 -21.59 -22.41
CA ALA A 9 9.20 -22.72 -23.22
C ALA A 9 9.84 -24.03 -22.74
N ALA A 10 10.55 -23.98 -21.61
CA ALA A 10 11.38 -25.04 -21.04
C ALA A 10 11.53 -24.74 -19.56
N LYS A 11 10.65 -25.36 -18.78
CA LYS A 11 10.49 -25.20 -17.34
C LYS A 11 11.74 -25.68 -16.58
N PRO A 12 12.50 -24.81 -15.87
CA PRO A 12 13.78 -25.17 -15.23
C PRO A 12 13.68 -26.06 -13.97
N GLU A 13 12.85 -27.11 -13.99
CA GLU A 13 12.76 -28.21 -13.01
C GLU A 13 11.81 -29.32 -13.55
N ASP A 14 11.40 -29.27 -14.81
CA ASP A 14 10.39 -30.13 -15.47
C ASP A 14 8.97 -29.99 -14.89
N TRP A 15 8.79 -29.06 -13.94
CA TRP A 15 7.59 -28.73 -13.20
C TRP A 15 6.40 -28.20 -13.98
N ASP A 16 6.61 -27.39 -15.02
CA ASP A 16 5.58 -26.66 -15.76
C ASP A 16 4.76 -25.79 -14.80
N GLU A 17 5.43 -24.80 -14.20
CA GLU A 17 4.84 -23.91 -13.19
C GLU A 17 4.21 -24.68 -11.99
N ARG A 18 4.52 -25.97 -11.83
CA ARG A 18 3.93 -26.94 -10.91
C ARG A 18 2.42 -27.08 -11.10
N ALA A 19 1.93 -26.82 -12.31
CA ALA A 19 0.53 -26.58 -12.65
C ALA A 19 -0.06 -25.52 -11.71
N LYS A 20 0.14 -24.27 -12.10
CA LYS A 20 -0.30 -23.07 -11.40
C LYS A 20 -1.83 -23.04 -11.22
N ILE A 21 -2.26 -22.23 -10.26
CA ILE A 21 -3.55 -22.26 -9.60
C ILE A 21 -3.92 -20.87 -9.07
N ASP A 22 -3.44 -19.81 -9.72
CA ASP A 22 -3.72 -18.43 -9.34
C ASP A 22 -5.22 -18.13 -9.50
N ASP A 23 -5.93 -18.32 -8.41
CA ASP A 23 -7.34 -18.06 -8.22
C ASP A 23 -7.57 -16.56 -8.36
N PRO A 24 -8.79 -16.13 -8.72
CA PRO A 24 -9.13 -14.72 -8.72
C PRO A 24 -9.10 -14.17 -7.29
N THR A 25 -10.03 -14.64 -6.44
CA THR A 25 -10.23 -14.20 -5.06
C THR A 25 -10.10 -12.68 -4.93
N ASP A 26 -10.99 -11.96 -5.61
CA ASP A 26 -11.07 -10.50 -5.64
C ASP A 26 -11.85 -10.04 -4.41
N SER A 27 -11.37 -10.45 -3.24
CA SER A 27 -12.05 -10.31 -1.95
C SER A 27 -11.32 -9.39 -0.97
N LYS A 28 -10.38 -8.62 -1.51
CA LYS A 28 -9.45 -7.73 -0.86
C LYS A 28 -9.88 -6.29 -1.18
N PRO A 29 -9.80 -5.36 -0.22
CA PRO A 29 -9.98 -3.94 -0.48
C PRO A 29 -8.73 -3.36 -1.16
N GLU A 30 -8.83 -2.16 -1.74
CA GLU A 30 -7.65 -1.43 -2.22
C GLU A 30 -6.77 -0.95 -1.04
N ASP A 31 -7.28 -1.15 0.18
CA ASP A 31 -6.67 -0.75 1.44
C ASP A 31 -5.79 -1.88 2.00
N TRP A 32 -5.88 -3.09 1.42
CA TRP A 32 -4.98 -4.18 1.78
C TRP A 32 -3.64 -3.94 1.11
N ASP A 33 -3.66 -3.71 -0.21
CA ASP A 33 -2.48 -3.58 -1.06
C ASP A 33 -1.81 -2.22 -0.86
N LYS A 34 -1.19 -2.05 0.31
CA LYS A 34 -0.35 -0.90 0.65
C LYS A 34 0.90 -0.92 -0.23
N PRO A 35 1.64 0.20 -0.35
CA PRO A 35 2.83 0.24 -1.16
C PRO A 35 3.93 -0.60 -0.50
N GLU A 36 4.64 -1.41 -1.30
CA GLU A 36 5.77 -2.21 -0.83
C GLU A 36 6.87 -1.30 -0.31
N HIS A 37 7.29 -0.31 -1.11
CA HIS A 37 8.26 0.68 -0.69
C HIS A 37 7.54 1.82 0.04
N ILE A 38 8.12 2.29 1.14
CA ILE A 38 7.65 3.45 1.88
C ILE A 38 8.83 4.40 2.10
N PRO A 39 8.59 5.73 2.09
CA PRO A 39 9.64 6.71 2.27
C PRO A 39 9.97 6.74 3.76
N ASP A 40 11.25 6.59 4.09
CA ASP A 40 11.82 6.33 5.40
C ASP A 40 11.12 7.23 6.43
N PRO A 41 10.24 6.68 7.27
CA PRO A 41 9.57 7.44 8.30
C PRO A 41 10.40 7.50 9.59
N ASP A 42 11.48 6.74 9.70
CA ASP A 42 12.38 6.82 10.84
C ASP A 42 13.30 8.03 10.65
N ALA A 43 13.76 8.29 9.41
CA ALA A 43 14.56 9.47 9.10
C ALA A 43 13.67 10.68 8.85
N LYS A 44 14.01 11.83 9.41
CA LYS A 44 13.36 13.10 9.14
C LYS A 44 14.38 14.22 9.05
N LYS A 45 15.24 14.18 8.02
CA LYS A 45 16.26 15.15 7.64
C LYS A 45 17.36 15.27 8.69
N PRO A 46 18.62 14.97 8.34
CA PRO A 46 19.72 15.06 9.28
C PRO A 46 19.90 16.49 9.82
N GLU A 47 20.51 16.65 10.99
CA GLU A 47 20.98 17.90 11.53
C GLU A 47 22.31 18.34 10.89
N ASP A 48 22.92 17.45 10.11
CA ASP A 48 24.05 17.71 9.21
C ASP A 48 23.62 17.71 7.73
N TRP A 49 22.32 17.84 7.45
CA TRP A 49 21.87 18.28 6.13
C TRP A 49 22.27 19.74 5.92
N ASP A 50 22.35 20.17 4.66
CA ASP A 50 22.61 21.55 4.28
C ASP A 50 21.75 21.86 3.06
N GLU A 51 20.76 22.72 3.27
CA GLU A 51 19.75 23.04 2.27
C GLU A 51 20.06 24.30 1.47
N GLU A 52 21.21 24.93 1.72
CA GLU A 52 21.78 25.93 0.82
C GLU A 52 22.88 25.29 -0.04
N MET A 53 23.46 24.17 0.38
CA MET A 53 24.53 23.49 -0.32
C MET A 53 23.95 22.59 -1.41
N ASP A 54 23.14 21.62 -0.99
CA ASP A 54 22.66 20.56 -1.85
C ASP A 54 21.32 20.97 -2.46
N GLY A 55 20.49 21.61 -1.64
CA GLY A 55 19.07 21.79 -1.89
C GLY A 55 18.30 20.94 -0.89
N GLU A 56 17.03 20.63 -1.18
CA GLU A 56 16.18 19.93 -0.25
C GLU A 56 16.68 18.49 -0.07
N TRP A 57 16.48 17.98 1.14
CA TRP A 57 16.59 16.58 1.44
C TRP A 57 15.44 15.83 0.75
N GLU A 58 15.61 14.52 0.57
CA GLU A 58 14.55 13.58 0.23
C GLU A 58 14.85 12.30 1.03
N PRO A 59 13.86 11.75 1.74
CA PRO A 59 14.02 10.46 2.39
C PRO A 59 14.23 9.38 1.32
N PRO A 60 15.07 8.37 1.60
CA PRO A 60 15.13 7.17 0.78
C PRO A 60 13.85 6.36 0.96
N VAL A 61 13.62 5.39 0.07
CA VAL A 61 12.55 4.42 0.22
C VAL A 61 13.15 3.16 0.86
N ILE A 62 12.39 2.52 1.75
CA ILE A 62 12.68 1.28 2.44
C ILE A 62 11.47 0.35 2.20
N GLN A 63 11.53 -0.95 2.50
CA GLN A 63 10.41 -1.86 2.25
C GLN A 63 9.57 -1.95 3.51
N ASN A 64 8.28 -1.59 3.38
CA ASN A 64 7.20 -1.52 4.37
C ASN A 64 7.43 -2.55 5.49
N PRO A 65 7.83 -2.12 6.70
CA PRO A 65 8.06 -3.02 7.83
C PRO A 65 6.83 -3.87 8.21
N GLU A 66 5.66 -3.58 7.65
CA GLU A 66 4.47 -4.39 7.75
C GLU A 66 4.36 -5.30 6.51
N TYR A 67 3.84 -4.78 5.38
CA TYR A 67 3.31 -5.49 4.21
C TYR A 67 2.81 -6.92 4.52
N LYS A 68 1.51 -7.08 4.81
CA LYS A 68 0.87 -8.37 5.12
C LYS A 68 1.22 -9.46 4.12
N GLY A 69 1.37 -9.10 2.84
CA GLY A 69 1.73 -10.05 1.81
C GLY A 69 0.48 -10.78 1.40
N GLU A 70 0.42 -12.10 1.56
CA GLU A 70 -0.67 -12.91 1.06
C GLU A 70 -1.94 -12.60 1.86
N TRP A 71 -2.86 -11.90 1.20
CA TRP A 71 -4.24 -11.75 1.64
C TRP A 71 -4.90 -13.12 1.66
N LYS A 72 -5.95 -13.28 2.47
CA LYS A 72 -6.70 -14.53 2.53
C LYS A 72 -8.17 -14.30 2.81
N PRO A 73 -9.06 -15.17 2.31
CA PRO A 73 -10.48 -15.12 2.61
C PRO A 73 -10.76 -15.80 3.96
N ARG A 74 -10.53 -15.09 5.06
CA ARG A 74 -11.06 -15.47 6.36
C ARG A 74 -11.12 -14.22 7.21
N SER A 1 -8.67 -35.20 1.23
CA SER A 1 -9.39 -34.12 1.90
C SER A 1 -9.13 -34.15 3.39
N LYS A 2 -8.79 -32.99 3.97
CA LYS A 2 -8.69 -32.80 5.41
C LYS A 2 -9.00 -31.32 5.66
N LYS A 3 -10.21 -31.01 6.09
CA LYS A 3 -10.66 -29.66 6.44
C LYS A 3 -11.32 -29.75 7.82
N ILE A 4 -11.70 -28.62 8.41
CA ILE A 4 -12.29 -28.57 9.75
C ILE A 4 -13.79 -28.98 9.72
N LYS A 5 -14.27 -29.66 8.68
CA LYS A 5 -15.70 -29.75 8.35
C LYS A 5 -16.26 -28.32 8.33
N ASP A 6 -17.51 -28.14 8.76
CA ASP A 6 -18.43 -27.02 8.48
C ASP A 6 -18.63 -26.89 6.95
N PRO A 7 -19.83 -26.61 6.41
CA PRO A 7 -20.07 -26.55 4.96
C PRO A 7 -19.59 -25.20 4.42
N ASP A 8 -18.33 -24.88 4.71
CA ASP A 8 -17.82 -23.54 4.76
C ASP A 8 -16.53 -23.56 3.99
N ALA A 9 -16.65 -23.09 2.76
CA ALA A 9 -15.62 -23.07 1.74
C ALA A 9 -15.09 -24.46 1.34
N ALA A 10 -15.75 -25.52 1.80
CA ALA A 10 -15.50 -26.89 1.39
C ALA A 10 -16.85 -27.60 1.32
N LYS A 11 -17.51 -27.54 0.15
CA LYS A 11 -18.71 -28.30 -0.14
C LYS A 11 -18.53 -29.10 -1.44
N PRO A 12 -17.63 -30.10 -1.49
CA PRO A 12 -17.35 -30.86 -2.71
C PRO A 12 -18.39 -31.96 -2.97
N GLU A 13 -19.67 -31.64 -2.77
CA GLU A 13 -20.85 -32.40 -3.14
C GLU A 13 -21.96 -31.48 -3.65
N ASP A 14 -21.77 -30.18 -3.47
CA ASP A 14 -22.72 -29.14 -3.86
C ASP A 14 -22.11 -28.13 -4.83
N TRP A 15 -20.87 -27.67 -4.60
CA TRP A 15 -20.33 -26.56 -5.38
C TRP A 15 -20.12 -26.90 -6.85
N ASP A 16 -20.03 -28.20 -7.18
CA ASP A 16 -19.89 -28.71 -8.55
C ASP A 16 -18.67 -28.08 -9.25
N GLU A 17 -17.74 -27.52 -8.46
CA GLU A 17 -16.60 -26.65 -8.79
C GLU A 17 -17.00 -25.34 -9.48
N ARG A 18 -18.24 -25.25 -9.96
CA ARG A 18 -18.83 -24.17 -10.74
C ARG A 18 -19.68 -23.19 -9.94
N ALA A 19 -19.72 -23.36 -8.62
CA ALA A 19 -20.44 -22.52 -7.67
C ALA A 19 -19.57 -22.19 -6.46
N LYS A 20 -18.44 -21.52 -6.71
CA LYS A 20 -17.59 -20.96 -5.67
C LYS A 20 -18.31 -19.74 -5.11
N ILE A 21 -18.83 -19.86 -3.90
CA ILE A 21 -19.34 -18.79 -3.05
C ILE A 21 -18.20 -18.05 -2.32
N ASP A 22 -16.98 -18.14 -2.85
CA ASP A 22 -15.72 -17.69 -2.27
C ASP A 22 -15.68 -16.16 -2.31
N ASP A 23 -16.39 -15.58 -1.33
CA ASP A 23 -16.81 -14.22 -1.09
C ASP A 23 -17.60 -13.64 -2.28
N PRO A 24 -18.27 -12.47 -2.14
CA PRO A 24 -18.97 -11.87 -3.26
C PRO A 24 -17.95 -11.23 -4.21
N THR A 25 -17.49 -10.01 -3.92
CA THR A 25 -16.55 -9.28 -4.78
C THR A 25 -15.33 -8.82 -4.00
N ASP A 26 -15.34 -8.97 -2.68
CA ASP A 26 -14.69 -8.03 -1.77
C ASP A 26 -13.29 -8.54 -1.39
N SER A 27 -12.66 -9.18 -2.37
CA SER A 27 -11.38 -9.85 -2.47
C SER A 27 -10.19 -8.94 -2.46
N LYS A 28 -10.29 -8.01 -1.52
CA LYS A 28 -9.36 -7.02 -1.06
C LYS A 28 -10.13 -5.85 -0.45
N PRO A 29 -10.11 -5.65 0.88
CA PRO A 29 -10.63 -4.43 1.47
C PRO A 29 -9.66 -3.27 1.17
N GLU A 30 -10.13 -2.04 1.34
CA GLU A 30 -9.43 -0.90 0.75
C GLU A 30 -8.24 -0.40 1.60
N ASP A 31 -8.08 -0.98 2.79
CA ASP A 31 -6.93 -0.77 3.69
C ASP A 31 -5.90 -1.89 3.50
N TRP A 32 -6.11 -2.82 2.56
CA TRP A 32 -5.18 -3.92 2.32
C TRP A 32 -4.01 -3.52 1.43
N ASP A 33 -4.26 -2.66 0.45
CA ASP A 33 -3.33 -2.36 -0.63
C ASP A 33 -2.24 -1.45 -0.08
N LYS A 34 -1.24 -2.05 0.56
CA LYS A 34 -0.10 -1.35 1.14
C LYS A 34 1.10 -1.52 0.22
N PRO A 35 1.94 -0.47 0.09
CA PRO A 35 3.09 -0.48 -0.78
C PRO A 35 4.20 -1.38 -0.25
N GLU A 36 5.15 -1.68 -1.15
CA GLU A 36 6.37 -2.38 -0.87
C GLU A 36 7.43 -1.36 -0.49
N HIS A 37 7.91 -0.53 -1.43
CA HIS A 37 8.88 0.50 -1.07
C HIS A 37 8.13 1.62 -0.33
N ILE A 38 8.58 1.96 0.87
CA ILE A 38 8.11 3.11 1.66
C ILE A 38 9.32 3.96 2.04
N PRO A 39 9.18 5.27 2.29
CA PRO A 39 10.32 6.06 2.73
C PRO A 39 10.66 5.66 4.17
N ASP A 40 11.94 5.73 4.54
CA ASP A 40 12.46 5.36 5.85
C ASP A 40 11.77 6.21 6.92
N PRO A 41 10.83 5.63 7.71
CA PRO A 41 9.99 6.39 8.61
C PRO A 41 10.78 6.89 9.83
N ASP A 42 12.00 6.37 10.03
CA ASP A 42 12.88 6.76 11.10
C ASP A 42 13.50 8.12 10.79
N ALA A 43 13.95 8.32 9.55
CA ALA A 43 14.64 9.52 9.10
C ALA A 43 13.64 10.67 8.95
N LYS A 44 14.08 11.90 9.18
CA LYS A 44 13.20 13.07 9.31
C LYS A 44 13.85 14.40 8.89
N LYS A 45 14.74 14.34 7.91
CA LYS A 45 15.74 15.31 7.54
C LYS A 45 16.66 15.58 8.72
N PRO A 46 17.98 15.38 8.55
CA PRO A 46 18.95 15.65 9.58
C PRO A 46 18.89 17.15 9.92
N GLU A 47 19.16 17.49 11.18
CA GLU A 47 19.31 18.89 11.58
C GLU A 47 20.52 19.51 10.87
N ASP A 48 21.47 18.65 10.50
CA ASP A 48 22.73 18.90 9.82
C ASP A 48 22.52 19.12 8.31
N TRP A 49 21.30 18.96 7.78
CA TRP A 49 21.05 19.01 6.35
C TRP A 49 21.17 20.44 5.80
N ASP A 50 21.98 20.61 4.76
CA ASP A 50 22.20 21.88 4.09
C ASP A 50 21.44 21.89 2.75
N GLU A 51 20.29 22.56 2.75
CA GLU A 51 19.39 22.66 1.61
C GLU A 51 19.87 23.66 0.56
N GLU A 52 20.92 24.45 0.85
CA GLU A 52 21.59 25.27 -0.15
C GLU A 52 22.82 24.54 -0.73
N MET A 53 23.22 23.40 -0.15
CA MET A 53 24.36 22.62 -0.63
C MET A 53 23.91 21.46 -1.52
N ASP A 54 23.03 20.58 -1.03
CA ASP A 54 22.58 19.38 -1.78
C ASP A 54 21.19 19.58 -2.38
N GLY A 55 20.44 20.56 -1.88
CA GLY A 55 19.07 20.82 -2.25
C GLY A 55 18.14 20.11 -1.27
N GLU A 56 16.94 19.79 -1.73
CA GLU A 56 15.91 19.23 -0.88
C GLU A 56 16.29 17.83 -0.40
N TRP A 57 16.01 17.55 0.88
CA TRP A 57 16.18 16.24 1.46
C TRP A 57 15.14 15.27 0.91
N GLU A 58 15.57 14.04 0.65
CA GLU A 58 14.74 12.95 0.18
C GLU A 58 15.13 11.69 0.96
N PRO A 59 14.22 11.14 1.78
CA PRO A 59 14.46 9.93 2.55
C PRO A 59 14.79 8.76 1.62
N PRO A 60 15.57 7.78 2.09
CA PRO A 60 15.75 6.52 1.37
C PRO A 60 14.45 5.73 1.40
N VAL A 61 14.20 4.90 0.39
CA VAL A 61 13.03 4.05 0.34
C VAL A 61 13.49 2.68 0.83
N ILE A 62 12.87 2.16 1.87
CA ILE A 62 13.13 0.85 2.44
C ILE A 62 12.01 -0.08 1.99
N GLN A 63 12.20 -1.38 2.18
CA GLN A 63 11.13 -2.33 2.03
C GLN A 63 10.26 -2.20 3.27
N ASN A 64 8.97 -2.03 3.04
CA ASN A 64 7.92 -2.01 4.04
C ASN A 64 8.01 -3.29 4.88
N PRO A 65 8.24 -3.22 6.19
CA PRO A 65 8.20 -4.38 7.04
C PRO A 65 6.75 -4.87 7.23
N GLU A 66 5.74 -3.97 7.29
CA GLU A 66 4.38 -4.41 7.57
C GLU A 66 3.84 -5.25 6.43
N TYR A 67 3.95 -4.80 5.16
CA TYR A 67 3.71 -5.54 3.91
C TYR A 67 2.78 -6.76 4.05
N LYS A 68 1.47 -6.61 3.81
CA LYS A 68 0.52 -7.70 4.12
C LYS A 68 0.74 -8.97 3.30
N GLY A 69 1.54 -8.94 2.23
CA GLY A 69 1.98 -10.14 1.55
C GLY A 69 0.82 -10.83 0.83
N GLU A 70 0.26 -10.10 -0.15
CA GLU A 70 -0.92 -10.39 -0.94
C GLU A 70 -2.17 -10.40 -0.04
N TRP A 71 -3.38 -10.44 -0.62
CA TRP A 71 -4.63 -10.65 0.10
C TRP A 71 -5.07 -12.07 -0.15
N LYS A 72 -5.82 -12.64 0.79
CA LYS A 72 -6.42 -13.94 0.62
C LYS A 72 -7.75 -14.02 1.36
N PRO A 73 -8.64 -14.93 0.95
CA PRO A 73 -9.92 -15.14 1.60
C PRO A 73 -9.72 -15.96 2.87
N ARG A 74 -9.27 -15.29 3.94
CA ARG A 74 -8.83 -15.89 5.20
C ARG A 74 -7.58 -16.70 4.89
N SER A 1 -36.76 9.11 10.01
CA SER A 1 -36.60 7.87 9.24
C SER A 1 -35.28 7.94 8.48
N LYS A 2 -34.46 6.89 8.60
CA LYS A 2 -33.17 6.74 7.95
C LYS A 2 -32.86 5.25 7.81
N LYS A 3 -31.66 4.90 7.32
CA LYS A 3 -31.21 3.52 7.25
C LYS A 3 -29.91 3.35 8.02
N ILE A 4 -29.50 2.11 8.25
CA ILE A 4 -28.32 1.72 9.04
C ILE A 4 -27.32 0.96 8.15
N LYS A 5 -27.49 0.99 6.82
CA LYS A 5 -26.77 0.18 5.85
C LYS A 5 -26.89 -1.32 6.14
N ASP A 6 -25.97 -2.07 5.55
CA ASP A 6 -25.76 -3.51 5.54
C ASP A 6 -26.85 -4.29 4.79
N PRO A 7 -26.51 -5.33 4.00
CA PRO A 7 -27.48 -6.19 3.34
C PRO A 7 -28.29 -7.07 4.29
N ASP A 8 -28.11 -6.96 5.61
CA ASP A 8 -28.77 -7.73 6.67
C ASP A 8 -28.43 -9.21 6.61
N ALA A 9 -27.18 -9.49 6.27
CA ALA A 9 -26.72 -10.80 5.88
C ALA A 9 -27.49 -11.38 4.68
N ALA A 10 -27.48 -10.62 3.58
CA ALA A 10 -27.92 -10.90 2.22
C ALA A 10 -29.34 -10.40 1.99
N LYS A 11 -29.43 -9.37 1.14
CA LYS A 11 -30.55 -8.49 0.87
C LYS A 11 -31.93 -9.21 0.95
N PRO A 12 -32.73 -9.03 2.01
CA PRO A 12 -34.03 -9.73 2.19
C PRO A 12 -35.19 -9.30 1.24
N GLU A 13 -34.95 -9.12 -0.06
CA GLU A 13 -35.95 -8.84 -1.12
C GLU A 13 -35.33 -9.11 -2.53
N ASP A 14 -34.06 -9.50 -2.62
CA ASP A 14 -33.15 -9.27 -3.76
C ASP A 14 -32.91 -7.79 -4.05
N TRP A 15 -33.32 -6.90 -3.15
CA TRP A 15 -33.30 -5.48 -3.35
C TRP A 15 -31.92 -4.86 -3.52
N ASP A 16 -30.95 -5.34 -2.74
CA ASP A 16 -29.63 -4.72 -2.57
C ASP A 16 -29.78 -3.33 -1.95
N GLU A 17 -30.48 -3.24 -0.80
CA GLU A 17 -30.94 -2.00 -0.15
C GLU A 17 -31.78 -1.10 -1.07
N ARG A 18 -32.12 -1.62 -2.24
CA ARG A 18 -32.63 -0.96 -3.41
C ARG A 18 -31.73 0.20 -3.87
N ALA A 19 -30.45 0.18 -3.46
CA ALA A 19 -29.31 1.02 -3.85
C ALA A 19 -28.18 0.91 -2.81
N LYS A 20 -27.52 -0.24 -2.72
CA LYS A 20 -26.15 -0.36 -2.24
C LYS A 20 -25.33 -1.02 -3.34
N ILE A 21 -24.01 -1.07 -3.14
CA ILE A 21 -23.07 -1.81 -3.94
C ILE A 21 -22.13 -2.54 -3.00
N ASP A 22 -21.29 -1.78 -2.32
CA ASP A 22 -20.25 -2.18 -1.37
C ASP A 22 -20.61 -3.42 -0.56
N ASP A 23 -19.90 -4.50 -0.83
CA ASP A 23 -20.34 -5.87 -0.54
C ASP A 23 -19.28 -6.75 0.12
N PRO A 24 -19.63 -7.91 0.71
CA PRO A 24 -18.66 -8.92 1.14
C PRO A 24 -17.76 -9.50 0.04
N THR A 25 -18.02 -9.27 -1.26
CA THR A 25 -17.19 -9.75 -2.35
C THR A 25 -15.83 -9.04 -2.44
N ASP A 26 -15.54 -8.08 -1.56
CA ASP A 26 -14.36 -7.25 -1.58
C ASP A 26 -13.38 -7.83 -0.57
N SER A 27 -12.94 -9.04 -0.88
CA SER A 27 -11.66 -9.61 -0.51
C SER A 27 -10.62 -8.53 -0.71
N LYS A 28 -10.23 -7.95 0.42
CA LYS A 28 -9.15 -6.98 0.54
C LYS A 28 -9.54 -5.61 -0.07
N PRO A 29 -9.17 -4.50 0.59
CA PRO A 29 -9.31 -3.17 0.05
C PRO A 29 -8.04 -2.74 -0.68
N GLU A 30 -8.10 -1.60 -1.38
CA GLU A 30 -6.97 -0.81 -1.85
C GLU A 30 -6.20 -0.12 -0.70
N ASP A 31 -6.38 -0.64 0.52
CA ASP A 31 -5.71 -0.19 1.73
C ASP A 31 -4.88 -1.33 2.35
N TRP A 32 -4.99 -2.57 1.85
CA TRP A 32 -4.25 -3.74 2.37
C TRP A 32 -2.94 -3.94 1.62
N ASP A 33 -3.01 -3.76 0.30
CA ASP A 33 -1.96 -3.80 -0.69
C ASP A 33 -0.99 -2.62 -0.51
N LYS A 34 -0.35 -2.51 0.66
CA LYS A 34 0.60 -1.43 0.89
C LYS A 34 1.69 -1.45 -0.18
N PRO A 35 2.02 -0.28 -0.76
CA PRO A 35 2.99 -0.17 -1.85
C PRO A 35 4.34 -0.68 -1.34
N GLU A 36 5.00 -1.63 -2.01
CA GLU A 36 6.10 -2.40 -1.39
C GLU A 36 7.19 -1.48 -0.85
N HIS A 37 7.59 -0.50 -1.67
CA HIS A 37 8.55 0.53 -1.32
C HIS A 37 7.77 1.74 -0.80
N ILE A 38 8.02 2.14 0.45
CA ILE A 38 7.44 3.31 1.11
C ILE A 38 8.57 4.29 1.52
N PRO A 39 8.31 5.60 1.65
CA PRO A 39 9.32 6.55 2.09
C PRO A 39 9.54 6.35 3.59
N ASP A 40 10.80 6.31 4.05
CA ASP A 40 11.15 5.77 5.35
C ASP A 40 10.35 6.44 6.45
N PRO A 41 9.66 5.69 7.32
CA PRO A 41 8.99 6.26 8.47
C PRO A 41 9.98 6.71 9.55
N ASP A 42 11.24 6.29 9.47
CA ASP A 42 12.31 6.70 10.36
C ASP A 42 12.71 8.13 10.04
N ALA A 43 13.07 8.39 8.78
CA ALA A 43 13.91 9.51 8.41
C ALA A 43 13.07 10.76 8.21
N LYS A 44 13.52 11.88 8.76
CA LYS A 44 12.76 13.14 8.72
C LYS A 44 13.65 14.38 8.55
N LYS A 45 14.68 14.27 7.71
CA LYS A 45 15.72 15.24 7.45
C LYS A 45 16.60 15.44 8.69
N PRO A 46 17.92 15.39 8.56
CA PRO A 46 18.80 15.75 9.64
C PRO A 46 18.69 17.25 9.96
N GLU A 47 18.85 17.61 11.24
CA GLU A 47 19.24 18.95 11.68
C GLU A 47 20.70 19.26 11.31
N ASP A 48 21.42 18.23 10.88
CA ASP A 48 22.76 18.13 10.32
C ASP A 48 22.73 18.24 8.77
N TRP A 49 21.56 18.52 8.18
CA TRP A 49 21.39 18.78 6.74
C TRP A 49 21.70 20.24 6.39
N ASP A 50 21.98 20.53 5.12
CA ASP A 50 22.19 21.87 4.60
C ASP A 50 21.62 22.01 3.18
N GLU A 51 20.52 22.76 3.09
CA GLU A 51 19.79 23.05 1.85
C GLU A 51 20.53 23.98 0.90
N GLU A 52 21.59 24.64 1.37
CA GLU A 52 22.41 25.55 0.56
C GLU A 52 23.75 24.88 0.22
N MET A 53 23.93 23.61 0.62
CA MET A 53 25.06 22.77 0.26
C MET A 53 24.62 21.71 -0.75
N ASP A 54 23.57 20.93 -0.45
CA ASP A 54 23.11 19.83 -1.31
C ASP A 54 21.75 20.11 -1.96
N GLY A 55 20.96 21.00 -1.35
CA GLY A 55 19.59 21.28 -1.77
C GLY A 55 18.58 20.64 -0.82
N GLU A 56 17.29 20.70 -1.15
CA GLU A 56 16.21 20.14 -0.34
C GLU A 56 16.45 18.65 -0.11
N TRP A 57 16.27 18.22 1.14
CA TRP A 57 16.34 16.82 1.51
C TRP A 57 15.15 16.07 0.93
N GLU A 58 15.46 14.97 0.25
CA GLU A 58 14.54 13.93 -0.16
C GLU A 58 14.84 12.69 0.67
N PRO A 59 13.85 12.00 1.22
CA PRO A 59 14.04 10.71 1.88
C PRO A 59 14.48 9.61 0.89
N PRO A 60 14.95 8.45 1.39
CA PRO A 60 15.00 7.20 0.65
C PRO A 60 13.58 6.64 0.35
N VAL A 61 13.52 5.43 -0.19
CA VAL A 61 12.36 4.56 -0.14
C VAL A 61 12.86 3.21 0.37
N ILE A 62 12.14 2.57 1.30
CA ILE A 62 12.48 1.27 1.86
C ILE A 62 11.35 0.29 1.63
N GLN A 63 11.66 -1.00 1.59
CA GLN A 63 10.64 -2.02 1.53
C GLN A 63 9.94 -2.01 2.90
N ASN A 64 8.65 -1.71 2.91
CA ASN A 64 7.79 -1.58 4.07
C ASN A 64 8.03 -2.73 5.05
N PRO A 65 8.50 -2.46 6.28
CA PRO A 65 8.78 -3.51 7.25
C PRO A 65 7.48 -4.04 7.89
N GLU A 66 6.44 -4.25 7.08
CA GLU A 66 5.23 -4.99 7.39
C GLU A 66 4.86 -5.83 6.17
N TYR A 67 4.62 -5.21 4.98
CA TYR A 67 3.95 -5.78 3.80
C TYR A 67 3.03 -6.96 4.12
N LYS A 68 1.71 -6.71 4.26
CA LYS A 68 0.74 -7.75 4.61
C LYS A 68 0.86 -8.94 3.66
N GLY A 69 0.87 -8.66 2.37
CA GLY A 69 0.88 -9.67 1.34
C GLY A 69 -0.41 -10.44 1.42
N GLU A 70 -0.33 -11.74 1.76
CA GLU A 70 -1.38 -12.68 1.43
C GLU A 70 -2.66 -12.31 2.17
N TRP A 71 -3.65 -11.77 1.46
CA TRP A 71 -4.94 -11.46 2.05
C TRP A 71 -5.61 -12.75 2.49
N LYS A 72 -6.44 -12.65 3.53
CA LYS A 72 -7.26 -13.71 4.08
C LYS A 72 -8.55 -13.08 4.62
N PRO A 73 -9.68 -13.80 4.66
CA PRO A 73 -10.99 -13.23 4.94
C PRO A 73 -11.28 -13.02 6.44
N ARG A 74 -10.30 -12.51 7.20
CA ARG A 74 -10.35 -12.59 8.64
C ARG A 74 -9.53 -11.44 9.17
N SER A 1 4.03 -13.17 -36.65
CA SER A 1 3.59 -12.99 -35.26
C SER A 1 3.72 -11.52 -34.85
N LYS A 2 2.65 -10.92 -34.31
CA LYS A 2 2.60 -9.62 -33.63
C LYS A 2 1.89 -9.83 -32.30
N LYS A 3 1.89 -8.82 -31.41
CA LYS A 3 1.04 -8.86 -30.22
C LYS A 3 -0.44 -8.70 -30.61
N ILE A 4 -1.32 -8.92 -29.65
CA ILE A 4 -2.78 -8.97 -29.79
C ILE A 4 -3.38 -8.14 -28.63
N LYS A 5 -2.65 -7.12 -28.16
CA LYS A 5 -2.92 -6.30 -26.98
C LYS A 5 -3.45 -7.14 -25.82
N ASP A 6 -4.63 -6.79 -25.31
CA ASP A 6 -5.46 -7.29 -24.19
C ASP A 6 -4.71 -7.88 -23.00
N PRO A 7 -4.85 -7.32 -21.78
CA PRO A 7 -3.95 -7.63 -20.68
C PRO A 7 -4.03 -9.07 -20.19
N ASP A 8 -5.19 -9.71 -20.40
CA ASP A 8 -5.51 -11.10 -20.09
C ASP A 8 -5.41 -11.42 -18.59
N ALA A 9 -4.23 -11.31 -17.98
CA ALA A 9 -4.05 -11.36 -16.53
C ALA A 9 -2.89 -10.48 -16.04
N ALA A 10 -2.32 -9.64 -16.91
CA ALA A 10 -1.11 -8.87 -16.69
C ALA A 10 -1.43 -7.43 -16.27
N LYS A 11 -0.40 -6.58 -16.26
CA LYS A 11 -0.39 -5.15 -15.90
C LYS A 11 -1.14 -4.82 -14.60
N PRO A 12 -0.72 -5.39 -13.44
CA PRO A 12 -1.38 -5.20 -12.14
C PRO A 12 -1.07 -3.83 -11.52
N GLU A 13 -1.33 -2.77 -12.27
CA GLU A 13 -1.06 -1.39 -11.92
C GLU A 13 -1.88 -0.40 -12.76
N ASP A 14 -2.45 -0.87 -13.86
CA ASP A 14 -3.28 -0.08 -14.77
C ASP A 14 -4.53 -0.84 -15.18
N TRP A 15 -4.49 -2.18 -15.23
CA TRP A 15 -5.72 -2.91 -15.56
C TRP A 15 -6.81 -2.57 -14.55
N ASP A 16 -6.46 -2.35 -13.27
CA ASP A 16 -7.33 -2.04 -12.15
C ASP A 16 -8.50 -3.02 -12.14
N GLU A 17 -8.14 -4.28 -11.87
CA GLU A 17 -8.96 -5.49 -11.95
C GLU A 17 -9.73 -5.68 -13.25
N ARG A 18 -9.28 -4.96 -14.27
CA ARG A 18 -9.75 -4.90 -15.63
C ARG A 18 -11.17 -4.33 -15.69
N ALA A 19 -11.44 -3.38 -14.80
CA ALA A 19 -12.74 -2.86 -14.38
C ALA A 19 -13.37 -3.86 -13.43
N LYS A 20 -14.67 -4.09 -13.60
CA LYS A 20 -15.53 -4.97 -12.81
C LYS A 20 -15.74 -4.42 -11.41
N ILE A 21 -16.73 -4.98 -10.72
CA ILE A 21 -17.08 -4.60 -9.37
C ILE A 21 -16.07 -5.10 -8.35
N ASP A 22 -15.40 -6.20 -8.70
CA ASP A 22 -14.27 -6.82 -8.04
C ASP A 22 -14.32 -6.65 -6.52
N ASP A 23 -15.25 -7.38 -5.89
CA ASP A 23 -15.75 -7.01 -4.56
C ASP A 23 -14.67 -7.16 -3.48
N PRO A 24 -14.05 -6.06 -3.02
CA PRO A 24 -12.71 -6.11 -2.44
C PRO A 24 -12.76 -6.33 -0.93
N THR A 25 -13.86 -5.92 -0.29
CA THR A 25 -14.19 -6.26 1.08
C THR A 25 -14.02 -7.77 1.33
N ASP A 26 -14.42 -8.58 0.35
CA ASP A 26 -14.43 -10.03 0.43
C ASP A 26 -13.13 -10.62 -0.10
N SER A 27 -12.17 -9.80 -0.52
CA SER A 27 -11.00 -10.17 -1.31
C SER A 27 -10.00 -9.00 -1.40
N LYS A 28 -9.34 -8.67 -0.29
CA LYS A 28 -8.37 -7.57 -0.17
C LYS A 28 -9.03 -6.18 -0.36
N PRO A 29 -9.45 -5.51 0.73
CA PRO A 29 -9.93 -4.14 0.67
C PRO A 29 -8.76 -3.19 0.38
N GLU A 30 -9.10 -1.93 0.06
CA GLU A 30 -8.16 -0.81 -0.18
C GLU A 30 -7.48 -0.33 1.13
N ASP A 31 -7.29 -1.24 2.08
CA ASP A 31 -6.53 -1.02 3.30
C ASP A 31 -5.48 -2.11 3.50
N TRP A 32 -5.62 -3.29 2.87
CA TRP A 32 -4.67 -4.39 3.00
C TRP A 32 -3.44 -4.16 2.12
N ASP A 33 -3.68 -3.58 0.95
CA ASP A 33 -2.78 -3.22 -0.13
C ASP A 33 -1.86 -2.06 0.28
N LYS A 34 -1.16 -2.23 1.40
CA LYS A 34 -0.20 -1.25 1.86
C LYS A 34 0.91 -1.15 0.80
N PRO A 35 1.28 0.07 0.40
CA PRO A 35 2.18 0.31 -0.73
C PRO A 35 3.54 -0.35 -0.49
N GLU A 36 4.17 -0.83 -1.56
CA GLU A 36 5.32 -1.73 -1.45
C GLU A 36 6.55 -0.91 -1.06
N HIS A 37 6.95 0.05 -1.89
CA HIS A 37 8.01 0.99 -1.56
C HIS A 37 7.37 2.23 -0.98
N ILE A 38 7.71 2.56 0.27
CA ILE A 38 7.31 3.79 0.93
C ILE A 38 8.55 4.52 1.44
N PRO A 39 8.53 5.85 1.60
CA PRO A 39 9.68 6.57 2.09
C PRO A 39 9.92 6.22 3.56
N ASP A 40 11.17 6.21 4.00
CA ASP A 40 11.57 5.94 5.37
C ASP A 40 10.99 7.02 6.30
N PRO A 41 10.06 6.69 7.22
CA PRO A 41 9.48 7.66 8.13
C PRO A 41 10.39 7.90 9.33
N ASP A 42 11.40 7.06 9.58
CA ASP A 42 12.33 7.23 10.68
C ASP A 42 13.14 8.48 10.39
N ALA A 43 13.71 8.52 9.18
CA ALA A 43 14.39 9.68 8.70
C ALA A 43 13.38 10.78 8.39
N LYS A 44 13.69 12.02 8.77
CA LYS A 44 12.75 13.13 8.60
C LYS A 44 13.46 14.42 8.24
N LYS A 45 14.56 14.32 7.47
CA LYS A 45 15.62 15.25 7.22
C LYS A 45 16.36 15.52 8.53
N PRO A 46 17.67 15.29 8.59
CA PRO A 46 18.47 15.61 9.76
C PRO A 46 18.39 17.10 10.03
N GLU A 47 18.44 17.52 11.30
CA GLU A 47 18.64 18.93 11.64
C GLU A 47 20.04 19.40 11.16
N ASP A 48 20.92 18.44 10.94
CA ASP A 48 22.29 18.50 10.45
C ASP A 48 22.36 18.41 8.92
N TRP A 49 21.23 18.50 8.20
CA TRP A 49 21.19 18.61 6.74
C TRP A 49 21.44 20.05 6.28
N ASP A 50 21.80 20.20 5.00
CA ASP A 50 21.89 21.48 4.30
C ASP A 50 21.57 21.31 2.83
N GLU A 51 20.43 21.84 2.43
CA GLU A 51 19.94 21.72 1.07
C GLU A 51 20.65 22.67 0.09
N GLU A 52 21.29 23.73 0.60
CA GLU A 52 22.13 24.58 -0.23
C GLU A 52 23.46 23.86 -0.48
N MET A 53 23.83 22.88 0.35
CA MET A 53 25.03 22.08 0.22
C MET A 53 24.80 20.84 -0.63
N ASP A 54 23.79 20.02 -0.29
CA ASP A 54 23.62 18.67 -0.86
C ASP A 54 22.34 18.53 -1.70
N GLY A 55 21.53 19.58 -1.75
CA GLY A 55 20.22 19.57 -2.40
C GLY A 55 19.11 19.21 -1.40
N GLU A 56 17.84 19.39 -1.77
CA GLU A 56 16.72 19.06 -0.90
C GLU A 56 16.83 17.60 -0.44
N TRP A 57 16.47 17.36 0.82
CA TRP A 57 16.55 16.05 1.44
C TRP A 57 15.56 15.08 0.79
N GLU A 58 15.98 13.82 0.64
CA GLU A 58 15.26 12.77 -0.07
C GLU A 58 15.41 11.47 0.72
N PRO A 59 14.34 10.96 1.33
CA PRO A 59 14.37 9.69 2.03
C PRO A 59 14.71 8.53 1.08
N PRO A 60 15.38 7.47 1.57
CA PRO A 60 15.31 6.17 0.93
C PRO A 60 13.85 5.69 0.90
N VAL A 61 13.53 4.84 -0.08
CA VAL A 61 12.22 4.22 -0.20
C VAL A 61 12.42 2.76 0.16
N ILE A 62 11.90 2.35 1.30
CA ILE A 62 12.13 1.04 1.87
C ILE A 62 10.91 0.17 1.56
N GLN A 63 11.06 -1.16 1.57
CA GLN A 63 10.01 -2.07 1.12
C GLN A 63 9.03 -2.39 2.26
N ASN A 64 8.36 -1.35 2.77
CA ASN A 64 7.48 -1.26 3.94
C ASN A 64 8.11 -1.85 5.23
N PRO A 65 7.50 -1.72 6.43
CA PRO A 65 8.01 -2.41 7.63
C PRO A 65 7.52 -3.86 7.70
N GLU A 66 6.46 -4.19 6.95
CA GLU A 66 5.65 -5.39 7.16
C GLU A 66 5.32 -6.13 5.85
N TYR A 67 5.45 -5.47 4.69
CA TYR A 67 4.61 -5.63 3.49
C TYR A 67 3.93 -7.01 3.43
N LYS A 68 2.64 -7.05 3.82
CA LYS A 68 1.87 -8.29 3.84
C LYS A 68 1.82 -8.89 2.45
N GLY A 69 1.62 -8.01 1.48
CA GLY A 69 1.62 -8.32 0.07
C GLY A 69 0.40 -9.12 -0.30
N GLU A 70 0.55 -10.44 -0.33
CA GLU A 70 -0.50 -11.29 -0.79
C GLU A 70 -1.72 -11.13 0.13
N TRP A 71 -2.94 -11.42 -0.35
CA TRP A 71 -4.12 -11.51 0.51
C TRP A 71 -4.66 -12.93 0.42
N LYS A 72 -5.24 -13.40 1.52
CA LYS A 72 -5.77 -14.74 1.69
C LYS A 72 -6.88 -14.66 2.76
N PRO A 73 -7.91 -15.52 2.69
CA PRO A 73 -9.09 -15.45 3.57
C PRO A 73 -8.85 -16.22 4.88
N ARG A 74 -7.90 -15.79 5.70
CA ARG A 74 -7.77 -16.15 7.10
C ARG A 74 -6.80 -15.13 7.65
N SER A 1 -22.80 -16.75 8.67
CA SER A 1 -22.15 -17.41 7.54
C SER A 1 -21.72 -16.36 6.51
N LYS A 2 -20.41 -16.26 6.23
CA LYS A 2 -19.75 -15.35 5.27
C LYS A 2 -20.55 -14.09 4.97
N LYS A 3 -21.33 -14.10 3.90
CA LYS A 3 -22.26 -13.05 3.51
C LYS A 3 -23.63 -13.66 3.24
N ILE A 4 -24.67 -12.88 3.47
CA ILE A 4 -26.06 -13.19 3.20
C ILE A 4 -26.43 -12.08 2.23
N LYS A 5 -26.11 -12.36 0.97
CA LYS A 5 -26.28 -11.54 -0.21
C LYS A 5 -27.42 -12.14 -1.02
N ASP A 6 -28.65 -11.75 -0.75
CA ASP A 6 -29.85 -12.28 -1.37
C ASP A 6 -30.87 -11.15 -1.49
N PRO A 7 -31.35 -10.80 -2.69
CA PRO A 7 -32.35 -9.74 -2.89
C PRO A 7 -33.78 -10.17 -2.57
N ASP A 8 -34.03 -11.45 -2.24
CA ASP A 8 -35.35 -12.09 -2.19
C ASP A 8 -36.15 -11.89 -3.50
N ALA A 9 -35.43 -11.70 -4.60
CA ALA A 9 -35.90 -11.25 -5.90
C ALA A 9 -36.68 -9.91 -5.89
N ALA A 10 -36.64 -9.18 -4.79
CA ALA A 10 -36.99 -7.76 -4.77
C ALA A 10 -35.88 -6.94 -5.46
N LYS A 11 -36.11 -5.62 -5.49
CA LYS A 11 -35.51 -4.49 -6.17
C LYS A 11 -36.24 -4.27 -7.49
N PRO A 12 -36.35 -3.02 -7.96
CA PRO A 12 -36.95 -2.72 -9.25
C PRO A 12 -35.94 -3.03 -10.37
N GLU A 13 -35.30 -4.21 -10.31
CA GLU A 13 -34.23 -4.75 -11.16
C GLU A 13 -32.93 -3.97 -11.18
N ASP A 14 -32.94 -2.79 -10.59
CA ASP A 14 -32.36 -1.64 -11.27
C ASP A 14 -30.88 -1.65 -10.97
N TRP A 15 -30.63 -1.68 -9.67
CA TRP A 15 -29.34 -1.78 -9.07
C TRP A 15 -28.78 -3.19 -9.14
N ASP A 16 -29.65 -4.19 -9.31
CA ASP A 16 -29.35 -5.60 -9.24
C ASP A 16 -28.62 -5.97 -7.94
N GLU A 17 -28.78 -5.13 -6.91
CA GLU A 17 -28.05 -5.06 -5.64
C GLU A 17 -26.51 -4.99 -5.83
N ARG A 18 -26.01 -4.91 -7.06
CA ARG A 18 -24.58 -4.87 -7.39
C ARG A 18 -24.12 -3.53 -7.94
N ALA A 19 -25.04 -2.59 -8.01
CA ALA A 19 -24.79 -1.19 -8.27
C ALA A 19 -24.67 -0.48 -6.92
N LYS A 20 -23.64 -0.83 -6.17
CA LYS A 20 -23.13 -0.08 -5.04
C LYS A 20 -21.62 -0.12 -5.21
N ILE A 21 -20.97 0.98 -4.85
CA ILE A 21 -19.54 1.14 -4.85
C ILE A 21 -19.03 1.32 -3.41
N ASP A 22 -19.96 1.21 -2.45
CA ASP A 22 -19.78 1.41 -1.04
C ASP A 22 -19.19 0.12 -0.47
N ASP A 23 -17.92 -0.06 -0.76
CA ASP A 23 -17.14 -1.28 -0.56
C ASP A 23 -15.67 -0.91 -0.77
N PRO A 24 -14.71 -1.74 -0.33
CA PRO A 24 -13.32 -1.61 -0.75
C PRO A 24 -13.25 -2.07 -2.21
N THR A 25 -13.24 -3.39 -2.41
CA THR A 25 -13.41 -4.11 -3.68
C THR A 25 -13.68 -5.58 -3.31
N ASP A 26 -14.43 -5.78 -2.22
CA ASP A 26 -14.68 -7.02 -1.48
C ASP A 26 -13.43 -7.91 -1.26
N SER A 27 -12.24 -7.31 -1.33
CA SER A 27 -10.95 -7.96 -1.30
C SER A 27 -9.85 -6.92 -1.08
N LYS A 28 -9.83 -6.30 0.10
CA LYS A 28 -8.82 -5.35 0.58
C LYS A 28 -9.00 -3.94 0.01
N PRO A 29 -8.88 -2.89 0.83
CA PRO A 29 -8.82 -1.51 0.36
C PRO A 29 -7.41 -1.18 -0.13
N GLU A 30 -7.23 -0.06 -0.84
CA GLU A 30 -5.91 0.36 -1.31
C GLU A 30 -4.97 0.74 -0.15
N ASP A 31 -5.52 0.78 1.06
CA ASP A 31 -4.85 1.13 2.30
C ASP A 31 -4.40 -0.10 3.10
N TRP A 32 -4.84 -1.31 2.71
CA TRP A 32 -4.14 -2.55 3.06
C TRP A 32 -3.00 -2.76 2.09
N ASP A 33 -3.16 -2.37 0.82
CA ASP A 33 -2.20 -2.66 -0.25
C ASP A 33 -0.96 -1.78 -0.15
N LYS A 34 -0.18 -2.00 0.90
CA LYS A 34 1.05 -1.27 1.11
C LYS A 34 1.99 -1.60 -0.02
N PRO A 35 2.75 -0.63 -0.53
CA PRO A 35 3.85 -0.93 -1.40
C PRO A 35 4.90 -1.67 -0.58
N GLU A 36 5.72 -2.40 -1.30
CA GLU A 36 7.03 -2.82 -0.83
C GLU A 36 7.84 -1.55 -0.62
N HIS A 37 8.18 -0.79 -1.67
CA HIS A 37 8.98 0.41 -1.49
C HIS A 37 8.16 1.47 -0.73
N ILE A 38 8.40 1.62 0.57
CA ILE A 38 7.86 2.71 1.39
C ILE A 38 8.98 3.70 1.71
N PRO A 39 8.67 4.98 2.00
CA PRO A 39 9.67 5.90 2.50
C PRO A 39 10.10 5.40 3.87
N ASP A 40 11.41 5.27 4.07
CA ASP A 40 12.09 4.93 5.31
C ASP A 40 11.50 5.76 6.44
N PRO A 41 10.70 5.19 7.35
CA PRO A 41 9.93 5.97 8.30
C PRO A 41 10.81 6.57 9.40
N ASP A 42 12.04 6.09 9.53
CA ASP A 42 13.02 6.42 10.56
C ASP A 42 13.76 7.71 10.18
N ALA A 43 14.12 7.82 8.89
CA ALA A 43 14.76 9.00 8.32
C ALA A 43 13.71 10.09 8.14
N LYS A 44 13.98 11.35 8.50
CA LYS A 44 12.96 12.41 8.52
C LYS A 44 13.51 13.82 8.27
N LYS A 45 14.55 13.92 7.44
CA LYS A 45 15.43 15.05 7.25
C LYS A 45 16.19 15.34 8.54
N PRO A 46 17.52 15.18 8.55
CA PRO A 46 18.32 15.55 9.69
C PRO A 46 18.11 17.04 10.00
N GLU A 47 18.13 17.42 11.28
CA GLU A 47 18.20 18.84 11.65
C GLU A 47 19.53 19.46 11.19
N ASP A 48 20.49 18.58 10.88
CA ASP A 48 21.83 18.73 10.29
C ASP A 48 21.81 18.81 8.74
N TRP A 49 20.63 18.74 8.10
CA TRP A 49 20.51 18.90 6.65
C TRP A 49 20.63 20.37 6.23
N ASP A 50 20.90 20.62 4.94
CA ASP A 50 20.97 21.95 4.35
C ASP A 50 20.32 21.91 2.95
N GLU A 51 19.12 22.50 2.85
CA GLU A 51 18.30 22.55 1.65
C GLU A 51 18.69 23.67 0.68
N GLU A 52 19.71 24.45 0.99
CA GLU A 52 20.38 25.32 0.02
C GLU A 52 21.65 24.67 -0.53
N MET A 53 22.21 23.70 0.20
CA MET A 53 23.49 23.09 -0.16
C MET A 53 23.26 21.93 -1.12
N ASP A 54 22.49 20.94 -0.65
CA ASP A 54 22.17 19.73 -1.39
C ASP A 54 20.88 19.98 -2.17
N GLY A 55 19.95 20.70 -1.54
CA GLY A 55 18.58 20.82 -2.01
C GLY A 55 17.70 19.91 -1.16
N GLU A 56 16.54 19.55 -1.69
CA GLU A 56 15.52 18.87 -0.93
C GLU A 56 15.96 17.46 -0.53
N TRP A 57 15.73 17.14 0.73
CA TRP A 57 15.90 15.83 1.30
C TRP A 57 14.79 14.90 0.80
N GLU A 58 15.12 13.65 0.50
CA GLU A 58 14.15 12.60 0.22
C GLU A 58 14.58 11.32 0.97
N PRO A 59 13.68 10.68 1.72
CA PRO A 59 14.00 9.44 2.43
C PRO A 59 14.39 8.36 1.43
N PRO A 60 15.27 7.41 1.80
CA PRO A 60 15.47 6.22 1.01
C PRO A 60 14.17 5.40 1.04
N VAL A 61 14.02 4.47 0.10
CA VAL A 61 12.80 3.72 -0.04
C VAL A 61 13.14 2.27 0.22
N ILE A 62 12.60 1.71 1.29
CA ILE A 62 12.98 0.39 1.81
C ILE A 62 11.84 -0.58 1.51
N GLN A 63 12.14 -1.87 1.50
CA GLN A 63 11.11 -2.90 1.38
C GLN A 63 10.38 -2.93 2.73
N ASN A 64 9.12 -2.51 2.72
CA ASN A 64 8.23 -2.41 3.85
C ASN A 64 8.19 -3.70 4.65
N PRO A 65 8.71 -3.76 5.88
CA PRO A 65 8.82 -5.03 6.59
C PRO A 65 7.44 -5.66 6.81
N GLU A 66 6.38 -4.84 6.92
CA GLU A 66 5.05 -5.33 7.23
C GLU A 66 4.17 -5.66 6.01
N TYR A 67 4.35 -5.06 4.81
CA TYR A 67 3.89 -5.57 3.48
C TYR A 67 2.75 -6.58 3.62
N LYS A 68 1.47 -6.17 3.66
CA LYS A 68 0.43 -7.15 4.03
C LYS A 68 0.20 -8.18 2.94
N GLY A 69 0.52 -7.81 1.70
CA GLY A 69 0.49 -8.67 0.54
C GLY A 69 -0.84 -9.36 0.43
N GLU A 70 -0.77 -10.68 0.40
CA GLU A 70 -1.88 -11.55 0.11
C GLU A 70 -3.03 -11.27 1.08
N TRP A 71 -4.05 -10.56 0.59
CA TRP A 71 -5.25 -10.31 1.37
C TRP A 71 -6.07 -11.58 1.46
N LYS A 72 -6.81 -11.68 2.56
CA LYS A 72 -7.70 -12.77 2.89
C LYS A 72 -8.81 -12.13 3.75
N PRO A 73 -10.05 -12.62 3.77
CA PRO A 73 -11.15 -12.00 4.51
C PRO A 73 -11.09 -12.39 6.00
N ARG A 74 -9.91 -12.36 6.61
CA ARG A 74 -9.62 -12.91 7.92
C ARG A 74 -8.39 -12.22 8.47
#